data_8ADK
#
_entry.id   8ADK
#
_cell.length_a   93.433
_cell.length_b   115.622
_cell.length_c   122.913
_cell.angle_alpha   90.000
_cell.angle_beta   112.214
_cell.angle_gamma   90.000
#
_symmetry.space_group_name_H-M   'P 1 21 1'
#
loop_
_entity.id
_entity.type
_entity.pdbx_description
1 polymer 'Poly(ADP-ribose) glycohydrolase'
2 non-polymer GLYCEROL
3 non-polymer 'SULFATE ION'
4 non-polymer 'CHLORIDE ION'
5 water water
#
_entity_poly.entity_id   1
_entity_poly.type   'polypeptide(L)'
_entity_poly.pdbx_seq_one_letter_code
;MGSSHHHHHHSSGLVPRGSHMSKSPDGGISEIETEEEPENLANSLDDSWRGVSMEAIHRNRQPFELENLPPVTAGNLHRV
MYQLPIRETPPRPYKSPGKWDSEHVRLPCAPESKYPRENPDGSTTIDFRWEMIERALLQPIKTCEELQAAIISYNTTYRD
QWHFRALHQLLDEELDESETRVFFEDLLPRIIRLALRLPDLIQSPVPLLKHHKNASLSLSQQQISCLLANAFLCTFPRRN
TLKRKSEYSTFPDINFNRLYQSTGPAVLEKLKCIMHYFRRVCPTERDASNVPTGVVTFVRRSGLPEHLIDWSQSAAPLGD
VPLHVDAEGTIEDEGIGLLQVDFANKYLGGGVLGHGCVQEEIRFVICPELLVGKLFTECLRPFEALVMLGAERYSNYTGY
AGSFEWSGNFEDSTPRDSSGRRQTAIVAIDALHFAQSHHQYREDLMERELNKAYIGFVHWMVTPPPGVATGNWGCGAFGG
DSYLKALLQLMVCAQLGRPLAYYTFGNVEFRDDFHEMWLLFRNDGTTVQQLWSILRSYSRLIKEKSSKEPRENKASKKKL
YDFIKEELKKVRDVPGEG
;
_entity_poly.pdbx_strand_id   A,B,C
#
loop_
_chem_comp.id
_chem_comp.type
_chem_comp.name
_chem_comp.formula
CL non-polymer 'CHLORIDE ION' 'Cl -1'
GOL non-polymer GLYCEROL 'C3 H8 O3'
SO4 non-polymer 'SULFATE ION' 'O4 S -2'
#
# COMPACT_ATOMS: atom_id res chain seq x y z
N ASP A 46 27.59 -26.73 -40.16
CA ASP A 46 26.38 -25.93 -40.42
C ASP A 46 25.33 -26.06 -39.31
N ASP A 47 25.59 -26.80 -38.20
CA ASP A 47 24.65 -26.95 -37.10
C ASP A 47 24.91 -25.92 -36.00
N SER A 48 23.83 -25.64 -35.22
CA SER A 48 23.82 -24.68 -34.11
C SER A 48 24.58 -25.21 -32.89
N TRP A 49 24.67 -26.54 -32.73
CA TRP A 49 25.19 -27.22 -31.56
C TRP A 49 26.55 -27.91 -31.75
N ARG A 50 27.26 -28.18 -30.65
CA ARG A 50 28.52 -28.92 -30.60
C ARG A 50 28.48 -29.90 -29.43
N GLY A 51 29.38 -30.91 -29.46
CA GLY A 51 29.45 -31.97 -28.47
C GLY A 51 28.54 -33.13 -28.87
N VAL A 52 28.15 -33.97 -27.90
CA VAL A 52 27.08 -34.97 -28.06
C VAL A 52 25.77 -34.36 -28.58
N SER A 53 24.93 -35.17 -29.27
CA SER A 53 23.66 -34.73 -29.85
C SER A 53 22.52 -34.75 -28.82
N MET A 54 21.34 -34.19 -29.20
CA MET A 54 20.20 -34.18 -28.29
C MET A 54 19.69 -35.60 -28.04
N GLU A 55 19.60 -36.44 -29.11
CA GLU A 55 19.18 -37.82 -28.95
C GLU A 55 20.04 -38.49 -27.87
N ALA A 56 21.32 -38.09 -27.83
CA ALA A 56 22.32 -38.68 -26.94
C ALA A 56 22.10 -38.23 -25.50
N ILE A 57 21.78 -36.93 -25.28
CA ILE A 57 21.40 -36.34 -24.00
C ILE A 57 20.24 -37.13 -23.38
N HIS A 58 19.41 -37.71 -24.26
CA HIS A 58 18.27 -38.53 -23.85
C HIS A 58 18.59 -40.04 -23.86
N ARG A 59 19.87 -40.41 -24.00
CA ARG A 59 20.28 -41.83 -24.03
C ARG A 59 19.62 -42.59 -25.21
N ASN A 60 19.27 -41.92 -26.33
CA ASN A 60 18.55 -42.52 -27.45
C ASN A 60 17.23 -43.15 -27.01
N ARG A 61 16.66 -42.61 -25.93
CA ARG A 61 15.31 -42.92 -25.47
C ARG A 61 14.50 -41.64 -25.65
N GLN A 62 13.20 -41.75 -25.92
CA GLN A 62 12.34 -40.59 -26.16
C GLN A 62 12.42 -39.59 -25.01
N PRO A 63 12.33 -38.26 -25.24
CA PRO A 63 12.17 -37.33 -24.12
C PRO A 63 10.98 -37.83 -23.30
N PHE A 64 11.00 -37.50 -21.98
CA PHE A 64 9.91 -37.85 -21.07
C PHE A 64 9.93 -39.32 -20.63
N GLU A 65 10.87 -40.17 -21.09
CA GLU A 65 10.86 -41.53 -20.55
C GLU A 65 11.51 -41.51 -19.15
N LEU A 66 12.53 -40.68 -18.96
CA LEU A 66 13.03 -40.42 -17.61
C LEU A 66 12.29 -39.23 -16.95
N GLU A 67 11.86 -39.47 -15.72
CA GLU A 67 11.13 -38.57 -14.85
C GLU A 67 12.08 -37.94 -13.82
N ASN A 68 11.71 -36.71 -13.38
CA ASN A 68 12.59 -35.86 -12.55
C ASN A 68 12.16 -35.90 -11.08
N LEU A 69 10.98 -36.48 -10.80
CA LEU A 69 10.40 -36.48 -9.46
C LEU A 69 9.57 -37.77 -9.33
N PRO A 70 9.47 -38.41 -8.14
CA PRO A 70 8.58 -39.54 -7.96
C PRO A 70 7.12 -39.12 -8.13
N PRO A 71 6.19 -40.08 -8.31
CA PRO A 71 4.76 -39.75 -8.30
C PRO A 71 4.31 -39.11 -7.00
N VAL A 72 3.24 -38.32 -7.10
CA VAL A 72 2.66 -37.69 -5.94
C VAL A 72 2.07 -38.78 -5.07
N THR A 73 2.51 -38.83 -3.80
CA THR A 73 1.82 -39.59 -2.78
C THR A 73 1.74 -38.70 -1.53
N ALA A 74 0.61 -38.75 -0.81
CA ALA A 74 0.46 -37.98 0.41
C ALA A 74 1.30 -38.64 1.51
N GLY A 75 2.07 -37.84 2.24
CA GLY A 75 2.92 -38.36 3.29
C GLY A 75 3.19 -37.30 4.35
N ASN A 76 3.90 -37.75 5.37
CA ASN A 76 4.48 -36.94 6.42
C ASN A 76 5.28 -35.77 5.79
N LEU A 77 5.97 -35.98 4.63
CA LEU A 77 6.82 -34.99 3.97
C LEU A 77 6.24 -34.49 2.63
N HIS A 78 5.00 -34.85 2.31
CA HIS A 78 4.40 -34.39 1.07
C HIS A 78 2.93 -34.07 1.34
N ARG A 79 2.57 -32.77 1.43
CA ARG A 79 1.17 -32.37 1.57
C ARG A 79 0.52 -32.22 0.18
N VAL A 80 -0.72 -32.71 0.05
CA VAL A 80 -1.44 -32.71 -1.22
C VAL A 80 -2.81 -32.06 -1.03
N MET A 81 -3.13 -31.04 -1.85
CA MET A 81 -4.27 -30.16 -1.56
C MET A 81 -5.56 -30.68 -2.21
N TYR A 82 -5.49 -31.81 -2.91
CA TYR A 82 -6.59 -32.45 -3.62
C TYR A 82 -6.61 -33.94 -3.25
N GLN A 83 -7.72 -34.61 -3.60
CA GLN A 83 -8.02 -36.00 -3.26
C GLN A 83 -7.26 -36.95 -4.18
N LEU A 84 -6.60 -37.91 -3.53
CA LEU A 84 -5.88 -39.00 -4.20
C LEU A 84 -6.65 -40.33 -4.07
N PRO A 85 -6.80 -41.13 -5.15
CA PRO A 85 -6.20 -40.82 -6.45
C PRO A 85 -7.18 -39.88 -7.17
N ILE A 86 -6.71 -39.28 -8.26
CA ILE A 86 -7.50 -38.29 -8.97
C ILE A 86 -8.51 -39.05 -9.83
N ARG A 87 -9.81 -38.83 -9.60
CA ARG A 87 -10.90 -39.42 -10.40
C ARG A 87 -11.48 -38.37 -11.37
N GLU A 88 -12.35 -37.47 -10.86
CA GLU A 88 -12.84 -36.32 -11.62
C GLU A 88 -11.68 -35.37 -11.97
N THR A 89 -11.77 -34.67 -13.11
CA THR A 89 -10.99 -33.45 -13.32
C THR A 89 -11.92 -32.24 -13.44
N PRO A 90 -11.48 -31.04 -12.99
CA PRO A 90 -10.19 -30.88 -12.28
C PRO A 90 -10.19 -31.58 -10.92
N PRO A 91 -9.03 -31.86 -10.31
CA PRO A 91 -8.98 -32.62 -9.06
C PRO A 91 -9.90 -32.10 -7.95
N ARG A 92 -10.48 -32.97 -7.14
CA ARG A 92 -11.40 -32.53 -6.10
C ARG A 92 -10.57 -32.11 -4.88
N PRO A 93 -10.86 -30.94 -4.27
CA PRO A 93 -10.13 -30.48 -3.08
C PRO A 93 -10.18 -31.44 -1.88
N TYR A 94 -9.07 -31.52 -1.15
CA TYR A 94 -8.99 -32.27 0.10
C TYR A 94 -9.46 -31.42 1.28
N LYS A 95 -10.23 -32.02 2.18
CA LYS A 95 -10.89 -31.33 3.29
C LYS A 95 -10.20 -31.75 4.59
N SER A 96 -9.66 -30.78 5.32
CA SER A 96 -9.21 -30.95 6.70
C SER A 96 -9.29 -29.60 7.41
N PRO A 97 -9.26 -29.61 8.76
CA PRO A 97 -9.33 -28.38 9.54
C PRO A 97 -8.28 -27.34 9.13
N GLY A 98 -8.77 -26.12 8.92
CA GLY A 98 -7.90 -25.03 8.51
C GLY A 98 -6.97 -24.59 9.64
N LYS A 99 -5.94 -23.84 9.26
CA LYS A 99 -4.89 -23.46 10.17
C LYS A 99 -4.54 -22.00 9.94
N TRP A 100 -4.55 -21.30 11.08
CA TRP A 100 -4.05 -19.95 11.16
C TRP A 100 -2.97 -19.90 12.22
N ASP A 101 -1.75 -20.05 11.69
CA ASP A 101 -0.58 -20.24 12.51
C ASP A 101 0.67 -19.92 11.68
N SER A 102 1.80 -20.15 12.38
CA SER A 102 3.13 -19.77 11.94
C SER A 102 3.69 -20.81 10.98
N GLU A 103 2.95 -21.90 10.72
CA GLU A 103 3.46 -23.07 9.95
C GLU A 103 2.77 -23.18 8.59
N HIS A 104 1.73 -22.34 8.39
CA HIS A 104 0.83 -22.39 7.24
C HIS A 104 0.51 -20.98 6.76
N VAL A 105 0.15 -20.96 5.48
CA VAL A 105 -0.33 -19.74 4.83
C VAL A 105 -1.53 -19.22 5.61
N ARG A 106 -1.49 -17.89 5.84
CA ARG A 106 -2.63 -17.11 6.30
C ARG A 106 -3.54 -16.78 5.12
N LEU A 107 -4.59 -17.58 5.02
CA LEU A 107 -5.50 -17.54 3.92
C LEU A 107 -6.44 -16.36 4.13
N PRO A 108 -6.77 -15.62 3.05
CA PRO A 108 -7.61 -14.44 3.15
C PRO A 108 -9.02 -14.78 3.69
N CYS A 109 -9.45 -16.06 3.48
CA CYS A 109 -10.80 -16.48 3.81
C CYS A 109 -10.92 -17.04 5.23
N ALA A 110 -9.82 -16.95 6.02
CA ALA A 110 -9.77 -17.61 7.32
C ALA A 110 -10.68 -16.86 8.29
N PRO A 111 -11.58 -17.53 9.03
CA PRO A 111 -12.39 -16.86 10.07
C PRO A 111 -11.62 -16.08 11.15
N GLU A 112 -10.35 -16.42 11.35
CA GLU A 112 -9.45 -15.71 12.26
C GLU A 112 -9.03 -14.34 11.71
N SER A 113 -9.18 -14.12 10.36
CA SER A 113 -8.69 -12.90 9.75
C SER A 113 -9.69 -11.77 10.09
N LYS A 114 -9.33 -10.84 10.99
CA LYS A 114 -10.19 -9.71 11.34
C LYS A 114 -9.60 -8.40 10.81
N TYR A 115 -10.39 -7.35 10.70
CA TYR A 115 -9.89 -6.10 10.13
C TYR A 115 -10.71 -4.98 10.77
N PRO A 116 -10.08 -3.87 11.18
CA PRO A 116 -10.82 -2.63 11.46
C PRO A 116 -11.30 -1.92 10.19
N ARG A 117 -12.54 -1.42 10.23
CA ARG A 117 -13.08 -0.49 9.26
C ARG A 117 -13.41 0.80 10.00
N GLU A 118 -12.90 1.94 9.49
CA GLU A 118 -13.43 3.25 9.85
C GLU A 118 -14.75 3.43 9.08
N ASN A 119 -15.76 4.00 9.72
CA ASN A 119 -17.08 4.17 9.08
C ASN A 119 -17.29 5.65 8.76
N PRO A 120 -18.19 5.98 7.78
CA PRO A 120 -18.81 7.32 7.71
C PRO A 120 -18.73 8.14 9.01
N ASP A 121 -19.32 7.65 10.11
CA ASP A 121 -19.49 8.39 11.38
C ASP A 121 -18.18 8.57 12.18
N GLY A 122 -17.02 8.05 11.70
CA GLY A 122 -15.74 8.21 12.36
C GLY A 122 -15.40 7.10 13.37
N SER A 123 -16.30 6.11 13.58
CA SER A 123 -16.10 5.05 14.58
C SER A 123 -15.42 3.84 13.94
N THR A 124 -14.92 2.93 14.78
CA THR A 124 -14.38 1.64 14.33
C THR A 124 -15.40 0.49 14.47
N THR A 125 -15.45 -0.36 13.45
CA THR A 125 -16.01 -1.70 13.52
C THR A 125 -14.91 -2.70 13.18
N ILE A 126 -14.67 -3.65 14.09
CA ILE A 126 -13.84 -4.81 13.81
C ILE A 126 -14.70 -5.88 13.11
N ASP A 127 -14.28 -6.28 11.91
CA ASP A 127 -15.07 -7.27 11.19
C ASP A 127 -14.15 -8.38 10.65
N PHE A 128 -14.78 -9.42 10.07
CA PHE A 128 -14.12 -10.47 9.30
C PHE A 128 -13.68 -9.95 7.94
N ARG A 129 -12.37 -9.97 7.72
CA ARG A 129 -11.71 -9.36 6.57
C ARG A 129 -12.20 -10.01 5.28
N TRP A 130 -12.48 -11.31 5.30
CA TRP A 130 -12.93 -12.01 4.10
C TRP A 130 -14.30 -11.47 3.66
N GLU A 131 -15.19 -11.24 4.66
CA GLU A 131 -16.50 -10.65 4.41
C GLU A 131 -16.38 -9.22 3.86
N MET A 132 -15.35 -8.46 4.30
CA MET A 132 -15.07 -7.12 3.78
C MET A 132 -14.60 -7.22 2.32
N ILE A 133 -13.77 -8.23 2.05
CA ILE A 133 -13.21 -8.46 0.73
C ILE A 133 -14.36 -8.75 -0.24
N GLU A 134 -15.29 -9.64 0.13
CA GLU A 134 -16.43 -10.00 -0.71
C GLU A 134 -17.22 -8.73 -1.01
N ARG A 135 -17.63 -7.98 0.02
CA ARG A 135 -18.42 -6.78 -0.13
C ARG A 135 -17.74 -5.78 -1.09
N ALA A 136 -16.42 -5.57 -0.94
CA ALA A 136 -15.67 -4.65 -1.79
C ALA A 136 -15.69 -5.07 -3.26
N LEU A 137 -15.46 -6.37 -3.48
CA LEU A 137 -15.18 -6.90 -4.80
C LEU A 137 -16.48 -7.23 -5.55
N LEU A 138 -17.62 -7.23 -4.85
CA LEU A 138 -18.92 -7.45 -5.50
C LEU A 138 -19.67 -6.11 -5.70
N GLN A 139 -19.20 -4.96 -5.19
CA GLN A 139 -19.58 -3.69 -5.79
C GLN A 139 -19.21 -3.70 -7.29
N PRO A 140 -19.94 -3.00 -8.19
CA PRO A 140 -19.48 -2.84 -9.58
C PRO A 140 -18.17 -2.04 -9.66
N ILE A 141 -17.29 -2.47 -10.56
CA ILE A 141 -15.98 -1.86 -10.73
C ILE A 141 -15.78 -1.64 -12.22
N LYS A 142 -15.67 -0.37 -12.65
CA LYS A 142 -15.88 -0.02 -14.06
C LYS A 142 -14.62 0.71 -14.58
N THR A 143 -13.74 1.10 -13.66
CA THR A 143 -12.51 1.82 -13.99
C THR A 143 -11.34 1.36 -13.09
N CYS A 144 -10.14 1.72 -13.53
CA CYS A 144 -8.93 1.44 -12.79
C CYS A 144 -8.89 2.10 -11.40
N GLU A 145 -9.42 3.33 -11.26
CA GLU A 145 -9.46 3.99 -9.95
C GLU A 145 -10.37 3.24 -8.97
N GLU A 146 -11.54 2.75 -9.43
CA GLU A 146 -12.40 1.97 -8.56
C GLU A 146 -11.83 0.60 -8.18
N LEU A 147 -11.12 -0.05 -9.13
CA LEU A 147 -10.44 -1.28 -8.80
C LEU A 147 -9.43 -1.05 -7.66
N GLN A 148 -8.58 -0.03 -7.82
CA GLN A 148 -7.64 0.30 -6.78
C GLN A 148 -8.33 0.62 -5.46
N ALA A 149 -9.40 1.39 -5.49
CA ALA A 149 -10.10 1.78 -4.26
C ALA A 149 -10.70 0.55 -3.56
N ALA A 150 -11.23 -0.40 -4.34
CA ALA A 150 -11.76 -1.66 -3.81
C ALA A 150 -10.68 -2.47 -3.08
N ILE A 151 -9.52 -2.63 -3.77
CA ILE A 151 -8.38 -3.34 -3.20
C ILE A 151 -7.84 -2.64 -1.94
N ILE A 152 -7.75 -1.30 -1.97
CA ILE A 152 -7.28 -0.51 -0.86
C ILE A 152 -8.26 -0.60 0.32
N SER A 153 -9.54 -0.86 0.03
CA SER A 153 -10.54 -0.83 1.10
C SER A 153 -10.27 -1.94 2.14
N TYR A 154 -9.52 -3.01 1.77
CA TYR A 154 -9.10 -4.03 2.72
C TYR A 154 -7.58 -4.02 2.95
N ASN A 155 -6.95 -2.90 2.58
CA ASN A 155 -5.53 -2.67 2.71
C ASN A 155 -5.29 -1.21 3.09
N THR A 156 -6.07 -0.66 4.02
CA THR A 156 -6.22 0.80 4.15
C THR A 156 -4.94 1.47 4.68
N THR A 157 -4.11 0.68 5.39
CA THR A 157 -2.77 1.05 5.80
C THR A 157 -1.92 1.58 4.65
N TYR A 158 -2.21 1.12 3.42
CA TYR A 158 -1.39 1.37 2.25
C TYR A 158 -2.11 2.36 1.31
N ARG A 159 -3.20 2.98 1.77
CA ARG A 159 -3.92 3.99 1.00
C ARG A 159 -2.98 4.97 0.25
N ASP A 160 -2.02 5.55 0.95
CA ASP A 160 -1.25 6.63 0.33
C ASP A 160 0.14 6.17 -0.07
N GLN A 161 0.41 4.86 0.02
CA GLN A 161 1.71 4.31 -0.33
C GLN A 161 1.57 3.59 -1.69
N TRP A 162 0.42 2.94 -1.96
CA TRP A 162 0.24 2.16 -3.16
C TRP A 162 -0.36 2.99 -4.29
N HIS A 163 0.25 2.93 -5.47
CA HIS A 163 -0.43 3.53 -6.62
C HIS A 163 -0.20 2.58 -7.80
N PHE A 164 -1.30 2.12 -8.43
CA PHE A 164 -1.25 1.00 -9.38
C PHE A 164 -1.00 1.52 -10.78
N ARG A 165 0.10 2.24 -10.95
CA ARG A 165 0.44 3.02 -12.12
C ARG A 165 0.59 2.14 -13.34
N ALA A 166 1.06 0.89 -13.20
CA ALA A 166 1.24 0.03 -14.38
C ALA A 166 -0.12 -0.45 -14.88
N LEU A 167 -1.06 -0.57 -13.95
CA LEU A 167 -2.41 -0.96 -14.28
C LEU A 167 -3.15 0.23 -14.93
N HIS A 168 -3.01 1.44 -14.36
CA HIS A 168 -3.49 2.65 -15.03
C HIS A 168 -2.85 2.76 -16.43
N GLN A 169 -1.58 2.42 -16.60
CA GLN A 169 -0.93 2.65 -17.89
C GLN A 169 -1.49 1.64 -18.89
N LEU A 170 -1.67 0.38 -18.47
CA LEU A 170 -2.14 -0.64 -19.38
C LEU A 170 -3.60 -0.36 -19.78
N LEU A 171 -4.47 -0.09 -18.80
CA LEU A 171 -5.88 0.06 -19.07
C LEU A 171 -6.28 1.43 -19.65
N ASP A 172 -5.56 2.52 -19.37
CA ASP A 172 -5.98 3.87 -19.76
C ASP A 172 -5.15 4.32 -20.98
N GLU A 173 -3.94 3.78 -21.19
CA GLU A 173 -3.07 4.29 -22.23
C GLU A 173 -2.71 3.24 -23.29
N GLU A 174 -2.50 1.99 -22.91
CA GLU A 174 -2.08 0.94 -23.82
C GLU A 174 -3.26 0.37 -24.64
N LEU A 175 -4.34 0.03 -23.94
CA LEU A 175 -5.51 -0.58 -24.56
C LEU A 175 -6.46 0.49 -25.10
N ASP A 176 -7.17 0.12 -26.19
CA ASP A 176 -8.18 0.99 -26.78
C ASP A 176 -9.44 0.88 -25.93
N GLU A 177 -10.39 1.80 -26.14
CA GLU A 177 -11.55 1.89 -25.24
C GLU A 177 -12.24 0.54 -25.10
N SER A 178 -12.16 -0.26 -26.15
CA SER A 178 -13.00 -1.44 -26.29
C SER A 178 -12.33 -2.63 -25.58
N GLU A 179 -11.00 -2.66 -25.56
CA GLU A 179 -10.29 -3.71 -24.86
C GLU A 179 -10.33 -3.49 -23.35
N THR A 180 -10.41 -2.21 -22.95
CA THR A 180 -10.55 -1.82 -21.55
C THR A 180 -11.95 -2.14 -21.03
N ARG A 181 -12.96 -1.95 -21.86
CA ARG A 181 -14.33 -2.30 -21.55
C ARG A 181 -14.39 -3.81 -21.41
N VAL A 182 -13.64 -4.56 -22.22
CA VAL A 182 -13.62 -6.03 -22.10
C VAL A 182 -12.95 -6.47 -20.79
N PHE A 183 -11.87 -5.82 -20.38
CA PHE A 183 -11.27 -6.10 -19.09
C PHE A 183 -12.30 -5.91 -17.97
N PHE A 184 -13.08 -4.84 -17.94
CA PHE A 184 -14.01 -4.63 -16.84
C PHE A 184 -15.33 -5.40 -16.98
N GLU A 185 -15.74 -5.77 -18.20
CA GLU A 185 -17.01 -6.48 -18.39
C GLU A 185 -16.78 -7.99 -18.39
N ASP A 186 -15.60 -8.44 -18.83
CA ASP A 186 -15.32 -9.87 -18.93
C ASP A 186 -14.26 -10.33 -17.89
N LEU A 187 -13.00 -9.87 -18.01
CA LEU A 187 -11.87 -10.49 -17.35
C LEU A 187 -11.90 -10.28 -15.83
N LEU A 188 -11.97 -9.02 -15.43
CA LEU A 188 -11.92 -8.72 -14.01
C LEU A 188 -13.05 -9.45 -13.27
N PRO A 189 -14.31 -9.46 -13.75
CA PRO A 189 -15.35 -10.25 -13.09
C PRO A 189 -15.00 -11.73 -12.91
N ARG A 190 -14.29 -12.29 -13.90
CA ARG A 190 -13.88 -13.68 -13.87
C ARG A 190 -12.81 -13.92 -12.77
N ILE A 191 -11.87 -12.95 -12.65
CA ILE A 191 -10.78 -13.02 -11.70
C ILE A 191 -11.40 -12.92 -10.31
N ILE A 192 -12.44 -12.08 -10.15
CA ILE A 192 -13.03 -11.87 -8.84
C ILE A 192 -13.79 -13.12 -8.42
N ARG A 193 -14.55 -13.70 -9.37
CA ARG A 193 -15.38 -14.85 -9.07
C ARG A 193 -14.48 -15.99 -8.69
N LEU A 194 -13.35 -16.12 -9.40
CA LEU A 194 -12.38 -17.19 -9.09
C LEU A 194 -11.74 -16.97 -7.71
N ALA A 195 -11.26 -15.73 -7.44
CA ALA A 195 -10.68 -15.45 -6.13
C ALA A 195 -11.66 -15.80 -5.01
N LEU A 196 -12.94 -15.45 -5.19
CA LEU A 196 -13.91 -15.62 -4.12
C LEU A 196 -14.30 -17.09 -3.91
N ARG A 197 -13.88 -18.00 -4.81
CA ARG A 197 -14.13 -19.42 -4.60
C ARG A 197 -13.03 -20.10 -3.80
N LEU A 198 -12.12 -19.34 -3.18
CA LEU A 198 -11.01 -19.86 -2.40
C LEU A 198 -11.49 -20.84 -1.33
N PRO A 199 -12.54 -20.56 -0.52
CA PRO A 199 -12.95 -21.50 0.53
C PRO A 199 -13.58 -22.79 -0.01
N ASP A 200 -14.03 -22.79 -1.28
CA ASP A 200 -14.47 -23.98 -2.02
C ASP A 200 -13.28 -24.75 -2.61
N LEU A 201 -12.19 -24.07 -3.03
CA LEU A 201 -11.09 -24.69 -3.80
C LEU A 201 -9.89 -25.09 -2.93
N ILE A 202 -9.71 -24.38 -1.81
CA ILE A 202 -8.73 -24.68 -0.80
C ILE A 202 -9.49 -24.98 0.49
N GLN A 203 -9.54 -26.27 0.86
CA GLN A 203 -10.34 -26.73 2.00
C GLN A 203 -9.51 -27.54 2.98
N SER A 204 -8.20 -27.38 2.83
CA SER A 204 -7.19 -27.92 3.73
C SER A 204 -6.15 -26.82 3.92
N PRO A 205 -5.35 -26.82 5.00
CA PRO A 205 -4.31 -25.80 5.20
C PRO A 205 -3.24 -25.88 4.12
N VAL A 206 -2.68 -24.73 3.75
CA VAL A 206 -1.55 -24.68 2.85
C VAL A 206 -0.28 -24.47 3.68
N PRO A 207 0.60 -25.50 3.71
CA PRO A 207 1.81 -25.43 4.52
C PRO A 207 2.85 -24.52 3.89
N LEU A 208 3.66 -23.89 4.78
CA LEU A 208 4.82 -23.18 4.30
C LEU A 208 5.93 -24.19 4.09
N LEU A 209 6.79 -23.99 3.10
CA LEU A 209 7.98 -24.80 2.92
C LEU A 209 9.15 -24.01 3.51
N LYS A 210 9.41 -24.20 4.79
CA LYS A 210 10.50 -23.53 5.47
C LYS A 210 11.86 -24.18 5.24
N HIS A 211 12.85 -23.34 5.56
CA HIS A 211 14.27 -23.60 5.79
C HIS A 211 14.47 -24.98 6.38
N HIS A 212 15.33 -25.76 5.72
CA HIS A 212 16.06 -26.86 6.32
C HIS A 212 15.13 -28.05 6.48
N LYS A 213 14.03 -28.05 5.71
CA LYS A 213 13.04 -29.11 5.78
C LYS A 213 12.78 -29.56 4.36
N ASN A 214 13.15 -30.83 4.09
CA ASN A 214 12.84 -31.47 2.83
C ASN A 214 11.35 -31.79 2.79
N ALA A 215 10.61 -31.06 1.94
CA ALA A 215 9.17 -31.27 1.87
C ALA A 215 8.62 -30.96 0.49
N SER A 216 7.47 -31.53 0.16
CA SER A 216 6.78 -31.33 -1.09
C SER A 216 5.37 -30.79 -0.82
N LEU A 217 4.89 -29.98 -1.76
CA LEU A 217 3.48 -29.60 -1.77
C LEU A 217 2.98 -29.74 -3.20
N SER A 218 1.81 -30.37 -3.34
CA SER A 218 1.15 -30.52 -4.63
C SER A 218 -0.25 -29.91 -4.57
N LEU A 219 -0.58 -29.15 -5.62
CA LEU A 219 -1.87 -28.45 -5.75
C LEU A 219 -2.34 -28.65 -7.19
N SER A 220 -3.66 -28.51 -7.37
CA SER A 220 -4.17 -28.54 -8.73
C SER A 220 -3.85 -27.21 -9.38
N GLN A 221 -3.66 -27.20 -10.69
CA GLN A 221 -3.58 -25.98 -11.46
C GLN A 221 -4.75 -25.05 -11.20
N GLN A 222 -5.93 -25.66 -11.00
CA GLN A 222 -7.16 -24.93 -10.67
C GLN A 222 -6.99 -24.21 -9.32
N GLN A 223 -6.64 -24.96 -8.26
CA GLN A 223 -6.32 -24.37 -6.97
C GLN A 223 -5.33 -23.20 -7.09
N ILE A 224 -4.30 -23.35 -7.92
CA ILE A 224 -3.31 -22.28 -8.08
C ILE A 224 -3.92 -21.04 -8.72
N SER A 225 -4.78 -21.21 -9.74
CA SER A 225 -5.46 -20.10 -10.39
C SER A 225 -6.24 -19.25 -9.37
N CYS A 226 -6.86 -19.94 -8.43
CA CYS A 226 -7.63 -19.29 -7.37
C CYS A 226 -6.70 -18.50 -6.44
N LEU A 227 -5.62 -19.17 -5.96
CA LEU A 227 -4.63 -18.47 -5.11
C LEU A 227 -4.07 -17.23 -5.84
N LEU A 228 -3.83 -17.35 -7.14
CA LEU A 228 -3.21 -16.28 -7.89
C LEU A 228 -4.23 -15.17 -8.14
N ALA A 229 -5.50 -15.53 -8.31
CA ALA A 229 -6.53 -14.50 -8.50
C ALA A 229 -6.60 -13.68 -7.22
N ASN A 230 -6.47 -14.35 -6.04
CA ASN A 230 -6.37 -13.67 -4.77
C ASN A 230 -5.16 -12.74 -4.72
N ALA A 231 -4.01 -13.18 -5.18
CA ALA A 231 -2.82 -12.34 -5.20
C ALA A 231 -2.99 -11.12 -6.11
N PHE A 232 -3.60 -11.34 -7.27
CA PHE A 232 -3.87 -10.28 -8.23
C PHE A 232 -4.67 -9.18 -7.52
N LEU A 233 -5.59 -9.59 -6.62
CA LEU A 233 -6.47 -8.69 -5.89
C LEU A 233 -5.90 -8.34 -4.51
N CYS A 234 -4.60 -8.67 -4.31
CA CYS A 234 -3.86 -8.32 -3.12
C CYS A 234 -4.60 -8.70 -1.84
N THR A 235 -5.10 -9.95 -1.78
CA THR A 235 -5.88 -10.35 -0.63
C THR A 235 -5.09 -11.05 0.45
N PHE A 236 -3.82 -11.42 0.21
CA PHE A 236 -3.12 -12.27 1.19
C PHE A 236 -2.75 -11.42 2.38
N PRO A 237 -3.29 -11.77 3.58
CA PRO A 237 -3.04 -11.04 4.82
C PRO A 237 -1.63 -11.22 5.32
N ARG A 238 -1.04 -10.12 5.88
CA ARG A 238 0.21 -10.10 6.63
C ARG A 238 1.44 -10.17 5.71
N ARG A 239 1.20 -10.00 4.41
CA ARG A 239 2.21 -10.24 3.40
C ARG A 239 2.49 -8.94 2.65
N ASN A 240 2.06 -7.79 3.19
CA ASN A 240 2.22 -6.48 2.60
C ASN A 240 3.30 -5.61 3.26
N THR A 241 3.57 -5.81 4.55
CA THR A 241 4.41 -4.88 5.26
C THR A 241 5.83 -4.91 4.68
N LEU A 242 6.42 -3.73 4.55
CA LEU A 242 7.82 -3.54 4.16
C LEU A 242 8.76 -3.44 5.36
N LYS A 243 8.25 -3.48 6.63
CA LYS A 243 9.07 -3.33 7.84
C LYS A 243 10.16 -4.43 7.90
N ARG A 244 11.41 -4.06 8.28
CA ARG A 244 12.58 -4.91 8.07
C ARG A 244 12.44 -6.23 8.83
N LYS A 245 11.94 -6.26 10.09
CA LYS A 245 12.07 -7.53 10.80
C LYS A 245 10.69 -8.09 11.12
N SER A 246 9.93 -8.39 10.05
CA SER A 246 8.52 -8.73 10.06
C SER A 246 8.34 -10.24 9.96
N GLU A 247 7.13 -10.72 10.29
CA GLU A 247 6.78 -12.14 10.34
C GLU A 247 7.24 -12.93 9.09
N TYR A 248 7.03 -12.36 7.91
CA TYR A 248 7.15 -13.04 6.63
C TYR A 248 8.29 -12.39 5.87
N SER A 249 9.26 -11.80 6.56
CA SER A 249 10.31 -11.07 5.83
C SER A 249 11.31 -12.01 5.15
N THR A 250 11.34 -13.31 5.55
CA THR A 250 12.09 -14.33 4.81
C THR A 250 11.31 -15.03 3.70
N PHE A 251 10.09 -14.51 3.39
CA PHE A 251 9.28 -15.07 2.31
C PHE A 251 9.14 -14.05 1.21
N PRO A 252 8.98 -14.49 -0.05
CA PRO A 252 8.76 -13.55 -1.14
C PRO A 252 7.42 -12.84 -1.01
N ASP A 253 7.29 -11.75 -1.79
CA ASP A 253 6.02 -11.07 -1.94
C ASP A 253 5.12 -11.97 -2.79
N ILE A 254 3.81 -11.78 -2.65
CA ILE A 254 2.81 -12.63 -3.30
C ILE A 254 1.68 -11.74 -3.82
N ASN A 255 1.19 -10.76 -2.99
CA ASN A 255 0.24 -9.80 -3.52
C ASN A 255 0.89 -9.05 -4.70
N PHE A 256 0.09 -8.73 -5.74
CA PHE A 256 0.68 -8.25 -6.98
C PHE A 256 0.93 -6.75 -6.96
N ASN A 257 0.68 -6.08 -5.85
CA ASN A 257 0.75 -4.63 -5.78
C ASN A 257 2.11 -4.13 -6.29
N ARG A 258 3.22 -4.77 -5.97
CA ARG A 258 4.54 -4.26 -6.32
C ARG A 258 4.76 -4.25 -7.84
N LEU A 259 4.05 -5.16 -8.52
CA LEU A 259 4.05 -5.17 -9.98
C LEU A 259 3.31 -3.94 -10.51
N TYR A 260 2.14 -3.68 -9.93
CA TYR A 260 1.30 -2.59 -10.34
C TYR A 260 2.00 -1.25 -10.05
N GLN A 261 2.87 -1.17 -9.00
CA GLN A 261 3.62 0.03 -8.63
C GLN A 261 4.78 0.28 -9.59
N SER A 262 5.25 -0.71 -10.36
CA SER A 262 6.40 -0.56 -11.22
C SER A 262 6.04 0.17 -12.52
N THR A 263 7.09 0.49 -13.33
CA THR A 263 6.99 1.25 -14.57
C THR A 263 7.85 0.63 -15.68
N GLY A 264 7.61 1.11 -16.91
CA GLY A 264 8.37 0.74 -18.08
C GLY A 264 7.67 -0.34 -18.88
N PRO A 265 8.06 -0.54 -20.15
CA PRO A 265 7.34 -1.49 -21.02
C PRO A 265 7.48 -2.95 -20.64
N ALA A 266 8.60 -3.39 -20.10
CA ALA A 266 8.72 -4.80 -19.67
C ALA A 266 7.66 -5.15 -18.63
N VAL A 267 7.45 -4.24 -17.69
CA VAL A 267 6.39 -4.38 -16.69
C VAL A 267 5.00 -4.50 -17.33
N LEU A 268 4.63 -3.62 -18.30
CA LEU A 268 3.32 -3.74 -18.95
C LEU A 268 3.19 -5.12 -19.61
N GLU A 269 4.29 -5.59 -20.23
CA GLU A 269 4.30 -6.85 -20.92
C GLU A 269 4.11 -8.03 -19.96
N LYS A 270 4.63 -7.91 -18.73
CA LYS A 270 4.41 -8.97 -17.78
C LYS A 270 2.95 -8.96 -17.32
N LEU A 271 2.41 -7.77 -17.10
CA LEU A 271 0.98 -7.66 -16.88
C LEU A 271 0.15 -8.31 -18.01
N LYS A 272 0.55 -8.09 -19.26
CA LYS A 272 -0.17 -8.71 -20.36
C LYS A 272 -0.13 -10.23 -20.28
N CYS A 273 1.04 -10.80 -19.88
CA CYS A 273 1.20 -12.24 -19.71
C CYS A 273 0.24 -12.81 -18.66
N ILE A 274 0.07 -12.02 -17.59
CA ILE A 274 -0.75 -12.37 -16.44
C ILE A 274 -2.24 -12.26 -16.78
N MET A 275 -2.62 -11.18 -17.49
CA MET A 275 -3.98 -11.00 -17.98
C MET A 275 -4.37 -12.23 -18.80
N HIS A 276 -3.43 -12.63 -19.68
CA HIS A 276 -3.65 -13.68 -20.65
C HIS A 276 -3.82 -15.03 -19.93
N TYR A 277 -2.98 -15.25 -18.90
CA TYR A 277 -3.08 -16.43 -18.06
C TYR A 277 -4.50 -16.51 -17.54
N PHE A 278 -5.04 -15.42 -17.02
CA PHE A 278 -6.37 -15.52 -16.43
C PHE A 278 -7.44 -15.77 -17.48
N ARG A 279 -7.23 -15.20 -18.68
CA ARG A 279 -8.16 -15.42 -19.78
C ARG A 279 -8.16 -16.91 -20.11
N ARG A 280 -7.00 -17.56 -20.06
CA ARG A 280 -6.87 -18.97 -20.39
C ARG A 280 -7.50 -19.88 -19.34
N VAL A 281 -7.28 -19.57 -18.05
CA VAL A 281 -7.57 -20.53 -16.99
C VAL A 281 -8.87 -20.19 -16.23
N CYS A 282 -9.39 -18.96 -16.33
CA CYS A 282 -10.66 -18.67 -15.68
C CYS A 282 -11.84 -19.27 -16.45
N PRO A 283 -12.86 -19.83 -15.76
CA PRO A 283 -14.08 -20.23 -16.45
C PRO A 283 -14.66 -18.99 -17.12
N THR A 284 -15.26 -19.19 -18.33
CA THR A 284 -16.03 -18.17 -19.05
C THR A 284 -17.49 -18.20 -18.54
N GLU A 285 -18.32 -17.20 -18.90
CA GLU A 285 -19.72 -17.17 -18.47
C GLU A 285 -20.37 -18.52 -18.79
N ARG A 286 -20.06 -19.04 -19.99
CA ARG A 286 -20.62 -20.27 -20.56
C ARG A 286 -20.18 -21.49 -19.74
N ASP A 287 -18.88 -21.78 -19.70
CA ASP A 287 -18.47 -23.07 -19.24
C ASP A 287 -17.07 -23.01 -18.65
N ALA A 288 -16.73 -24.12 -18.01
CA ALA A 288 -15.48 -24.25 -17.30
C ALA A 288 -14.60 -25.28 -18.00
N SER A 289 -14.78 -25.44 -19.32
CA SER A 289 -14.09 -26.54 -19.98
C SER A 289 -12.64 -26.17 -20.29
N ASN A 290 -12.30 -24.87 -20.23
CA ASN A 290 -10.96 -24.33 -20.48
C ASN A 290 -10.06 -24.43 -19.23
N VAL A 291 -10.67 -24.68 -18.05
CA VAL A 291 -9.98 -24.73 -16.77
C VAL A 291 -8.96 -25.87 -16.83
N PRO A 292 -7.68 -25.60 -16.49
CA PRO A 292 -6.64 -26.64 -16.49
C PRO A 292 -6.90 -27.82 -15.54
N THR A 293 -6.47 -29.01 -16.01
CA THR A 293 -6.96 -30.29 -15.53
C THR A 293 -6.02 -30.89 -14.48
N GLY A 294 -4.78 -30.41 -14.41
CA GLY A 294 -3.76 -31.17 -13.73
C GLY A 294 -3.28 -30.55 -12.42
N VAL A 295 -1.98 -30.83 -12.17
CA VAL A 295 -1.30 -30.70 -10.91
C VAL A 295 0.11 -30.11 -11.13
N VAL A 296 0.54 -29.33 -10.10
CA VAL A 296 1.88 -28.85 -9.92
C VAL A 296 2.42 -29.21 -8.54
N THR A 297 3.70 -29.60 -8.52
CA THR A 297 4.37 -30.04 -7.33
C THR A 297 5.58 -29.15 -7.10
N PHE A 298 5.73 -28.73 -5.83
CA PHE A 298 6.82 -27.89 -5.38
C PHE A 298 7.59 -28.71 -4.36
N VAL A 299 8.90 -28.88 -4.58
CA VAL A 299 9.73 -29.68 -3.69
C VAL A 299 10.92 -28.86 -3.19
N ARG A 300 10.95 -28.65 -1.88
CA ARG A 300 12.10 -28.01 -1.25
C ARG A 300 13.14 -29.10 -0.97
N ARG A 301 14.30 -28.94 -1.63
CA ARG A 301 15.48 -29.78 -1.45
CA ARG A 301 15.45 -29.81 -1.40
C ARG A 301 16.36 -29.09 -0.42
N SER A 302 16.60 -29.75 0.73
CA SER A 302 17.51 -29.21 1.73
C SER A 302 18.59 -30.25 2.07
N GLY A 303 19.83 -29.97 1.60
CA GLY A 303 20.97 -30.84 1.85
C GLY A 303 21.44 -30.86 3.31
N LEU A 304 21.72 -32.08 3.84
CA LEU A 304 22.32 -32.30 5.15
C LEU A 304 23.85 -32.18 5.04
N PRO A 305 24.62 -31.96 6.13
CA PRO A 305 26.09 -31.92 6.01
C PRO A 305 26.71 -33.22 5.45
N GLU A 306 26.09 -34.35 5.80
CA GLU A 306 26.25 -35.63 5.12
C GLU A 306 26.29 -35.57 3.60
N HIS A 307 25.48 -34.70 2.97
CA HIS A 307 25.30 -34.76 1.53
C HIS A 307 26.38 -33.99 0.78
N LEU A 308 27.16 -33.17 1.52
CA LEU A 308 28.18 -32.30 0.95
C LEU A 308 29.25 -33.15 0.28
N ILE A 309 29.50 -32.87 -0.98
CA ILE A 309 30.59 -33.50 -1.68
C ILE A 309 31.88 -32.76 -1.30
N ASP A 310 32.93 -33.56 -0.98
CA ASP A 310 34.31 -33.12 -0.96
C ASP A 310 34.83 -33.26 -2.38
N TRP A 311 35.04 -32.11 -3.03
CA TRP A 311 35.27 -32.00 -4.47
C TRP A 311 36.66 -32.50 -4.85
N SER A 312 37.61 -32.48 -3.90
CA SER A 312 38.98 -32.97 -4.10
C SER A 312 39.07 -34.51 -4.03
N GLN A 313 37.95 -35.22 -3.81
CA GLN A 313 37.84 -36.67 -3.82
C GLN A 313 37.00 -37.20 -4.97
N SER A 314 36.44 -36.35 -5.85
CA SER A 314 35.61 -36.86 -6.93
C SER A 314 36.53 -37.36 -8.04
N ALA A 315 36.46 -38.68 -8.21
CA ALA A 315 37.18 -39.40 -9.23
C ALA A 315 36.37 -39.42 -10.55
N ALA A 316 35.37 -38.56 -10.72
CA ALA A 316 34.50 -38.69 -11.87
C ALA A 316 35.18 -38.05 -13.09
N PRO A 317 35.34 -38.81 -14.21
CA PRO A 317 35.89 -38.24 -15.43
C PRO A 317 34.91 -37.25 -16.04
N LEU A 318 35.42 -36.03 -16.28
CA LEU A 318 34.67 -34.93 -16.84
C LEU A 318 34.22 -35.19 -18.27
N GLY A 319 34.94 -36.03 -19.01
CA GLY A 319 34.61 -36.18 -20.43
C GLY A 319 33.52 -37.22 -20.65
N ASP A 320 33.25 -37.99 -19.58
CA ASP A 320 32.21 -39.01 -19.61
C ASP A 320 30.83 -38.37 -19.49
N VAL A 321 30.76 -37.06 -19.17
CA VAL A 321 29.51 -36.29 -19.22
C VAL A 321 29.11 -36.07 -20.68
N PRO A 322 27.93 -36.62 -21.11
CA PRO A 322 27.42 -36.33 -22.44
C PRO A 322 27.06 -34.84 -22.52
N LEU A 323 27.89 -34.03 -23.18
CA LEU A 323 27.75 -32.59 -23.18
C LEU A 323 27.28 -32.13 -24.57
N HIS A 324 26.22 -31.32 -24.57
CA HIS A 324 25.60 -30.76 -25.76
C HIS A 324 25.50 -29.25 -25.58
N VAL A 325 26.36 -28.49 -26.29
CA VAL A 325 26.42 -27.03 -26.13
C VAL A 325 25.83 -26.39 -27.37
N ASP A 326 24.75 -25.59 -27.21
CA ASP A 326 23.98 -25.06 -28.33
C ASP A 326 23.96 -23.52 -28.27
N ALA A 327 24.22 -22.88 -29.43
CA ALA A 327 24.29 -21.44 -29.53
C ALA A 327 22.96 -20.89 -30.02
N GLU A 328 22.08 -21.78 -30.46
CA GLU A 328 20.70 -21.40 -30.67
C GLU A 328 19.85 -22.12 -29.62
N GLY A 329 18.55 -21.85 -29.63
CA GLY A 329 17.63 -22.48 -28.71
C GLY A 329 17.68 -21.92 -27.28
N THR A 330 16.66 -22.40 -26.54
CA THR A 330 16.35 -22.02 -25.17
C THR A 330 16.16 -23.28 -24.32
N ILE A 331 16.35 -23.12 -23.03
CA ILE A 331 16.04 -24.12 -22.03
C ILE A 331 14.56 -24.57 -22.12
N GLU A 332 13.62 -23.61 -22.21
CA GLU A 332 12.19 -23.90 -22.13
C GLU A 332 11.64 -24.62 -23.38
N ASP A 333 12.30 -24.42 -24.54
CA ASP A 333 11.85 -24.99 -25.81
C ASP A 333 12.61 -26.28 -26.09
N GLU A 334 13.95 -26.18 -26.15
CA GLU A 334 14.79 -27.31 -26.56
C GLU A 334 15.11 -28.25 -25.39
N GLY A 335 14.93 -27.82 -24.13
CA GLY A 335 15.23 -28.61 -22.96
C GLY A 335 14.08 -29.51 -22.49
N ILE A 336 13.12 -29.89 -23.38
CA ILE A 336 11.97 -30.68 -22.93
C ILE A 336 12.43 -32.06 -22.48
N GLY A 337 11.83 -32.54 -21.39
CA GLY A 337 12.16 -33.82 -20.75
C GLY A 337 13.32 -33.69 -19.74
N LEU A 338 14.05 -32.58 -19.80
CA LEU A 338 15.21 -32.39 -18.96
C LEU A 338 14.79 -31.55 -17.73
N LEU A 339 15.68 -31.62 -16.73
CA LEU A 339 15.62 -30.72 -15.61
C LEU A 339 16.15 -29.37 -16.08
N GLN A 340 15.18 -28.45 -16.36
CA GLN A 340 15.45 -27.08 -16.78
C GLN A 340 15.74 -26.21 -15.54
N VAL A 341 16.78 -25.38 -15.66
CA VAL A 341 17.24 -24.52 -14.59
C VAL A 341 16.59 -23.14 -14.71
N ASP A 342 16.18 -22.69 -13.51
CA ASP A 342 15.77 -21.34 -13.21
C ASP A 342 16.92 -20.66 -12.49
N PHE A 343 17.48 -19.63 -13.13
CA PHE A 343 18.55 -18.80 -12.61
C PHE A 343 17.93 -17.91 -11.56
N ALA A 344 17.76 -18.49 -10.38
CA ALA A 344 16.82 -17.98 -9.40
C ALA A 344 17.48 -16.93 -8.51
N ASN A 345 16.59 -16.18 -7.80
CA ASN A 345 16.92 -15.39 -6.63
C ASN A 345 16.64 -16.27 -5.41
N LYS A 346 17.31 -15.98 -4.27
CA LYS A 346 17.09 -16.77 -3.06
C LYS A 346 15.61 -16.62 -2.68
N TYR A 347 14.99 -15.45 -3.00
CA TYR A 347 13.54 -15.30 -2.97
C TYR A 347 12.95 -15.75 -4.30
N LEU A 348 12.16 -16.84 -4.27
CA LEU A 348 11.69 -17.47 -5.48
C LEU A 348 10.96 -16.43 -6.33
N GLY A 349 11.35 -16.41 -7.60
CA GLY A 349 10.66 -15.58 -8.57
C GLY A 349 11.34 -14.25 -8.79
N GLY A 350 12.25 -13.89 -7.89
CA GLY A 350 13.00 -12.64 -8.01
C GLY A 350 12.11 -11.38 -8.01
N GLY A 351 12.30 -10.51 -9.02
CA GLY A 351 11.52 -9.28 -9.13
C GLY A 351 10.38 -9.39 -10.13
N VAL A 352 9.82 -10.59 -10.32
CA VAL A 352 8.72 -10.74 -11.25
C VAL A 352 7.54 -9.81 -10.83
N LEU A 353 7.29 -9.65 -9.53
CA LEU A 353 6.35 -8.65 -9.08
C LEU A 353 7.16 -7.43 -8.62
N GLY A 354 7.52 -6.64 -9.60
CA GLY A 354 8.52 -5.61 -9.51
C GLY A 354 9.03 -5.35 -10.92
N HIS A 355 10.24 -4.79 -11.05
CA HIS A 355 10.80 -4.41 -12.33
C HIS A 355 11.50 -5.58 -13.02
N GLY A 356 11.74 -6.71 -12.35
CA GLY A 356 12.60 -7.75 -12.89
C GLY A 356 12.01 -8.39 -14.16
N CYS A 357 12.87 -8.59 -15.16
CA CYS A 357 12.42 -9.19 -16.40
C CYS A 357 13.52 -9.95 -17.16
N VAL A 358 14.30 -10.78 -16.42
CA VAL A 358 15.30 -11.62 -17.04
C VAL A 358 14.85 -13.08 -16.96
N GLN A 359 15.78 -14.06 -16.93
CA GLN A 359 15.42 -15.45 -17.24
C GLN A 359 14.35 -15.99 -16.27
N GLU A 360 14.53 -15.70 -14.97
CA GLU A 360 13.60 -16.17 -13.96
C GLU A 360 12.24 -15.51 -14.11
N GLU A 361 12.22 -14.18 -14.17
CA GLU A 361 10.93 -13.48 -14.21
C GLU A 361 10.14 -13.88 -15.44
N ILE A 362 10.85 -14.05 -16.54
CA ILE A 362 10.21 -14.34 -17.81
C ILE A 362 9.52 -15.69 -17.71
N ARG A 363 10.25 -16.66 -17.14
CA ARG A 363 9.68 -17.98 -16.97
C ARG A 363 8.46 -18.00 -16.02
N PHE A 364 8.49 -17.14 -15.00
CA PHE A 364 7.37 -17.00 -14.07
C PHE A 364 6.17 -16.27 -14.68
N VAL A 365 6.30 -15.58 -15.83
CA VAL A 365 5.10 -14.96 -16.44
C VAL A 365 4.57 -15.70 -17.68
N ILE A 366 5.45 -16.43 -18.41
CA ILE A 366 4.94 -17.36 -19.42
C ILE A 366 4.40 -18.68 -18.80
N CYS A 367 4.87 -19.05 -17.59
CA CYS A 367 4.37 -20.20 -16.83
C CYS A 367 3.92 -19.75 -15.44
N PRO A 368 2.79 -19.02 -15.34
CA PRO A 368 2.47 -18.29 -14.11
C PRO A 368 2.17 -19.11 -12.87
N GLU A 369 1.90 -20.41 -13.04
CA GLU A 369 1.62 -21.26 -11.88
C GLU A 369 2.86 -21.31 -10.99
N LEU A 370 4.07 -21.00 -11.53
CA LEU A 370 5.27 -20.92 -10.71
C LEU A 370 5.12 -19.84 -9.63
N LEU A 371 4.36 -18.78 -9.93
CA LEU A 371 4.24 -17.65 -9.03
C LEU A 371 3.74 -18.10 -7.68
N VAL A 372 2.87 -19.11 -7.63
CA VAL A 372 2.27 -19.49 -6.35
C VAL A 372 3.37 -20.00 -5.41
N GLY A 373 4.53 -20.46 -5.93
CA GLY A 373 5.62 -20.82 -5.04
C GLY A 373 5.96 -19.70 -4.06
N LYS A 374 5.78 -18.48 -4.51
CA LYS A 374 6.06 -17.29 -3.71
C LYS A 374 5.20 -17.26 -2.44
N LEU A 375 4.00 -17.81 -2.55
CA LEU A 375 3.05 -17.79 -1.44
C LEU A 375 3.61 -18.54 -0.22
N PHE A 376 4.28 -19.69 -0.42
CA PHE A 376 4.63 -20.61 0.66
C PHE A 376 6.09 -20.99 0.69
N THR A 377 6.97 -20.47 -0.18
CA THR A 377 8.36 -20.94 -0.19
C THR A 377 9.31 -19.93 0.49
N GLU A 378 9.82 -20.28 1.69
CA GLU A 378 10.83 -19.49 2.39
C GLU A 378 12.08 -19.38 1.52
N CYS A 379 12.83 -18.29 1.69
CA CYS A 379 14.01 -18.05 0.88
C CYS A 379 15.02 -19.17 1.08
N LEU A 380 15.80 -19.43 0.01
CA LEU A 380 16.71 -20.55 -0.08
C LEU A 380 17.99 -20.23 0.67
N ARG A 381 18.39 -21.17 1.53
CA ARG A 381 19.69 -21.11 2.18
C ARG A 381 20.70 -21.72 1.20
N PRO A 382 22.02 -21.61 1.49
CA PRO A 382 23.07 -22.02 0.54
C PRO A 382 23.06 -23.47 0.07
N PHE A 383 22.49 -24.37 0.91
CA PHE A 383 22.48 -25.77 0.52
C PHE A 383 21.06 -26.23 0.21
N GLU A 384 20.27 -25.35 -0.45
CA GLU A 384 18.88 -25.66 -0.76
C GLU A 384 18.54 -25.33 -2.20
N ALA A 385 17.47 -25.96 -2.70
CA ALA A 385 16.94 -25.75 -4.04
C ALA A 385 15.45 -26.04 -4.04
N LEU A 386 14.77 -25.60 -5.10
CA LEU A 386 13.34 -25.80 -5.19
C LEU A 386 13.04 -26.34 -6.57
N VAL A 387 12.40 -27.52 -6.60
CA VAL A 387 12.03 -28.18 -7.85
C VAL A 387 10.53 -28.02 -8.07
N MET A 388 10.18 -27.65 -9.30
CA MET A 388 8.83 -27.25 -9.65
C MET A 388 8.43 -28.01 -10.89
N LEU A 389 7.47 -28.91 -10.74
CA LEU A 389 7.08 -29.79 -11.83
C LEU A 389 5.59 -29.66 -12.10
N GLY A 390 5.24 -29.37 -13.35
CA GLY A 390 3.84 -29.29 -13.70
C GLY A 390 3.41 -27.97 -14.35
N ALA A 391 4.26 -26.91 -14.24
CA ALA A 391 3.82 -25.57 -14.66
C ALA A 391 3.61 -25.50 -16.16
N GLU A 392 2.34 -25.24 -16.54
CA GLU A 392 1.90 -25.05 -17.92
C GLU A 392 2.38 -23.69 -18.40
N ARG A 393 2.77 -23.72 -19.69
CA ARG A 393 3.11 -22.53 -20.44
C ARG A 393 1.90 -22.03 -21.20
N TYR A 394 1.65 -20.74 -21.07
CA TYR A 394 0.44 -20.10 -21.58
C TYR A 394 0.78 -19.03 -22.62
N SER A 395 2.04 -18.57 -22.63
CA SER A 395 2.45 -17.45 -23.45
C SER A 395 3.78 -17.71 -24.17
N ASN A 396 3.87 -17.05 -25.32
CA ASN A 396 5.10 -16.85 -26.05
C ASN A 396 5.62 -15.46 -25.78
N TYR A 397 6.91 -15.27 -26.04
CA TYR A 397 7.54 -13.98 -25.81
C TYR A 397 8.70 -13.75 -26.77
N THR A 398 9.01 -12.46 -26.98
CA THR A 398 10.23 -12.03 -27.65
C THR A 398 11.00 -11.18 -26.65
N GLY A 399 12.30 -11.10 -26.91
CA GLY A 399 13.15 -10.15 -26.23
C GLY A 399 13.59 -10.67 -24.85
N TYR A 400 14.14 -9.75 -24.05
CA TYR A 400 14.84 -10.01 -22.80
C TYR A 400 14.94 -8.64 -22.13
N ALA A 401 14.87 -8.58 -20.79
CA ALA A 401 15.02 -7.35 -20.02
C ALA A 401 14.10 -6.29 -20.63
N GLY A 402 14.61 -5.08 -21.01
CA GLY A 402 13.74 -4.00 -21.49
C GLY A 402 12.97 -4.26 -22.80
N SER A 403 13.46 -5.21 -23.64
CA SER A 403 12.82 -5.57 -24.90
C SER A 403 11.76 -6.68 -24.77
N PHE A 404 11.60 -7.26 -23.55
CA PHE A 404 10.66 -8.36 -23.30
C PHE A 404 9.24 -7.96 -23.71
N GLU A 405 8.60 -8.85 -24.49
CA GLU A 405 7.22 -8.66 -24.95
C GLU A 405 6.45 -9.96 -25.02
N TRP A 406 5.16 -9.87 -24.62
CA TRP A 406 4.23 -10.92 -24.88
C TRP A 406 4.06 -10.99 -26.40
N SER A 407 4.26 -12.16 -27.01
CA SER A 407 4.09 -12.31 -28.45
C SER A 407 3.15 -13.46 -28.79
N GLY A 408 2.15 -13.79 -27.94
CA GLY A 408 1.03 -14.64 -28.35
C GLY A 408 0.74 -15.82 -27.42
N ASN A 409 -0.43 -16.47 -27.64
CA ASN A 409 -0.91 -17.64 -26.94
C ASN A 409 0.05 -18.82 -27.16
N PHE A 410 0.28 -19.63 -26.13
CA PHE A 410 0.97 -20.90 -26.27
C PHE A 410 0.05 -22.01 -25.75
N GLU A 411 -0.23 -22.99 -26.64
CA GLU A 411 -0.98 -24.17 -26.26
C GLU A 411 0.00 -25.28 -25.95
N ASP A 412 0.17 -25.51 -24.63
CA ASP A 412 1.12 -26.47 -24.09
C ASP A 412 0.51 -27.86 -24.29
N SER A 413 1.24 -28.75 -24.98
CA SER A 413 0.81 -30.14 -25.18
C SER A 413 1.82 -31.10 -24.55
N THR A 414 2.78 -30.62 -23.75
CA THR A 414 3.65 -31.43 -22.92
C THR A 414 2.83 -32.50 -22.21
N PRO A 415 3.21 -33.79 -22.35
CA PRO A 415 2.42 -34.85 -21.71
C PRO A 415 2.52 -34.81 -20.19
N ARG A 416 1.43 -35.25 -19.56
CA ARG A 416 1.27 -35.29 -18.13
C ARG A 416 1.76 -36.63 -17.61
N ASP A 417 2.40 -36.63 -16.44
CA ASP A 417 2.84 -37.85 -15.78
C ASP A 417 1.63 -38.57 -15.16
N SER A 418 1.94 -39.68 -14.45
CA SER A 418 0.92 -40.45 -13.76
C SER A 418 0.18 -39.59 -12.72
N SER A 419 0.80 -38.50 -12.25
CA SER A 419 0.25 -37.70 -11.16
C SER A 419 -0.55 -36.51 -11.68
N GLY A 420 -0.64 -36.39 -13.01
CA GLY A 420 -1.40 -35.33 -13.66
C GLY A 420 -0.58 -34.03 -13.84
N ARG A 421 0.74 -34.10 -13.63
CA ARG A 421 1.64 -32.99 -13.85
C ARG A 421 2.18 -33.02 -15.27
N ARG A 422 2.00 -31.93 -16.03
CA ARG A 422 2.85 -31.70 -17.19
C ARG A 422 4.32 -32.02 -16.87
N GLN A 423 5.01 -32.72 -17.77
CA GLN A 423 6.42 -33.05 -17.53
C GLN A 423 7.37 -31.93 -17.94
N THR A 424 7.19 -30.83 -17.18
CA THR A 424 8.03 -29.65 -17.23
C THR A 424 8.58 -29.43 -15.83
N ALA A 425 9.87 -29.77 -15.71
CA ALA A 425 10.57 -29.83 -14.46
C ALA A 425 11.59 -28.70 -14.46
N ILE A 426 11.47 -27.85 -13.44
CA ILE A 426 12.30 -26.67 -13.32
C ILE A 426 12.93 -26.70 -11.93
N VAL A 427 14.24 -26.45 -11.86
CA VAL A 427 14.84 -26.28 -10.55
C VAL A 427 15.28 -24.82 -10.37
N ALA A 428 14.86 -24.22 -9.26
CA ALA A 428 15.39 -22.93 -8.85
C ALA A 428 16.65 -23.10 -8.00
N ILE A 429 17.77 -22.65 -8.58
CA ILE A 429 19.03 -22.48 -7.88
C ILE A 429 19.53 -21.04 -8.03
N ASP A 430 19.84 -20.41 -6.90
CA ASP A 430 20.26 -19.02 -6.87
C ASP A 430 21.78 -18.91 -6.84
N ALA A 431 22.32 -18.39 -7.95
CA ALA A 431 23.71 -17.95 -8.01
C ALA A 431 23.98 -16.80 -7.06
N LEU A 432 25.27 -16.62 -6.75
CA LEU A 432 25.69 -15.39 -6.05
C LEU A 432 25.78 -14.27 -7.08
N HIS A 433 25.51 -13.05 -6.60
CA HIS A 433 25.78 -11.83 -7.37
C HIS A 433 27.12 -11.26 -6.91
N PHE A 434 27.91 -10.80 -7.89
CA PHE A 434 29.22 -10.15 -7.66
C PHE A 434 29.23 -8.72 -8.19
N ALA A 435 29.37 -7.75 -7.27
CA ALA A 435 29.71 -6.37 -7.63
C ALA A 435 31.13 -6.36 -8.22
N GLN A 436 31.99 -7.25 -7.72
CA GLN A 436 33.37 -7.42 -8.15
C GLN A 436 33.60 -8.81 -8.75
N SER A 437 33.75 -8.89 -10.09
CA SER A 437 33.95 -10.18 -10.81
C SER A 437 34.94 -11.13 -10.13
N HIS A 438 36.05 -10.56 -9.63
CA HIS A 438 37.21 -11.30 -9.20
C HIS A 438 36.91 -12.13 -7.95
N HIS A 439 35.89 -11.71 -7.17
CA HIS A 439 35.58 -12.33 -5.88
C HIS A 439 35.11 -13.78 -6.06
N GLN A 440 34.67 -14.14 -7.28
CA GLN A 440 33.94 -15.39 -7.51
C GLN A 440 34.90 -16.58 -7.61
N TYR A 441 36.19 -16.21 -7.66
CA TYR A 441 37.31 -17.12 -7.86
C TYR A 441 37.87 -17.57 -6.51
N ARG A 442 37.46 -16.90 -5.43
CA ARG A 442 37.66 -17.42 -4.08
C ARG A 442 37.21 -18.89 -4.07
N GLU A 443 37.99 -19.72 -3.36
CA GLU A 443 37.74 -21.14 -3.27
C GLU A 443 36.39 -21.37 -2.58
N ASP A 444 36.06 -20.53 -1.57
CA ASP A 444 34.88 -20.74 -0.73
C ASP A 444 33.61 -20.50 -1.55
N LEU A 445 33.68 -19.60 -2.55
CA LEU A 445 32.53 -19.18 -3.37
C LEU A 445 32.47 -19.91 -4.71
N MET A 446 33.47 -20.74 -4.98
CA MET A 446 33.37 -21.67 -6.09
C MET A 446 32.71 -22.93 -5.55
N GLU A 447 33.01 -23.24 -4.29
CA GLU A 447 32.49 -24.41 -3.62
C GLU A 447 31.02 -24.18 -3.26
N ARG A 448 30.70 -22.94 -2.83
CA ARG A 448 29.32 -22.52 -2.57
C ARG A 448 28.46 -22.78 -3.82
N GLU A 449 28.95 -22.40 -5.01
CA GLU A 449 28.21 -22.60 -6.25
C GLU A 449 28.14 -24.07 -6.67
N LEU A 450 29.22 -24.83 -6.42
CA LEU A 450 29.22 -26.24 -6.77
C LEU A 450 28.14 -26.93 -5.94
N ASN A 451 28.05 -26.51 -4.69
CA ASN A 451 27.14 -27.18 -3.78
C ASN A 451 25.71 -26.71 -3.97
N LYS A 452 25.51 -25.46 -4.39
CA LYS A 452 24.18 -24.99 -4.77
C LYS A 452 23.69 -25.82 -5.96
N ALA A 453 24.50 -25.91 -7.03
CA ALA A 453 24.07 -26.64 -8.22
C ALA A 453 23.90 -28.13 -7.88
N TYR A 454 24.70 -28.62 -6.92
CA TYR A 454 24.65 -30.01 -6.52
C TYR A 454 23.27 -30.33 -5.97
N ILE A 455 22.82 -29.55 -4.95
CA ILE A 455 21.53 -29.78 -4.33
C ILE A 455 20.38 -29.55 -5.34
N GLY A 456 20.58 -28.68 -6.33
CA GLY A 456 19.59 -28.51 -7.38
C GLY A 456 19.49 -29.71 -8.31
N PHE A 457 20.67 -30.28 -8.64
CA PHE A 457 20.75 -31.30 -9.65
C PHE A 457 20.70 -32.73 -9.10
N VAL A 458 20.66 -32.94 -7.76
CA VAL A 458 20.51 -34.30 -7.22
C VAL A 458 19.23 -34.91 -7.77
N HIS A 459 19.23 -36.24 -7.76
CA HIS A 459 18.12 -37.00 -8.30
C HIS A 459 17.34 -37.70 -7.18
N TRP A 460 18.04 -38.55 -6.42
CA TRP A 460 17.52 -39.26 -5.25
C TRP A 460 16.28 -40.07 -5.64
N MET A 461 16.33 -40.78 -6.78
CA MET A 461 15.28 -41.71 -7.18
C MET A 461 15.92 -43.02 -7.62
N VAL A 462 15.11 -44.07 -7.77
CA VAL A 462 15.68 -45.36 -8.18
C VAL A 462 15.98 -45.38 -9.68
N THR A 463 15.10 -44.74 -10.49
CA THR A 463 15.23 -44.66 -11.93
C THR A 463 16.36 -43.67 -12.23
N PRO A 464 17.01 -43.77 -13.41
CA PRO A 464 18.16 -42.91 -13.71
C PRO A 464 17.69 -41.52 -14.13
N PRO A 465 18.56 -40.52 -13.84
CA PRO A 465 18.27 -39.12 -14.11
C PRO A 465 18.39 -38.67 -15.55
N PRO A 466 17.42 -37.84 -16.02
CA PRO A 466 17.52 -37.17 -17.31
C PRO A 466 18.64 -36.15 -17.21
N GLY A 467 19.02 -35.63 -18.37
CA GLY A 467 19.97 -34.52 -18.41
C GLY A 467 19.39 -33.26 -17.77
N VAL A 468 20.29 -32.34 -17.45
CA VAL A 468 20.00 -30.96 -17.07
C VAL A 468 20.04 -30.07 -18.31
N ALA A 469 19.07 -29.15 -18.46
CA ALA A 469 19.13 -28.05 -19.43
C ALA A 469 19.46 -26.76 -18.66
N THR A 470 20.60 -26.13 -18.96
CA THR A 470 21.02 -24.93 -18.25
C THR A 470 21.70 -23.99 -19.26
N GLY A 471 22.41 -22.99 -18.70
CA GLY A 471 23.07 -21.97 -19.49
C GLY A 471 23.90 -21.09 -18.58
N ASN A 472 23.97 -19.78 -18.92
CA ASN A 472 24.92 -18.85 -18.31
C ASN A 472 24.44 -18.41 -16.94
N TRP A 473 24.45 -19.34 -15.96
CA TRP A 473 23.83 -19.21 -14.66
C TRP A 473 24.49 -18.12 -13.82
N GLY A 474 23.72 -17.05 -13.51
CA GLY A 474 24.20 -15.95 -12.68
C GLY A 474 25.27 -15.06 -13.33
N CYS A 475 25.29 -15.02 -14.68
CA CYS A 475 26.33 -14.37 -15.48
C CYS A 475 25.76 -13.09 -16.09
N GLY A 476 26.42 -12.54 -17.13
CA GLY A 476 26.11 -11.20 -17.59
C GLY A 476 26.16 -10.20 -16.43
N ALA A 477 25.08 -9.40 -16.27
CA ALA A 477 25.05 -8.27 -15.35
C ALA A 477 25.05 -8.70 -13.86
N PHE A 478 24.89 -10.00 -13.55
CA PHE A 478 25.00 -10.41 -12.15
C PHE A 478 26.46 -10.66 -11.73
N GLY A 479 27.41 -10.58 -12.67
CA GLY A 479 28.83 -10.61 -12.37
C GLY A 479 29.51 -11.98 -12.59
N GLY A 480 28.71 -13.03 -12.77
CA GLY A 480 29.25 -14.37 -12.93
C GLY A 480 30.05 -14.50 -14.22
N ASP A 481 31.12 -15.31 -14.16
CA ASP A 481 31.94 -15.61 -15.32
C ASP A 481 31.35 -16.84 -16.03
N SER A 482 30.83 -16.66 -17.25
CA SER A 482 30.26 -17.71 -18.10
C SER A 482 31.13 -18.96 -18.10
N TYR A 483 32.46 -18.72 -18.20
CA TYR A 483 33.49 -19.71 -18.44
C TYR A 483 33.66 -20.60 -17.21
N LEU A 484 33.66 -19.97 -16.02
CA LEU A 484 33.80 -20.66 -14.76
C LEU A 484 32.54 -21.47 -14.44
N LYS A 485 31.37 -20.82 -14.67
CA LYS A 485 30.07 -21.33 -14.24
C LYS A 485 29.70 -22.53 -15.09
N ALA A 486 30.11 -22.56 -16.37
CA ALA A 486 29.99 -23.74 -17.20
C ALA A 486 30.78 -24.94 -16.65
N LEU A 487 31.95 -24.69 -16.03
CA LEU A 487 32.79 -25.78 -15.59
C LEU A 487 32.24 -26.37 -14.30
N LEU A 488 31.84 -25.45 -13.39
CA LEU A 488 31.24 -25.84 -12.13
C LEU A 488 30.04 -26.74 -12.40
N GLN A 489 29.28 -26.42 -13.45
CA GLN A 489 28.05 -27.13 -13.74
C GLN A 489 28.37 -28.50 -14.32
N LEU A 490 29.40 -28.56 -15.18
CA LEU A 490 29.96 -29.82 -15.65
C LEU A 490 30.50 -30.71 -14.52
N MET A 491 31.26 -30.14 -13.58
CA MET A 491 31.79 -30.89 -12.44
C MET A 491 30.65 -31.57 -11.66
N VAL A 492 29.57 -30.80 -11.46
CA VAL A 492 28.43 -31.29 -10.71
C VAL A 492 27.74 -32.42 -11.47
N CYS A 493 27.57 -32.22 -12.79
CA CYS A 493 26.89 -33.21 -13.61
C CYS A 493 27.71 -34.48 -13.72
N ALA A 494 29.05 -34.31 -13.75
CA ALA A 494 29.97 -35.42 -13.85
C ALA A 494 29.76 -36.33 -12.66
N GLN A 495 29.81 -35.67 -11.49
CA GLN A 495 29.70 -36.28 -10.18
C GLN A 495 28.36 -36.99 -10.00
N LEU A 496 27.29 -36.49 -10.61
CA LEU A 496 25.95 -37.03 -10.38
C LEU A 496 25.56 -37.97 -11.52
N GLY A 497 26.34 -37.97 -12.63
CA GLY A 497 26.08 -38.85 -13.78
C GLY A 497 24.89 -38.40 -14.61
N ARG A 498 24.84 -37.06 -14.83
CA ARG A 498 23.76 -36.42 -15.54
C ARG A 498 24.36 -35.85 -16.82
N PRO A 499 23.74 -36.14 -17.98
CA PRO A 499 24.03 -35.34 -19.19
C PRO A 499 23.76 -33.85 -18.94
N LEU A 500 24.35 -33.00 -19.80
CA LEU A 500 24.28 -31.57 -19.63
C LEU A 500 24.04 -30.98 -21.01
N ALA A 501 22.84 -30.42 -21.24
CA ALA A 501 22.57 -29.56 -22.39
C ALA A 501 22.74 -28.10 -21.98
N TYR A 502 23.71 -27.39 -22.58
CA TYR A 502 24.10 -26.06 -22.15
C TYR A 502 23.75 -25.10 -23.30
N TYR A 503 23.01 -24.01 -23.00
CA TYR A 503 22.53 -23.06 -23.99
C TYR A 503 23.28 -21.74 -23.79
N THR A 504 23.94 -21.28 -24.85
CA THR A 504 24.80 -20.10 -24.81
C THR A 504 24.06 -18.89 -25.37
N PHE A 505 22.81 -19.09 -25.84
CA PHE A 505 21.85 -18.05 -26.21
C PHE A 505 22.53 -17.06 -27.16
N GLY A 506 22.96 -17.53 -28.34
CA GLY A 506 23.49 -16.66 -29.38
C GLY A 506 25.01 -16.46 -29.39
N ASN A 507 25.75 -17.13 -28.50
CA ASN A 507 27.19 -16.92 -28.40
C ASN A 507 27.95 -18.15 -28.91
N VAL A 508 28.22 -18.16 -30.23
CA VAL A 508 29.02 -19.16 -30.95
C VAL A 508 30.44 -19.30 -30.39
N GLU A 509 31.06 -18.15 -30.07
CA GLU A 509 32.43 -18.12 -29.58
C GLU A 509 32.53 -18.98 -28.32
N PHE A 510 31.65 -18.71 -27.34
CA PHE A 510 31.67 -19.40 -26.05
C PHE A 510 31.23 -20.87 -26.19
N ARG A 511 30.28 -21.16 -27.09
CA ARG A 511 29.90 -22.53 -27.42
C ARG A 511 31.16 -23.33 -27.70
N ASP A 512 32.06 -22.77 -28.54
CA ASP A 512 33.25 -23.48 -29.02
C ASP A 512 34.30 -23.64 -27.92
N ASP A 513 34.57 -22.58 -27.13
CA ASP A 513 35.59 -22.63 -26.08
C ASP A 513 35.26 -23.66 -25.02
N PHE A 514 33.95 -23.78 -24.71
CA PHE A 514 33.43 -24.75 -23.77
C PHE A 514 33.47 -26.18 -24.35
N HIS A 515 33.02 -26.36 -25.60
CA HIS A 515 33.14 -27.65 -26.31
C HIS A 515 34.59 -28.12 -26.33
N GLU A 516 35.50 -27.18 -26.67
CA GLU A 516 36.92 -27.50 -26.88
C GLU A 516 37.52 -27.98 -25.56
N MET A 517 37.13 -27.33 -24.46
CA MET A 517 37.63 -27.72 -23.15
C MET A 517 37.13 -29.10 -22.73
N TRP A 518 35.92 -29.47 -23.18
CA TRP A 518 35.37 -30.79 -22.86
C TRP A 518 36.13 -31.88 -23.63
N LEU A 519 36.58 -31.58 -24.86
CA LEU A 519 37.37 -32.50 -25.67
C LEU A 519 38.75 -32.73 -25.04
N LEU A 520 39.38 -31.63 -24.59
CA LEU A 520 40.64 -31.65 -23.87
C LEU A 520 40.56 -32.50 -22.61
N PHE A 521 39.42 -32.46 -21.87
CA PHE A 521 39.24 -33.27 -20.67
C PHE A 521 38.95 -34.73 -21.01
N ARG A 522 38.34 -34.95 -22.19
CA ARG A 522 37.86 -36.26 -22.61
C ARG A 522 39.06 -37.16 -22.93
N ASN A 523 40.03 -36.64 -23.71
CA ASN A 523 41.13 -37.49 -24.13
C ASN A 523 42.34 -37.31 -23.19
N ASP A 524 42.35 -36.31 -22.29
CA ASP A 524 43.26 -36.33 -21.14
C ASP A 524 42.68 -37.12 -19.96
N GLY A 525 41.47 -37.73 -20.11
CA GLY A 525 40.72 -38.34 -19.02
C GLY A 525 40.79 -37.52 -17.73
N THR A 526 40.67 -36.18 -17.83
CA THR A 526 40.65 -35.29 -16.66
C THR A 526 39.43 -35.56 -15.78
N THR A 527 39.65 -35.33 -14.48
CA THR A 527 38.76 -35.79 -13.41
C THR A 527 38.24 -34.55 -12.65
N VAL A 528 37.21 -34.73 -11.81
CA VAL A 528 36.61 -33.60 -11.11
C VAL A 528 37.64 -33.00 -10.15
N GLN A 529 38.25 -33.88 -9.31
CA GLN A 529 39.16 -33.47 -8.25
C GLN A 529 40.40 -32.77 -8.81
N GLN A 530 40.71 -33.09 -10.09
CA GLN A 530 41.88 -32.61 -10.80
C GLN A 530 41.58 -31.23 -11.39
N LEU A 531 40.35 -31.04 -11.86
CA LEU A 531 39.96 -29.70 -12.29
C LEU A 531 39.75 -28.80 -11.06
N TRP A 532 39.31 -29.40 -9.96
CA TRP A 532 39.18 -28.66 -8.71
C TRP A 532 40.55 -28.12 -8.26
N SER A 533 41.57 -29.01 -8.31
CA SER A 533 42.94 -28.69 -7.95
C SER A 533 43.46 -27.50 -8.77
N ILE A 534 43.24 -27.58 -10.10
CA ILE A 534 43.67 -26.53 -11.02
C ILE A 534 42.91 -25.23 -10.74
N LEU A 535 41.62 -25.36 -10.36
CA LEU A 535 40.74 -24.22 -10.12
C LEU A 535 41.15 -23.50 -8.83
N ARG A 536 41.49 -24.30 -7.78
CA ARG A 536 42.07 -23.77 -6.56
C ARG A 536 43.37 -22.99 -6.83
N SER A 537 44.18 -23.43 -7.82
CA SER A 537 45.41 -22.74 -8.19
C SER A 537 45.10 -21.33 -8.70
N TYR A 538 44.06 -21.28 -9.55
CA TYR A 538 43.59 -20.03 -10.17
C TYR A 538 43.08 -19.07 -9.08
N SER A 539 42.45 -19.61 -8.01
CA SER A 539 42.08 -18.84 -6.83
C SER A 539 43.28 -18.07 -6.26
N ARG A 540 44.42 -18.74 -6.05
CA ARG A 540 45.61 -18.12 -5.45
C ARG A 540 46.35 -17.22 -6.44
N LEU A 541 46.29 -17.51 -7.76
CA LEU A 541 46.82 -16.59 -8.77
C LEU A 541 46.05 -15.26 -8.85
N ILE A 542 44.70 -15.30 -8.77
CA ILE A 542 43.85 -14.13 -9.00
C ILE A 542 43.93 -13.21 -7.78
N LYS A 543 44.34 -13.77 -6.62
CA LYS A 543 44.49 -12.96 -5.44
C LYS A 543 45.72 -12.03 -5.51
N GLU A 544 46.58 -12.16 -6.55
CA GLU A 544 47.62 -11.17 -6.88
C GLU A 544 47.08 -10.04 -7.78
N LYS A 545 46.50 -10.40 -8.95
CA LYS A 545 45.81 -9.43 -9.81
C LYS A 545 44.34 -9.29 -9.31
N ASN A 553 37.75 -14.14 -18.06
CA ASN A 553 36.84 -15.04 -18.84
C ASN A 553 37.68 -15.94 -19.74
N LYS A 554 38.23 -15.30 -20.79
CA LYS A 554 39.05 -16.02 -21.75
C LYS A 554 40.35 -16.48 -21.07
N ALA A 555 40.76 -15.83 -19.96
CA ALA A 555 41.96 -16.13 -19.17
C ALA A 555 41.83 -17.37 -18.27
N SER A 556 40.62 -17.72 -17.73
CA SER A 556 40.41 -18.93 -16.91
C SER A 556 40.68 -20.16 -17.77
N LYS A 557 40.32 -20.07 -19.06
CA LYS A 557 40.37 -21.18 -19.98
C LYS A 557 41.81 -21.32 -20.52
N LYS A 558 42.58 -20.21 -20.60
CA LYS A 558 44.00 -20.23 -20.99
C LYS A 558 44.89 -20.93 -19.93
N LYS A 559 44.62 -20.72 -18.62
CA LYS A 559 45.42 -21.28 -17.52
C LYS A 559 45.21 -22.80 -17.33
N LEU A 560 44.02 -23.35 -17.72
CA LEU A 560 43.76 -24.79 -17.58
C LEU A 560 44.55 -25.50 -18.67
N TYR A 561 44.42 -24.96 -19.94
CA TYR A 561 45.34 -25.29 -21.02
C TYR A 561 46.73 -25.55 -20.45
N ASP A 562 47.25 -24.52 -19.74
CA ASP A 562 48.60 -24.43 -19.20
C ASP A 562 48.83 -25.54 -18.17
N PHE A 563 47.95 -25.52 -17.07
CA PHE A 563 48.14 -26.45 -15.95
C PHE A 563 47.77 -27.89 -16.41
N ILE A 564 47.26 -28.09 -17.70
CA ILE A 564 46.83 -29.39 -18.27
C ILE A 564 47.85 -30.05 -19.25
N LYS A 565 48.62 -29.23 -20.04
CA LYS A 565 49.68 -29.70 -20.95
C LYS A 565 51.02 -29.85 -20.21
N GLU A 566 51.12 -29.25 -18.99
CA GLU A 566 52.20 -29.50 -18.04
C GLU A 566 52.12 -30.95 -17.52
N GLU A 567 50.90 -31.55 -17.57
CA GLU A 567 50.69 -32.94 -17.18
C GLU A 567 51.06 -33.85 -18.34
N LEU A 568 50.72 -33.39 -19.56
CA LEU A 568 50.95 -34.11 -20.81
C LEU A 568 52.44 -34.45 -20.98
N LYS A 569 53.31 -33.98 -20.04
CA LYS A 569 54.62 -34.58 -19.78
C LYS A 569 54.81 -34.65 -18.25
N ASP B 46 15.73 64.32 -2.07
CA ASP B 46 16.24 63.84 -0.75
C ASP B 46 15.93 62.35 -0.50
N ASP B 47 15.96 61.55 -1.58
CA ASP B 47 15.52 60.14 -1.62
C ASP B 47 16.71 59.19 -1.68
N SER B 48 16.42 57.86 -1.65
CA SER B 48 17.39 56.75 -1.71
C SER B 48 18.05 56.59 -3.09
N TRP B 49 17.34 56.99 -4.16
CA TRP B 49 17.74 56.77 -5.53
C TRP B 49 18.16 58.05 -6.27
N ARG B 50 18.91 57.85 -7.39
CA ARG B 50 19.38 58.91 -8.28
C ARG B 50 19.16 58.45 -9.73
N GLY B 51 19.18 59.41 -10.67
CA GLY B 51 18.93 59.17 -12.08
C GLY B 51 17.43 59.24 -12.38
N VAL B 52 16.99 58.58 -13.46
CA VAL B 52 15.59 58.35 -13.78
C VAL B 52 14.84 57.65 -12.63
N SER B 53 13.50 57.84 -12.49
CA SER B 53 12.69 57.18 -11.45
C SER B 53 12.26 55.75 -11.82
N MET B 54 11.66 55.02 -10.85
CA MET B 54 11.19 53.67 -11.12
C MET B 54 10.04 53.66 -12.13
N GLU B 55 9.07 54.59 -12.02
CA GLU B 55 7.98 54.67 -12.99
C GLU B 55 8.58 54.78 -14.39
N ALA B 56 9.73 55.47 -14.46
CA ALA B 56 10.35 55.78 -15.73
C ALA B 56 11.03 54.52 -16.31
N ILE B 57 11.69 53.72 -15.45
CA ILE B 57 12.26 52.40 -15.78
C ILE B 57 11.18 51.50 -16.42
N HIS B 58 9.93 51.72 -16.00
CA HIS B 58 8.77 51.00 -16.48
C HIS B 58 8.03 51.75 -17.60
N ARG B 59 8.63 52.80 -18.17
CA ARG B 59 8.03 53.59 -19.25
C ARG B 59 6.62 54.10 -18.87
N ASN B 60 6.41 54.47 -17.58
CA ASN B 60 5.13 55.00 -17.10
C ASN B 60 3.97 54.05 -17.38
N ARG B 61 4.29 52.75 -17.38
CA ARG B 61 3.32 51.68 -17.52
C ARG B 61 3.45 50.86 -16.24
N GLN B 62 2.37 50.15 -15.88
CA GLN B 62 2.40 49.17 -14.80
C GLN B 62 3.54 48.17 -15.04
N PRO B 63 4.23 47.64 -13.99
CA PRO B 63 5.17 46.56 -14.22
C PRO B 63 4.34 45.42 -14.83
N PHE B 64 5.04 44.48 -15.48
CA PHE B 64 4.43 43.23 -15.92
C PHE B 64 3.74 43.38 -17.28
N GLU B 65 3.64 44.58 -17.85
CA GLU B 65 3.10 44.68 -19.18
C GLU B 65 4.13 44.22 -20.20
N LEU B 66 5.41 44.53 -19.97
CA LEU B 66 6.48 44.05 -20.82
C LEU B 66 7.04 42.72 -20.27
N GLU B 67 7.11 41.71 -21.16
CA GLU B 67 7.44 40.33 -20.83
C GLU B 67 8.89 40.03 -21.19
N ASN B 68 9.53 39.09 -20.44
CA ASN B 68 10.93 38.76 -20.64
C ASN B 68 11.14 37.58 -21.59
N LEU B 69 10.08 36.85 -21.89
CA LEU B 69 10.17 35.53 -22.50
C LEU B 69 8.85 35.31 -23.25
N PRO B 70 8.86 34.68 -24.43
CA PRO B 70 7.60 34.34 -25.11
C PRO B 70 6.81 33.34 -24.28
N PRO B 71 5.50 33.16 -24.55
CA PRO B 71 4.73 32.10 -23.92
C PRO B 71 5.34 30.71 -24.18
N VAL B 72 5.03 29.79 -23.28
CA VAL B 72 5.46 28.42 -23.43
C VAL B 72 4.77 27.82 -24.64
N THR B 73 5.56 27.34 -25.61
CA THR B 73 5.05 26.48 -26.67
C THR B 73 6.02 25.30 -26.79
N ALA B 74 5.46 24.09 -26.92
CA ALA B 74 6.27 22.90 -27.12
C ALA B 74 6.83 22.92 -28.53
N GLY B 75 8.14 22.69 -28.65
CA GLY B 75 8.78 22.75 -29.94
C GLY B 75 10.03 21.89 -29.94
N ASN B 76 10.63 21.88 -31.12
CA ASN B 76 11.97 21.39 -31.40
C ASN B 76 12.94 21.84 -30.30
N LEU B 77 12.86 23.12 -29.82
CA LEU B 77 13.83 23.75 -28.90
C LEU B 77 13.19 24.09 -27.55
N HIS B 78 12.02 23.54 -27.24
CA HIS B 78 11.39 23.80 -25.97
C HIS B 78 10.67 22.52 -25.53
N ARG B 79 11.24 21.82 -24.52
CA ARG B 79 10.58 20.65 -23.93
C ARG B 79 9.67 21.10 -22.80
N VAL B 80 8.45 20.54 -22.75
CA VAL B 80 7.43 20.90 -21.78
C VAL B 80 6.95 19.62 -21.08
N MET B 81 7.03 19.60 -19.75
CA MET B 81 6.91 18.36 -18.98
C MET B 81 5.45 18.09 -18.56
N TYR B 82 4.54 18.99 -19.00
CA TYR B 82 3.11 18.92 -18.72
C TYR B 82 2.34 19.15 -20.02
N GLN B 83 1.02 18.87 -19.95
CA GLN B 83 0.11 18.90 -21.09
C GLN B 83 -0.30 20.33 -21.38
N LEU B 84 -0.23 20.67 -22.68
CA LEU B 84 -0.63 21.98 -23.19
C LEU B 84 -1.92 21.88 -24.02
N PRO B 85 -2.85 22.86 -23.90
CA PRO B 85 -2.75 23.97 -22.95
C PRO B 85 -3.13 23.48 -21.56
N ILE B 86 -2.85 24.27 -20.52
CA ILE B 86 -3.15 23.88 -19.14
C ILE B 86 -4.64 24.09 -18.90
N ARG B 87 -5.37 23.01 -18.53
CA ARG B 87 -6.79 23.07 -18.12
C ARG B 87 -6.89 22.98 -16.59
N GLU B 88 -6.87 21.75 -16.08
CA GLU B 88 -6.78 21.46 -14.66
C GLU B 88 -5.48 22.01 -14.07
N THR B 89 -5.52 22.43 -12.78
CA THR B 89 -4.32 22.73 -12.01
C THR B 89 -4.26 21.81 -10.79
N PRO B 90 -3.06 21.37 -10.33
CA PRO B 90 -1.79 21.68 -11.01
C PRO B 90 -1.68 21.02 -12.40
N PRO B 91 -0.79 21.49 -13.29
CA PRO B 91 -0.75 20.99 -14.66
C PRO B 91 -0.59 19.48 -14.76
N ARG B 92 -1.21 18.89 -15.80
CA ARG B 92 -1.24 17.44 -15.91
C ARG B 92 0.07 16.99 -16.59
N PRO B 93 0.83 16.03 -16.03
CA PRO B 93 2.10 15.58 -16.63
C PRO B 93 1.96 15.03 -18.05
N TYR B 94 2.96 15.32 -18.90
CA TYR B 94 3.05 14.77 -20.25
C TYR B 94 3.64 13.35 -20.24
N LYS B 95 3.05 12.46 -21.06
CA LYS B 95 3.50 11.06 -21.13
C LYS B 95 4.27 10.80 -22.43
N SER B 96 5.52 10.34 -22.30
CA SER B 96 6.32 9.82 -23.40
C SER B 96 7.38 8.87 -22.83
N PRO B 97 7.89 7.96 -23.68
CA PRO B 97 8.86 6.97 -23.25
C PRO B 97 10.05 7.59 -22.53
N GLY B 98 10.35 6.96 -21.37
CA GLY B 98 11.53 7.20 -20.56
C GLY B 98 12.83 7.11 -21.35
N LYS B 99 13.84 7.83 -20.82
CA LYS B 99 15.17 7.84 -21.38
C LYS B 99 16.13 7.76 -20.23
N TRP B 100 17.07 6.83 -20.46
CA TRP B 100 18.21 6.57 -19.63
C TRP B 100 19.42 6.57 -20.55
N ASP B 101 20.00 7.77 -20.67
CA ASP B 101 21.05 8.03 -21.64
C ASP B 101 21.75 9.34 -21.25
N SER B 102 22.75 9.66 -22.09
CA SER B 102 23.68 10.74 -21.87
C SER B 102 23.07 12.11 -22.18
N GLU B 103 21.81 12.18 -22.70
CA GLU B 103 21.17 13.42 -23.18
C GLU B 103 20.06 13.90 -22.24
N HIS B 104 19.75 13.08 -21.23
CA HIS B 104 18.63 13.25 -20.32
C HIS B 104 19.06 12.92 -18.88
N VAL B 105 18.31 13.54 -17.96
CA VAL B 105 18.41 13.26 -16.55
C VAL B 105 18.19 11.75 -16.34
N ARG B 106 19.04 11.19 -15.47
CA ARG B 106 18.92 9.81 -14.99
C ARG B 106 18.00 9.82 -13.77
N LEU B 107 16.73 9.52 -14.01
CA LEU B 107 15.70 9.63 -12.98
C LEU B 107 15.91 8.52 -11.95
N PRO B 108 15.71 8.84 -10.66
CA PRO B 108 15.85 7.86 -9.60
C PRO B 108 14.96 6.63 -9.74
N CYS B 109 13.82 6.84 -10.41
CA CYS B 109 12.74 5.87 -10.53
C CYS B 109 12.87 5.01 -11.80
N ALA B 110 14.01 5.16 -12.53
CA ALA B 110 14.17 4.51 -13.82
C ALA B 110 14.35 3.01 -13.61
N PRO B 111 13.61 2.14 -14.32
CA PRO B 111 13.86 0.69 -14.28
C PRO B 111 15.33 0.27 -14.57
N GLU B 112 16.08 1.10 -15.32
CA GLU B 112 17.48 0.86 -15.61
C GLU B 112 18.42 1.19 -14.45
N SER B 113 17.96 1.89 -13.40
CA SER B 113 18.82 2.24 -12.26
C SER B 113 19.00 0.99 -11.41
N LYS B 114 20.20 0.39 -11.43
CA LYS B 114 20.50 -0.76 -10.57
C LYS B 114 21.55 -0.43 -9.49
N TYR B 115 21.63 -1.26 -8.46
CA TYR B 115 22.52 -0.93 -7.36
C TYR B 115 22.93 -2.25 -6.69
N PRO B 116 24.21 -2.43 -6.32
CA PRO B 116 24.60 -3.47 -5.36
C PRO B 116 24.22 -3.11 -3.93
N ARG B 117 23.67 -4.06 -3.18
CA ARG B 117 23.40 -3.93 -1.76
C ARG B 117 24.24 -4.98 -1.08
N GLU B 118 25.06 -4.58 -0.08
CA GLU B 118 25.61 -5.56 0.83
C GLU B 118 24.48 -5.96 1.80
N ASN B 119 24.45 -7.23 2.21
CA ASN B 119 23.42 -7.74 3.12
C ASN B 119 24.06 -8.03 4.49
N PRO B 120 23.25 -8.15 5.59
CA PRO B 120 23.75 -8.77 6.83
C PRO B 120 24.89 -9.79 6.62
N ASP B 121 24.64 -10.82 5.79
CA ASP B 121 25.51 -11.98 5.62
C ASP B 121 26.80 -11.70 4.84
N GLY B 122 27.01 -10.48 4.32
CA GLY B 122 28.26 -10.13 3.65
C GLY B 122 28.26 -10.33 2.12
N SER B 123 27.22 -10.95 1.55
CA SER B 123 27.02 -11.13 0.12
C SER B 123 26.41 -9.87 -0.53
N THR B 124 26.55 -9.81 -1.85
CA THR B 124 25.91 -8.79 -2.69
C THR B 124 24.59 -9.27 -3.30
N THR B 125 23.59 -8.39 -3.32
CA THR B 125 22.39 -8.48 -4.16
C THR B 125 22.35 -7.29 -5.11
N ILE B 126 22.27 -7.54 -6.42
CA ILE B 126 22.10 -6.46 -7.40
C ILE B 126 20.61 -6.25 -7.60
N ASP B 127 20.13 -5.04 -7.30
CA ASP B 127 18.69 -4.78 -7.24
C ASP B 127 18.41 -3.48 -7.97
N PHE B 128 17.12 -3.18 -8.13
CA PHE B 128 16.64 -1.89 -8.65
C PHE B 128 16.70 -0.85 -7.54
N ARG B 129 17.51 0.19 -7.78
CA ARG B 129 17.77 1.23 -6.80
C ARG B 129 16.46 1.93 -6.40
N TRP B 130 15.48 2.14 -7.33
CA TRP B 130 14.22 2.75 -6.94
C TRP B 130 13.44 1.93 -5.88
N GLU B 131 13.52 0.62 -6.04
CA GLU B 131 12.87 -0.30 -5.10
C GLU B 131 13.56 -0.25 -3.74
N MET B 132 14.87 -0.07 -3.74
CA MET B 132 15.65 0.05 -2.51
C MET B 132 15.32 1.38 -1.83
N ILE B 133 15.19 2.42 -2.62
CA ILE B 133 14.81 3.74 -2.13
C ILE B 133 13.45 3.68 -1.42
N GLU B 134 12.43 3.05 -2.07
CA GLU B 134 11.12 2.90 -1.45
C GLU B 134 11.23 2.20 -0.10
N ARG B 135 11.89 1.02 -0.09
CA ARG B 135 12.03 0.20 1.12
C ARG B 135 12.68 0.99 2.26
N ALA B 136 13.76 1.71 1.97
CA ALA B 136 14.47 2.49 2.97
C ALA B 136 13.61 3.61 3.55
N LEU B 137 12.88 4.32 2.68
CA LEU B 137 12.21 5.56 3.03
C LEU B 137 10.84 5.30 3.64
N LEU B 138 10.36 4.05 3.51
CA LEU B 138 9.08 3.66 4.11
C LEU B 138 9.28 2.85 5.40
N GLN B 139 10.53 2.51 5.78
CA GLN B 139 10.86 2.25 7.18
C GLN B 139 10.38 3.43 8.04
N PRO B 140 10.00 3.19 9.33
CA PRO B 140 9.86 4.31 10.26
C PRO B 140 11.22 5.00 10.47
N ILE B 141 11.19 6.32 10.54
CA ILE B 141 12.38 7.13 10.66
C ILE B 141 12.00 8.17 11.71
N LYS B 142 12.66 8.07 12.89
CA LYS B 142 12.20 8.80 14.06
C LYS B 142 13.30 9.72 14.56
N THR B 143 14.50 9.55 14.00
CA THR B 143 15.67 10.33 14.40
C THR B 143 16.56 10.63 13.20
N CYS B 144 17.48 11.57 13.43
CA CYS B 144 18.42 11.93 12.39
C CYS B 144 19.38 10.77 12.07
N GLU B 145 19.82 9.97 13.04
CA GLU B 145 20.67 8.82 12.72
C GLU B 145 19.97 7.96 11.67
N GLU B 146 18.66 7.72 11.84
CA GLU B 146 17.95 6.78 11.00
C GLU B 146 17.68 7.37 9.61
N LEU B 147 17.42 8.68 9.55
CA LEU B 147 17.33 9.35 8.26
C LEU B 147 18.64 9.21 7.47
N GLN B 148 19.77 9.54 8.10
CA GLN B 148 21.06 9.40 7.44
C GLN B 148 21.28 7.92 7.02
N ALA B 149 20.94 6.96 7.88
CA ALA B 149 21.17 5.56 7.57
C ALA B 149 20.35 5.15 6.35
N ALA B 150 19.07 5.58 6.30
CA ALA B 150 18.18 5.35 5.16
C ALA B 150 18.78 5.89 3.86
N ILE B 151 19.20 7.18 3.86
CA ILE B 151 19.80 7.80 2.69
C ILE B 151 21.08 7.08 2.26
N ILE B 152 21.95 6.73 3.23
CA ILE B 152 23.21 6.06 2.96
C ILE B 152 22.93 4.66 2.37
N SER B 153 21.79 4.04 2.73
CA SER B 153 21.50 2.67 2.33
C SER B 153 21.44 2.52 0.79
N TYR B 154 21.16 3.63 0.06
CA TYR B 154 21.17 3.62 -1.41
C TYR B 154 22.29 4.53 -1.96
N ASN B 155 23.28 4.82 -1.10
CA ASN B 155 24.44 5.64 -1.42
C ASN B 155 25.66 5.10 -0.67
N THR B 156 25.81 3.75 -0.63
CA THR B 156 26.67 3.06 0.36
C THR B 156 28.15 3.37 0.18
N THR B 157 28.56 3.73 -1.05
CA THR B 157 29.87 4.26 -1.40
C THR B 157 30.31 5.38 -0.44
N TYR B 158 29.33 6.12 0.09
CA TYR B 158 29.57 7.35 0.85
C TYR B 158 29.26 7.11 2.35
N ARG B 159 29.19 5.84 2.75
CA ARG B 159 29.05 5.46 4.16
C ARG B 159 29.98 6.26 5.08
N ASP B 160 31.28 6.38 4.73
CA ASP B 160 32.16 7.02 5.70
C ASP B 160 32.46 8.46 5.35
N GLN B 161 31.90 9.00 4.26
CA GLN B 161 32.17 10.37 3.83
C GLN B 161 31.05 11.29 4.37
N TRP B 162 29.81 10.76 4.44
CA TRP B 162 28.63 11.56 4.70
C TRP B 162 28.30 11.52 6.20
N HIS B 163 29.04 12.27 7.04
CA HIS B 163 28.42 12.75 8.27
C HIS B 163 27.47 13.85 7.81
N PHE B 164 26.20 13.73 8.17
CA PHE B 164 25.27 14.80 7.88
C PHE B 164 25.22 15.79 9.04
N ARG B 165 26.36 16.43 9.31
CA ARG B 165 26.60 17.21 10.52
C ARG B 165 25.63 18.39 10.67
N ALA B 166 25.26 19.06 9.57
CA ALA B 166 24.35 20.20 9.63
C ALA B 166 22.92 19.73 9.91
N LEU B 167 22.60 18.49 9.50
CA LEU B 167 21.28 17.95 9.72
C LEU B 167 21.13 17.54 11.19
N HIS B 168 22.14 16.85 11.73
CA HIS B 168 22.23 16.56 13.16
C HIS B 168 22.22 17.89 13.94
N GLN B 169 22.88 18.94 13.48
CA GLN B 169 22.94 20.17 14.27
C GLN B 169 21.54 20.80 14.29
N LEU B 170 20.85 20.82 13.16
CA LEU B 170 19.57 21.49 13.10
C LEU B 170 18.55 20.70 13.93
N LEU B 171 18.48 19.37 13.73
CA LEU B 171 17.42 18.59 14.34
C LEU B 171 17.71 18.23 15.80
N ASP B 172 18.98 18.12 16.21
CA ASP B 172 19.35 17.67 17.54
C ASP B 172 19.70 18.88 18.44
N GLU B 173 20.12 20.02 17.91
CA GLU B 173 20.59 21.16 18.72
C GLU B 173 19.73 22.42 18.53
N GLU B 174 19.38 22.76 17.28
CA GLU B 174 18.73 24.00 16.95
C GLU B 174 17.22 23.99 17.24
N LEU B 175 16.52 22.93 16.85
CA LEU B 175 15.09 22.80 17.11
C LEU B 175 14.86 22.24 18.52
N ASP B 176 13.73 22.63 19.13
CA ASP B 176 13.38 22.11 20.45
C ASP B 176 12.75 20.73 20.25
N GLU B 177 12.59 19.95 21.33
CA GLU B 177 12.11 18.58 21.25
C GLU B 177 10.87 18.47 20.37
N SER B 178 10.02 19.51 20.40
CA SER B 178 8.67 19.45 19.86
C SER B 178 8.68 19.76 18.36
N GLU B 179 9.60 20.62 17.93
CA GLU B 179 9.72 20.96 16.52
C GLU B 179 10.41 19.83 15.76
N THR B 180 11.28 19.09 16.46
CA THR B 180 11.98 17.94 15.90
C THR B 180 11.01 16.77 15.75
N ARG B 181 10.09 16.61 16.71
CA ARG B 181 9.04 15.61 16.63
C ARG B 181 8.18 15.97 15.40
N VAL B 182 7.91 17.25 15.17
CA VAL B 182 7.05 17.64 14.05
C VAL B 182 7.74 17.35 12.70
N PHE B 183 9.06 17.58 12.62
CA PHE B 183 9.82 17.19 11.45
C PHE B 183 9.63 15.71 11.14
N PHE B 184 9.75 14.82 12.12
CA PHE B 184 9.65 13.39 11.86
C PHE B 184 8.21 12.89 11.74
N GLU B 185 7.23 13.56 12.35
CA GLU B 185 5.85 13.10 12.34
C GLU B 185 5.10 13.68 11.14
N ASP B 186 5.46 14.91 10.75
CA ASP B 186 4.71 15.59 9.73
C ASP B 186 5.55 15.78 8.46
N LEU B 187 6.64 16.57 8.52
CA LEU B 187 7.25 17.15 7.33
C LEU B 187 7.99 16.07 6.56
N LEU B 188 8.86 15.31 7.25
CA LEU B 188 9.66 14.33 6.56
C LEU B 188 8.75 13.36 5.84
N PRO B 189 7.70 12.80 6.46
CA PRO B 189 6.79 11.91 5.74
C PRO B 189 6.21 12.54 4.47
N ARG B 190 5.94 13.86 4.52
CA ARG B 190 5.38 14.58 3.37
C ARG B 190 6.39 14.69 2.23
N ILE B 191 7.67 14.94 2.58
CA ILE B 191 8.77 15.04 1.62
C ILE B 191 8.96 13.66 0.99
N ILE B 192 8.85 12.60 1.80
CA ILE B 192 9.04 11.25 1.29
C ILE B 192 7.90 10.88 0.34
N ARG B 193 6.67 11.20 0.72
CA ARG B 193 5.56 10.76 -0.09
C ARG B 193 5.59 11.50 -1.42
N LEU B 194 5.99 12.77 -1.37
CA LEU B 194 6.16 13.56 -2.61
C LEU B 194 7.29 13.00 -3.48
N ALA B 195 8.44 12.72 -2.88
CA ALA B 195 9.55 12.16 -3.65
C ALA B 195 9.10 10.86 -4.34
N LEU B 196 8.35 10.02 -3.60
CA LEU B 196 7.99 8.71 -4.14
C LEU B 196 6.89 8.75 -5.20
N ARG B 197 6.28 9.93 -5.42
CA ARG B 197 5.35 10.11 -6.52
C ARG B 197 6.04 10.52 -7.85
N LEU B 198 7.36 10.40 -7.92
CA LEU B 198 8.10 10.86 -9.08
C LEU B 198 7.59 10.20 -10.36
N PRO B 199 7.39 8.86 -10.44
CA PRO B 199 6.88 8.25 -11.67
C PRO B 199 5.46 8.67 -12.06
N ASP B 200 4.67 9.23 -11.11
CA ASP B 200 3.38 9.83 -11.35
C ASP B 200 3.48 11.26 -11.88
N LEU B 201 4.49 12.02 -11.41
CA LEU B 201 4.62 13.46 -11.71
C LEU B 201 5.57 13.77 -12.87
N ILE B 202 6.55 12.90 -13.07
CA ILE B 202 7.45 12.96 -14.23
C ILE B 202 7.25 11.70 -15.06
N GLN B 203 6.58 11.88 -16.21
CA GLN B 203 6.09 10.80 -17.06
C GLN B 203 6.62 10.92 -18.49
N SER B 204 7.66 11.72 -18.63
CA SER B 204 8.32 12.09 -19.86
C SER B 204 9.80 12.27 -19.45
N PRO B 205 10.76 12.04 -20.38
CA PRO B 205 12.18 12.27 -20.09
C PRO B 205 12.43 13.73 -19.80
N VAL B 206 13.36 14.01 -18.88
CA VAL B 206 13.82 15.37 -18.61
C VAL B 206 15.17 15.58 -19.33
N PRO B 207 15.19 16.44 -20.35
CA PRO B 207 16.43 16.68 -21.12
C PRO B 207 17.43 17.54 -20.34
N LEU B 208 18.70 17.31 -20.65
CA LEU B 208 19.76 18.16 -20.13
C LEU B 208 19.85 19.40 -21.02
N LEU B 209 20.20 20.54 -20.45
CA LEU B 209 20.45 21.73 -21.24
C LEU B 209 21.96 21.86 -21.36
N LYS B 210 22.46 21.34 -22.48
CA LYS B 210 23.90 21.30 -22.66
C LYS B 210 24.41 22.55 -23.34
N HIS B 211 25.75 22.69 -23.21
CA HIS B 211 26.68 23.57 -23.93
C HIS B 211 26.20 23.79 -25.35
N HIS B 212 26.04 25.07 -25.70
CA HIS B 212 26.11 25.56 -27.07
C HIS B 212 24.81 25.25 -27.77
N LYS B 213 23.75 24.97 -26.98
CA LYS B 213 22.43 24.75 -27.53
C LYS B 213 21.47 25.70 -26.83
N ASN B 214 20.87 26.57 -27.66
CA ASN B 214 19.70 27.34 -27.31
C ASN B 214 18.49 26.44 -27.14
N ALA B 215 18.01 26.34 -25.89
CA ALA B 215 16.87 25.48 -25.63
C ALA B 215 16.17 25.96 -24.36
N SER B 216 14.91 25.55 -24.22
CA SER B 216 14.09 25.84 -23.05
C SER B 216 13.56 24.52 -22.47
N LEU B 217 13.37 24.50 -21.15
CA LEU B 217 12.62 23.44 -20.51
C LEU B 217 11.63 24.09 -19.55
N SER B 218 10.37 23.63 -19.61
CA SER B 218 9.30 24.12 -18.73
C SER B 218 8.69 22.93 -17.94
N LEU B 219 8.54 23.15 -16.62
CA LEU B 219 8.02 22.18 -15.67
C LEU B 219 6.99 22.88 -14.78
N SER B 220 6.05 22.07 -14.25
CA SER B 220 5.13 22.60 -13.29
C SER B 220 5.89 22.82 -11.98
N GLN B 221 5.44 23.78 -11.18
CA GLN B 221 5.99 23.96 -9.85
C GLN B 221 5.88 22.67 -9.02
N GLN B 222 4.80 21.94 -9.27
CA GLN B 222 4.54 20.69 -8.59
C GLN B 222 5.62 19.66 -9.00
N GLN B 223 5.85 19.49 -10.31
CA GLN B 223 6.90 18.61 -10.78
C GLN B 223 8.24 18.99 -10.15
N ILE B 224 8.53 20.30 -10.04
CA ILE B 224 9.76 20.74 -9.39
C ILE B 224 9.85 20.35 -7.90
N SER B 225 8.75 20.48 -7.15
CA SER B 225 8.72 20.06 -5.74
C SER B 225 9.14 18.59 -5.58
N CYS B 226 8.68 17.78 -6.52
CA CYS B 226 8.93 16.35 -6.51
C CYS B 226 10.42 16.08 -6.77
N LEU B 227 10.98 16.71 -7.83
CA LEU B 227 12.41 16.58 -8.15
C LEU B 227 13.25 17.02 -6.96
N LEU B 228 12.84 18.13 -6.30
CA LEU B 228 13.62 18.66 -5.20
C LEU B 228 13.46 17.75 -3.95
N ALA B 229 12.29 17.13 -3.75
CA ALA B 229 12.12 16.22 -2.62
C ALA B 229 13.04 15.02 -2.81
N ASN B 230 13.18 14.56 -4.06
CA ASN B 230 14.16 13.54 -4.41
C ASN B 230 15.60 13.98 -4.08
N ALA B 231 15.95 15.22 -4.42
CA ALA B 231 17.28 15.73 -4.16
C ALA B 231 17.54 15.85 -2.65
N PHE B 232 16.52 16.28 -1.93
CA PHE B 232 16.62 16.35 -0.48
C PHE B 232 17.02 15.00 0.11
N LEU B 233 16.47 13.92 -0.49
CA LEU B 233 16.71 12.55 -0.04
C LEU B 233 17.85 11.89 -0.85
N CYS B 234 18.59 12.70 -1.59
CA CYS B 234 19.80 12.29 -2.28
C CYS B 234 19.55 11.09 -3.18
N THR B 235 18.46 11.13 -3.97
CA THR B 235 18.09 9.96 -4.75
C THR B 235 18.60 10.03 -6.19
N PHE B 236 19.14 11.17 -6.66
CA PHE B 236 19.53 11.24 -8.07
C PHE B 236 20.79 10.43 -8.34
N PRO B 237 20.69 9.35 -9.15
CA PRO B 237 21.80 8.44 -9.40
C PRO B 237 22.82 9.04 -10.37
N ARG B 238 24.09 8.62 -10.18
CA ARG B 238 25.24 8.98 -11.02
C ARG B 238 25.62 10.46 -10.93
N ARG B 239 25.19 11.10 -9.83
CA ARG B 239 25.37 12.53 -9.60
C ARG B 239 26.15 12.75 -8.31
N ASN B 240 26.76 11.70 -7.73
CA ASN B 240 27.54 11.81 -6.50
C ASN B 240 29.04 11.65 -6.73
N THR B 241 29.45 10.78 -7.67
CA THR B 241 30.86 10.56 -7.95
C THR B 241 31.60 11.92 -8.01
N LEU B 242 32.75 11.99 -7.35
CA LEU B 242 33.54 13.23 -7.28
C LEU B 242 34.67 13.17 -8.34
N LYS B 243 34.80 12.05 -9.08
CA LYS B 243 35.91 11.78 -10.02
C LYS B 243 35.89 12.83 -11.15
N ARG B 244 37.09 13.25 -11.59
CA ARG B 244 37.25 14.39 -12.48
C ARG B 244 36.50 14.23 -13.80
N LYS B 245 36.56 13.06 -14.44
CA LYS B 245 35.97 12.92 -15.77
C LYS B 245 34.99 11.74 -15.81
N SER B 246 33.92 11.72 -14.99
CA SER B 246 32.74 10.97 -15.43
C SER B 246 31.61 11.94 -15.82
N GLU B 247 30.44 11.43 -16.25
CA GLU B 247 29.55 12.07 -17.23
C GLU B 247 29.10 13.49 -16.83
N TYR B 248 28.86 13.71 -15.53
CA TYR B 248 28.16 14.89 -15.01
C TYR B 248 29.19 15.79 -14.30
N SER B 249 30.48 15.64 -14.63
CA SER B 249 31.49 16.49 -14.01
C SER B 249 31.46 17.92 -14.53
N THR B 250 30.77 18.20 -15.66
CA THR B 250 30.49 19.58 -16.10
C THR B 250 29.11 20.10 -15.65
N PHE B 251 28.44 19.39 -14.73
CA PHE B 251 27.11 19.81 -14.26
C PHE B 251 27.17 20.09 -12.77
N PRO B 252 26.30 20.93 -12.21
CA PRO B 252 26.29 21.13 -10.76
C PRO B 252 25.86 19.87 -10.00
N ASP B 253 26.13 19.87 -8.68
CA ASP B 253 25.50 18.90 -7.80
C ASP B 253 24.03 19.27 -7.66
N ILE B 254 23.22 18.26 -7.32
CA ILE B 254 21.78 18.36 -7.16
C ILE B 254 21.35 17.64 -5.85
N ASN B 255 21.90 16.44 -5.53
CA ASN B 255 21.63 15.82 -4.23
C ASN B 255 22.09 16.79 -3.14
N PHE B 256 21.34 16.88 -2.03
CA PHE B 256 21.53 17.92 -1.04
C PHE B 256 22.60 17.52 -0.02
N ASN B 257 23.23 16.37 -0.18
CA ASN B 257 24.19 15.85 0.79
C ASN B 257 25.26 16.88 1.17
N ARG B 258 25.82 17.61 0.22
CA ARG B 258 26.92 18.54 0.47
C ARG B 258 26.46 19.67 1.39
N LEU B 259 25.16 19.98 1.37
CA LEU B 259 24.60 20.93 2.33
C LEU B 259 24.62 20.34 3.75
N TYR B 260 24.14 19.11 3.84
CA TYR B 260 24.06 18.40 5.11
C TYR B 260 25.45 18.19 5.71
N GLN B 261 26.50 18.09 4.88
CA GLN B 261 27.89 17.97 5.35
C GLN B 261 28.50 19.30 5.84
N SER B 262 27.97 20.46 5.50
CA SER B 262 28.64 21.73 5.75
C SER B 262 28.39 22.23 7.16
N THR B 263 28.90 23.47 7.43
CA THR B 263 29.11 24.00 8.77
C THR B 263 28.76 25.48 8.83
N GLY B 264 28.54 25.93 10.06
CA GLY B 264 28.20 27.30 10.40
C GLY B 264 26.70 27.58 10.46
N PRO B 265 26.28 28.74 11.00
CA PRO B 265 24.87 29.08 11.14
C PRO B 265 24.14 29.32 9.81
N ALA B 266 24.88 29.83 8.80
CA ALA B 266 24.33 30.18 7.51
C ALA B 266 23.69 28.92 6.91
N VAL B 267 24.41 27.80 7.01
CA VAL B 267 23.94 26.48 6.58
C VAL B 267 22.65 26.07 7.28
N LEU B 268 22.53 26.15 8.62
CA LEU B 268 21.27 25.81 9.29
C LEU B 268 20.13 26.67 8.77
N GLU B 269 20.42 27.96 8.51
CA GLU B 269 19.40 28.88 8.07
C GLU B 269 18.93 28.55 6.65
N LYS B 270 19.85 28.05 5.80
CA LYS B 270 19.44 27.66 4.46
C LYS B 270 18.56 26.40 4.56
N LEU B 271 18.95 25.47 5.42
CA LEU B 271 18.14 24.29 5.70
C LEU B 271 16.75 24.67 6.17
N LYS B 272 16.64 25.70 7.03
CA LYS B 272 15.34 26.15 7.49
C LYS B 272 14.49 26.64 6.32
N CYS B 273 15.12 27.37 5.36
CA CYS B 273 14.42 27.88 4.17
C CYS B 273 13.82 26.76 3.33
N ILE B 274 14.61 25.68 3.26
CA ILE B 274 14.31 24.50 2.48
C ILE B 274 13.17 23.69 3.15
N MET B 275 13.26 23.50 4.48
CA MET B 275 12.21 22.88 5.27
C MET B 275 10.88 23.60 5.00
N HIS B 276 10.95 24.93 5.06
CA HIS B 276 9.79 25.78 4.96
C HIS B 276 9.17 25.69 3.57
N TYR B 277 10.03 25.62 2.52
CA TYR B 277 9.58 25.40 1.16
C TYR B 277 8.73 24.14 1.13
N PHE B 278 9.22 23.06 1.73
CA PHE B 278 8.45 21.83 1.66
C PHE B 278 7.15 21.92 2.45
N ARG B 279 7.17 22.70 3.55
CA ARG B 279 5.96 22.88 4.34
C ARG B 279 4.93 23.57 3.47
N ARG B 280 5.35 24.50 2.65
CA ARG B 280 4.45 25.28 1.80
C ARG B 280 3.87 24.44 0.65
N VAL B 281 4.71 23.62 -0.02
CA VAL B 281 4.35 23.07 -1.31
C VAL B 281 3.97 21.59 -1.21
N CYS B 282 4.30 20.90 -0.11
CA CYS B 282 3.86 19.53 0.01
C CYS B 282 2.37 19.47 0.39
N PRO B 283 1.62 18.50 -0.18
CA PRO B 283 0.25 18.27 0.28
C PRO B 283 0.29 17.90 1.77
N THR B 284 -0.76 18.33 2.50
CA THR B 284 -0.92 18.12 3.94
C THR B 284 -1.70 16.84 4.14
N GLU B 285 -1.83 16.37 5.38
CA GLU B 285 -2.69 15.21 5.69
C GLU B 285 -4.06 15.44 5.07
N ARG B 286 -4.58 16.68 5.21
CA ARG B 286 -5.91 17.06 4.75
C ARG B 286 -6.03 16.98 3.23
N ASP B 287 -5.28 17.79 2.51
CA ASP B 287 -5.59 18.00 1.10
C ASP B 287 -4.39 18.62 0.41
N ALA B 288 -4.54 18.79 -0.91
CA ALA B 288 -3.47 19.24 -1.75
C ALA B 288 -3.75 20.65 -2.27
N SER B 289 -4.47 21.47 -1.50
CA SER B 289 -4.93 22.74 -2.02
C SER B 289 -3.82 23.78 -1.93
N ASN B 290 -2.80 23.55 -1.09
CA ASN B 290 -1.65 24.43 -0.91
C ASN B 290 -0.58 24.22 -2.03
N VAL B 291 -0.69 23.10 -2.77
CA VAL B 291 0.25 22.72 -3.82
C VAL B 291 0.25 23.82 -4.90
N PRO B 292 1.42 24.37 -5.27
CA PRO B 292 1.49 25.40 -6.29
C PRO B 292 1.05 24.95 -7.68
N THR B 293 0.42 25.94 -8.35
CA THR B 293 -0.48 25.71 -9.48
C THR B 293 0.21 25.93 -10.81
N GLY B 294 1.38 26.59 -10.81
CA GLY B 294 1.91 27.13 -12.04
C GLY B 294 3.09 26.38 -12.62
N VAL B 295 3.92 27.17 -13.32
CA VAL B 295 5.01 26.73 -14.18
C VAL B 295 6.25 27.59 -13.95
N VAL B 296 7.42 26.95 -14.15
CA VAL B 296 8.73 27.58 -14.29
C VAL B 296 9.41 27.11 -15.58
N THR B 297 10.10 28.07 -16.21
CA THR B 297 10.76 27.86 -17.50
C THR B 297 12.23 28.23 -17.31
N PHE B 298 13.08 27.35 -17.84
CA PHE B 298 14.52 27.52 -17.82
C PHE B 298 14.95 27.63 -19.29
N VAL B 299 15.71 28.69 -19.61
CA VAL B 299 16.15 28.95 -20.98
C VAL B 299 17.65 29.12 -21.02
N ARG B 300 18.33 28.20 -21.71
CA ARG B 300 19.74 28.36 -21.96
C ARG B 300 19.90 29.24 -23.21
N ARG B 301 20.48 30.44 -22.97
CA ARG B 301 20.86 31.38 -24.02
CA ARG B 301 20.82 31.36 -24.07
C ARG B 301 22.29 31.06 -24.41
N SER B 302 22.53 30.73 -25.69
CA SER B 302 23.86 30.42 -26.15
C SER B 302 24.16 31.27 -27.39
N GLY B 303 25.02 32.28 -27.24
CA GLY B 303 25.31 33.21 -28.33
C GLY B 303 26.14 32.61 -29.47
N LEU B 304 25.70 32.84 -30.72
CA LEU B 304 26.44 32.43 -31.93
C LEU B 304 27.46 33.49 -32.30
N PRO B 305 28.49 33.23 -33.13
CA PRO B 305 29.41 34.29 -33.57
C PRO B 305 28.72 35.46 -34.26
N GLU B 306 27.62 35.20 -34.98
CA GLU B 306 26.81 36.33 -35.44
C GLU B 306 26.20 37.22 -34.34
N HIS B 307 26.13 36.80 -33.07
CA HIS B 307 25.51 37.64 -32.06
C HIS B 307 26.53 38.58 -31.44
N LEU B 308 27.84 38.22 -31.62
CA LEU B 308 28.95 38.90 -30.95
C LEU B 308 28.98 40.38 -31.35
N ILE B 309 28.92 41.26 -30.36
CA ILE B 309 29.02 42.68 -30.64
C ILE B 309 30.51 43.05 -30.78
N ASP B 310 30.81 43.78 -31.88
CA ASP B 310 32.03 44.58 -32.00
C ASP B 310 31.77 45.94 -31.32
N TRP B 311 32.38 46.12 -30.14
CA TRP B 311 32.07 47.19 -29.20
C TRP B 311 32.56 48.56 -29.70
N SER B 312 33.59 48.57 -30.58
CA SER B 312 34.15 49.78 -31.19
C SER B 312 33.28 50.31 -32.34
N GLN B 313 32.15 49.64 -32.66
CA GLN B 313 31.18 50.08 -33.65
C GLN B 313 29.83 50.47 -33.05
N SER B 314 29.64 50.35 -31.72
CA SER B 314 28.35 50.68 -31.13
C SER B 314 28.22 52.19 -31.01
N ALA B 315 27.29 52.70 -31.83
CA ALA B 315 26.96 54.12 -31.87
C ALA B 315 25.88 54.47 -30.82
N ALA B 316 25.63 53.60 -29.83
CA ALA B 316 24.51 53.82 -28.93
C ALA B 316 24.94 54.84 -27.88
N PRO B 317 24.18 55.95 -27.70
CA PRO B 317 24.46 56.90 -26.62
C PRO B 317 24.21 56.27 -25.26
N LEU B 318 25.24 56.28 -24.42
CA LEU B 318 25.21 55.84 -23.03
C LEU B 318 24.24 56.62 -22.16
N GLY B 319 23.95 57.88 -22.51
CA GLY B 319 23.14 58.71 -21.61
C GLY B 319 21.66 58.53 -21.88
N ASP B 320 21.37 57.93 -23.06
CA ASP B 320 20.00 57.66 -23.46
C ASP B 320 19.44 56.46 -22.72
N VAL B 321 20.29 55.74 -21.95
CA VAL B 321 19.89 54.67 -21.04
C VAL B 321 19.17 55.28 -19.85
N PRO B 322 17.86 54.97 -19.64
CA PRO B 322 17.18 55.37 -18.40
C PRO B 322 17.83 54.64 -17.24
N LEU B 323 18.68 55.38 -16.49
CA LEU B 323 19.43 54.77 -15.42
C LEU B 323 18.86 55.22 -14.06
N HIS B 324 18.59 54.22 -13.20
CA HIS B 324 18.03 54.39 -11.88
C HIS B 324 18.96 53.70 -10.88
N VAL B 325 19.75 54.47 -10.10
CA VAL B 325 20.72 53.92 -9.19
C VAL B 325 20.23 54.13 -7.77
N ASP B 326 20.01 53.03 -7.01
CA ASP B 326 19.34 53.06 -5.71
C ASP B 326 20.28 52.47 -4.64
N ALA B 327 20.42 53.18 -3.52
CA ALA B 327 21.32 52.79 -2.45
C ALA B 327 20.54 52.04 -1.37
N GLU B 328 19.21 52.09 -1.47
CA GLU B 328 18.37 51.21 -0.68
C GLU B 328 17.75 50.17 -1.62
N GLY B 329 16.95 49.26 -1.01
CA GLY B 329 16.28 48.22 -1.76
C GLY B 329 17.19 47.07 -2.22
N THR B 330 16.50 46.04 -2.75
CA THR B 330 17.07 44.84 -3.34
C THR B 330 16.54 44.60 -4.76
N ILE B 331 17.32 43.86 -5.55
CA ILE B 331 16.89 43.33 -6.85
C ILE B 331 15.58 42.54 -6.72
N GLU B 332 15.46 41.66 -5.70
CA GLU B 332 14.31 40.74 -5.61
C GLU B 332 12.99 41.43 -5.24
N ASP B 333 13.09 42.53 -4.47
CA ASP B 333 11.96 43.28 -3.94
C ASP B 333 11.59 44.40 -4.91
N GLU B 334 12.55 45.30 -5.18
CA GLU B 334 12.29 46.52 -5.95
C GLU B 334 12.38 46.25 -7.46
N GLY B 335 13.01 45.13 -7.88
CA GLY B 335 13.16 44.79 -9.29
C GLY B 335 11.98 44.03 -9.89
N ILE B 336 10.76 44.11 -9.34
CA ILE B 336 9.60 43.42 -9.92
C ILE B 336 9.28 43.95 -11.32
N GLY B 337 8.96 43.02 -12.24
CA GLY B 337 8.70 43.29 -13.65
C GLY B 337 9.98 43.37 -14.50
N LEU B 338 11.15 43.47 -13.87
CA LEU B 338 12.41 43.59 -14.59
C LEU B 338 13.15 42.25 -14.64
N LEU B 339 14.13 42.18 -15.56
CA LEU B 339 15.06 41.08 -15.64
C LEU B 339 16.07 41.24 -14.51
N GLN B 340 15.84 40.50 -13.42
CA GLN B 340 16.67 40.42 -12.22
C GLN B 340 17.90 39.55 -12.47
N VAL B 341 19.08 40.04 -12.05
CA VAL B 341 20.34 39.35 -12.25
C VAL B 341 20.69 38.51 -11.03
N ASP B 342 21.16 37.29 -11.36
CA ASP B 342 21.78 36.35 -10.46
C ASP B 342 23.27 36.43 -10.74
N PHE B 343 24.03 36.83 -9.70
CA PHE B 343 25.49 36.92 -9.74
C PHE B 343 26.01 35.52 -9.58
N ALA B 344 26.01 34.81 -10.70
CA ALA B 344 26.03 33.38 -10.70
C ALA B 344 27.46 32.87 -10.70
N ASN B 345 27.59 31.60 -10.33
CA ASN B 345 28.74 30.76 -10.59
C ASN B 345 28.51 30.05 -11.92
N LYS B 346 29.61 29.67 -12.61
CA LYS B 346 29.51 28.96 -13.89
C LYS B 346 28.70 27.68 -13.67
N TYR B 347 28.88 27.06 -12.45
CA TYR B 347 27.98 26.03 -11.95
C TYR B 347 26.74 26.65 -11.27
N LEU B 348 25.56 26.44 -11.88
CA LEU B 348 24.35 27.12 -11.44
C LEU B 348 24.13 26.89 -9.95
N GLY B 349 23.88 27.98 -9.22
CA GLY B 349 23.48 27.87 -7.82
C GLY B 349 24.68 28.03 -6.89
N GLY B 350 25.90 27.90 -7.44
CA GLY B 350 27.09 28.07 -6.67
C GLY B 350 27.21 27.05 -5.52
N GLY B 351 27.52 27.54 -4.32
CA GLY B 351 27.71 26.68 -3.16
C GLY B 351 26.48 26.67 -2.25
N VAL B 352 25.29 26.92 -2.81
CA VAL B 352 24.07 26.81 -2.02
C VAL B 352 24.00 25.42 -1.34
N LEU B 353 24.40 24.36 -2.02
CA LEU B 353 24.57 23.04 -1.40
C LEU B 353 26.02 22.88 -0.98
N GLY B 354 26.34 23.46 0.19
CA GLY B 354 27.72 23.70 0.60
C GLY B 354 27.77 24.94 1.47
N HIS B 355 28.93 25.61 1.55
CA HIS B 355 29.07 26.74 2.48
C HIS B 355 28.52 28.07 1.94
N GLY B 356 28.39 28.24 0.62
CA GLY B 356 28.00 29.53 0.03
C GLY B 356 26.66 30.10 0.55
N CYS B 357 26.66 31.39 0.88
CA CYS B 357 25.44 32.10 1.22
C CYS B 357 25.47 33.61 0.88
N VAL B 358 25.80 33.97 -0.36
CA VAL B 358 25.69 35.35 -0.83
C VAL B 358 24.52 35.49 -1.83
N GLN B 359 24.60 36.38 -2.83
CA GLN B 359 23.39 36.81 -3.54
C GLN B 359 22.69 35.63 -4.24
N GLU B 360 23.50 34.79 -4.89
CA GLU B 360 22.99 33.65 -5.65
C GLU B 360 22.38 32.66 -4.67
N GLU B 361 23.16 32.20 -3.69
CA GLU B 361 22.71 31.15 -2.79
C GLU B 361 21.43 31.56 -2.04
N ILE B 362 21.36 32.84 -1.66
CA ILE B 362 20.23 33.37 -0.90
C ILE B 362 19.00 33.26 -1.76
N ARG B 363 19.13 33.65 -3.03
CA ARG B 363 17.97 33.68 -3.89
C ARG B 363 17.50 32.25 -4.20
N PHE B 364 18.43 31.31 -4.25
CA PHE B 364 18.11 29.93 -4.52
C PHE B 364 17.45 29.27 -3.31
N VAL B 365 17.47 29.86 -2.09
CA VAL B 365 16.81 29.22 -0.94
C VAL B 365 15.49 29.90 -0.55
N ILE B 366 15.36 31.18 -0.87
CA ILE B 366 14.09 31.87 -0.72
C ILE B 366 13.17 31.56 -1.90
N CYS B 367 13.73 31.21 -3.07
CA CYS B 367 12.99 30.81 -4.27
C CYS B 367 13.50 29.44 -4.70
N PRO B 368 13.20 28.37 -3.95
CA PRO B 368 13.92 27.11 -4.12
C PRO B 368 13.72 26.40 -5.45
N GLU B 369 12.68 26.79 -6.21
CA GLU B 369 12.45 26.14 -7.51
C GLU B 369 13.65 26.36 -8.40
N LEU B 370 14.44 27.44 -8.15
CA LEU B 370 15.64 27.70 -8.94
C LEU B 370 16.60 26.53 -8.86
N LEU B 371 16.60 25.86 -7.70
CA LEU B 371 17.56 24.79 -7.45
C LEU B 371 17.45 23.73 -8.52
N VAL B 372 16.25 23.50 -9.08
CA VAL B 372 16.08 22.37 -9.98
C VAL B 372 16.90 22.61 -11.25
N GLY B 373 17.25 23.88 -11.55
CA GLY B 373 18.12 24.14 -12.69
C GLY B 373 19.43 23.36 -12.57
N LYS B 374 19.84 23.09 -11.33
CA LYS B 374 21.08 22.35 -11.08
C LYS B 374 21.00 20.92 -11.62
N LEU B 375 19.77 20.40 -11.68
CA LEU B 375 19.57 19.01 -12.11
C LEU B 375 20.00 18.83 -13.56
N PHE B 376 19.73 19.82 -14.43
CA PHE B 376 19.82 19.63 -15.88
C PHE B 376 20.59 20.73 -16.59
N THR B 377 21.19 21.70 -15.88
CA THR B 377 21.89 22.77 -16.57
C THR B 377 23.42 22.60 -16.54
N GLU B 378 24.00 22.26 -17.71
CA GLU B 378 25.46 22.15 -17.88
C GLU B 378 26.07 23.50 -17.54
N CYS B 379 27.33 23.52 -17.04
CA CYS B 379 27.91 24.78 -16.62
C CYS B 379 28.05 25.70 -17.84
N LEU B 380 27.98 27.00 -17.54
CA LEU B 380 27.88 28.06 -18.53
C LEU B 380 29.26 28.32 -19.12
N ARG B 381 29.29 28.35 -20.47
CA ARG B 381 30.48 28.74 -21.18
C ARG B 381 30.44 30.27 -21.25
N PRO B 382 31.57 30.91 -21.67
CA PRO B 382 31.68 32.39 -21.68
C PRO B 382 30.58 33.16 -22.43
N PHE B 383 30.01 32.56 -23.49
CA PHE B 383 28.98 33.29 -24.24
C PHE B 383 27.61 32.66 -24.02
N GLU B 384 27.33 32.24 -22.77
CA GLU B 384 26.02 31.66 -22.43
C GLU B 384 25.46 32.28 -21.15
N ALA B 385 24.13 32.16 -21.00
CA ALA B 385 23.42 32.58 -19.79
C ALA B 385 22.21 31.67 -19.60
N LEU B 386 21.63 31.70 -18.40
CA LEU B 386 20.42 30.95 -18.15
C LEU B 386 19.36 31.86 -17.56
N VAL B 387 18.19 31.88 -18.21
CA VAL B 387 17.06 32.65 -17.76
C VAL B 387 16.05 31.73 -17.10
N MET B 388 15.58 32.16 -15.93
CA MET B 388 14.69 31.39 -15.11
C MET B 388 13.46 32.27 -14.83
N LEU B 389 12.31 31.87 -15.38
CA LEU B 389 11.07 32.63 -15.19
C LEU B 389 10.01 31.74 -14.54
N GLY B 390 9.41 32.25 -13.45
CA GLY B 390 8.34 31.54 -12.77
C GLY B 390 8.58 31.19 -11.28
N ALA B 391 9.83 31.28 -10.80
CA ALA B 391 10.17 30.84 -9.45
C ALA B 391 9.49 31.71 -8.40
N GLU B 392 8.65 31.02 -7.61
CA GLU B 392 7.97 31.54 -6.45
C GLU B 392 8.94 31.73 -5.30
N ARG B 393 8.68 32.86 -4.61
CA ARG B 393 9.33 33.18 -3.34
C ARG B 393 8.48 32.72 -2.15
N TYR B 394 9.13 32.01 -1.23
CA TYR B 394 8.45 31.32 -0.14
C TYR B 394 8.96 31.81 1.21
N SER B 395 10.13 32.47 1.23
CA SER B 395 10.77 32.88 2.48
C SER B 395 11.26 34.33 2.42
N ASN B 396 11.29 34.92 3.62
CA ASN B 396 11.98 36.16 3.92
C ASN B 396 13.32 35.88 4.58
N TYR B 397 14.20 36.88 4.59
CA TYR B 397 15.51 36.71 5.18
C TYR B 397 16.08 38.05 5.66
N THR B 398 17.00 37.97 6.63
CA THR B 398 17.86 39.07 7.04
C THR B 398 19.29 38.60 6.81
N GLY B 399 20.19 39.57 6.65
CA GLY B 399 21.62 39.29 6.68
C GLY B 399 22.14 38.92 5.31
N TYR B 400 23.36 38.32 5.29
CA TYR B 400 24.20 38.07 4.12
C TYR B 400 25.36 37.21 4.65
N ALA B 401 25.93 36.33 3.83
CA ALA B 401 27.01 35.41 4.20
C ALA B 401 26.72 34.75 5.55
N GLY B 402 27.64 34.86 6.53
CA GLY B 402 27.52 34.24 7.84
C GLY B 402 26.34 34.70 8.71
N SER B 403 25.82 35.93 8.45
CA SER B 403 24.72 36.51 9.23
C SER B 403 23.33 36.20 8.65
N PHE B 404 23.29 35.51 7.49
CA PHE B 404 22.04 35.12 6.83
C PHE B 404 21.14 34.33 7.78
N GLU B 405 19.86 34.77 7.83
CA GLU B 405 18.83 34.11 8.62
C GLU B 405 17.48 34.11 7.93
N TRP B 406 16.80 32.96 8.08
CA TRP B 406 15.42 32.85 7.68
C TRP B 406 14.65 33.76 8.63
N SER B 407 13.83 34.66 8.08
CA SER B 407 13.07 35.55 8.94
C SER B 407 11.58 35.53 8.63
N GLY B 408 11.02 34.41 8.13
CA GLY B 408 9.56 34.23 8.09
C GLY B 408 9.01 33.84 6.71
N ASN B 409 7.72 33.46 6.69
CA ASN B 409 6.95 33.15 5.49
C ASN B 409 6.90 34.33 4.52
N PHE B 410 6.93 34.05 3.21
CA PHE B 410 6.59 35.02 2.19
C PHE B 410 5.45 34.44 1.32
N GLU B 411 4.33 35.16 1.22
CA GLU B 411 3.24 34.84 0.31
C GLU B 411 3.37 35.66 -0.98
N ASP B 412 3.82 34.98 -2.04
CA ASP B 412 4.12 35.58 -3.33
C ASP B 412 2.79 35.82 -4.04
N SER B 413 2.50 37.05 -4.44
CA SER B 413 1.28 37.36 -5.19
C SER B 413 1.63 37.95 -6.58
N THR B 414 2.89 37.87 -7.00
CA THR B 414 3.33 38.24 -8.35
C THR B 414 2.39 37.59 -9.35
N PRO B 415 1.83 38.35 -10.31
CA PRO B 415 0.87 37.75 -11.25
C PRO B 415 1.56 36.80 -12.22
N ARG B 416 0.75 35.81 -12.64
CA ARG B 416 1.20 34.77 -13.54
C ARG B 416 0.88 35.20 -14.96
N ASP B 417 1.79 34.91 -15.90
CA ASP B 417 1.62 35.18 -17.31
C ASP B 417 0.60 34.20 -17.92
N SER B 418 0.40 34.34 -19.25
CA SER B 418 -0.49 33.47 -20.00
C SER B 418 -0.08 31.99 -19.83
N SER B 419 1.18 31.69 -19.47
CA SER B 419 1.70 30.34 -19.45
C SER B 419 1.63 29.72 -18.05
N GLY B 420 1.14 30.50 -17.07
CA GLY B 420 1.06 30.00 -15.71
C GLY B 420 2.30 30.31 -14.87
N ARG B 421 3.22 31.14 -15.40
CA ARG B 421 4.46 31.46 -14.73
C ARG B 421 4.31 32.77 -13.97
N ARG B 422 4.57 32.76 -12.66
CA ARG B 422 4.86 34.00 -11.97
C ARG B 422 5.81 34.87 -12.79
N GLN B 423 5.52 36.18 -12.95
CA GLN B 423 6.38 37.04 -13.76
C GLN B 423 7.58 37.56 -12.99
N THR B 424 8.42 36.59 -12.59
CA THR B 424 9.71 36.81 -11.93
C THR B 424 10.77 36.15 -12.82
N ALA B 425 11.49 37.03 -13.51
CA ALA B 425 12.49 36.65 -14.48
C ALA B 425 13.86 36.97 -13.92
N ILE B 426 14.69 35.92 -13.83
CA ILE B 426 16.02 36.02 -13.27
C ILE B 426 17.01 35.46 -14.28
N VAL B 427 18.13 36.15 -14.48
CA VAL B 427 19.13 35.63 -15.41
C VAL B 427 20.38 35.32 -14.61
N ALA B 428 20.89 34.09 -14.75
CA ALA B 428 22.21 33.74 -14.25
C ALA B 428 23.31 34.08 -15.25
N ILE B 429 24.17 35.04 -14.86
CA ILE B 429 25.41 35.36 -15.55
C ILE B 429 26.58 35.28 -14.55
N ASP B 430 27.62 34.52 -14.91
CA ASP B 430 28.77 34.30 -14.05
C ASP B 430 29.92 35.22 -14.42
N ALA B 431 30.23 36.14 -13.51
CA ALA B 431 31.45 36.92 -13.59
C ALA B 431 32.70 36.05 -13.43
N LEU B 432 33.81 36.61 -13.93
CA LEU B 432 35.12 36.06 -13.65
C LEU B 432 35.50 36.44 -12.22
N HIS B 433 36.29 35.52 -11.67
CA HIS B 433 37.05 35.78 -10.44
C HIS B 433 38.47 36.17 -10.86
N PHE B 434 39.02 37.17 -10.16
CA PHE B 434 40.40 37.65 -10.32
C PHE B 434 41.17 37.49 -9.00
N ALA B 435 42.21 36.65 -9.03
CA ALA B 435 43.18 36.58 -7.94
C ALA B 435 43.93 37.92 -7.83
N GLN B 436 44.11 38.60 -8.97
CA GLN B 436 44.73 39.93 -9.05
C GLN B 436 43.74 40.95 -9.62
N SER B 437 43.30 41.95 -8.83
CA SER B 437 42.32 42.97 -9.26
C SER B 437 42.60 43.56 -10.63
N HIS B 438 43.90 43.83 -10.87
CA HIS B 438 44.35 44.66 -11.98
C HIS B 438 44.12 43.91 -13.31
N HIS B 439 44.01 42.57 -13.27
CA HIS B 439 43.90 41.74 -14.47
C HIS B 439 42.59 41.99 -15.21
N GLN B 440 41.61 42.61 -14.54
CA GLN B 440 40.25 42.73 -15.08
C GLN B 440 40.14 43.85 -16.12
N TYR B 441 41.24 44.61 -16.20
CA TYR B 441 41.40 45.79 -17.02
C TYR B 441 42.04 45.40 -18.34
N ARG B 442 42.59 44.17 -18.44
CA ARG B 442 42.90 43.58 -19.74
C ARG B 442 41.69 43.75 -20.66
N GLU B 443 41.97 44.07 -21.93
CA GLU B 443 40.96 44.35 -22.92
C GLU B 443 40.10 43.08 -23.15
N ASP B 444 40.75 41.89 -23.11
CA ASP B 444 40.12 40.64 -23.50
C ASP B 444 39.11 40.23 -22.42
N LEU B 445 39.36 40.62 -21.15
CA LEU B 445 38.55 40.27 -19.97
C LEU B 445 37.55 41.37 -19.62
N MET B 446 37.61 42.48 -20.32
CA MET B 446 36.55 43.47 -20.22
C MET B 446 35.49 43.06 -21.26
N GLU B 447 35.98 42.55 -22.39
CA GLU B 447 35.15 42.14 -23.49
C GLU B 447 34.45 40.83 -23.14
N ARG B 448 35.15 39.90 -22.46
CA ARG B 448 34.57 38.68 -21.91
C ARG B 448 33.35 39.03 -21.04
N GLU B 449 33.50 40.01 -20.15
CA GLU B 449 32.40 40.42 -19.26
C GLU B 449 31.28 41.16 -19.98
N LEU B 450 31.64 41.98 -20.98
CA LEU B 450 30.66 42.70 -21.76
C LEU B 450 29.80 41.68 -22.47
N ASN B 451 30.45 40.67 -23.00
CA ASN B 451 29.76 39.69 -23.81
C ASN B 451 28.97 38.72 -22.94
N LYS B 452 29.45 38.42 -21.71
CA LYS B 452 28.67 37.63 -20.76
C LYS B 452 27.37 38.37 -20.43
N ALA B 453 27.45 39.65 -20.05
CA ALA B 453 26.24 40.37 -19.68
C ALA B 453 25.34 40.51 -20.91
N TYR B 454 25.97 40.65 -22.09
CA TYR B 454 25.21 40.83 -23.32
C TYR B 454 24.27 39.63 -23.53
N ILE B 455 24.82 38.40 -23.49
CA ILE B 455 24.04 37.20 -23.74
C ILE B 455 23.01 37.00 -22.62
N GLY B 456 23.30 37.45 -21.39
CA GLY B 456 22.31 37.45 -20.34
C GLY B 456 21.14 38.39 -20.59
N PHE B 457 21.49 39.59 -21.07
CA PHE B 457 20.52 40.67 -21.19
C PHE B 457 19.83 40.75 -22.57
N VAL B 458 20.16 39.89 -23.56
CA VAL B 458 19.45 39.89 -24.83
C VAL B 458 17.96 39.66 -24.58
N HIS B 459 17.19 40.17 -25.54
CA HIS B 459 15.74 40.07 -25.49
C HIS B 459 15.24 39.08 -26.55
N TRP B 460 15.63 39.32 -27.82
CA TRP B 460 15.30 38.42 -28.93
C TRP B 460 13.80 38.23 -29.06
N MET B 461 13.00 39.28 -28.84
CA MET B 461 11.57 39.26 -29.07
C MET B 461 11.23 40.54 -29.81
N VAL B 462 10.10 40.57 -30.51
CA VAL B 462 9.74 41.77 -31.24
C VAL B 462 9.18 42.85 -30.30
N THR B 463 8.55 42.47 -29.15
CA THR B 463 7.98 43.42 -28.21
C THR B 463 9.13 44.06 -27.48
N PRO B 464 8.96 45.26 -26.88
CA PRO B 464 10.08 45.95 -26.23
C PRO B 464 10.42 45.26 -24.90
N PRO B 465 11.74 45.30 -24.61
CA PRO B 465 12.27 44.73 -23.37
C PRO B 465 12.08 45.58 -22.13
N PRO B 466 11.71 44.95 -20.99
CA PRO B 466 11.72 45.63 -19.70
C PRO B 466 13.18 45.87 -19.31
N GLY B 467 13.36 46.71 -18.29
CA GLY B 467 14.67 47.01 -17.79
C GLY B 467 15.30 45.81 -17.11
N VAL B 468 16.59 45.93 -16.86
CA VAL B 468 17.39 45.03 -16.05
C VAL B 468 17.50 45.59 -14.63
N ALA B 469 17.35 44.74 -13.60
CA ALA B 469 17.66 45.07 -12.22
C ALA B 469 18.94 44.32 -11.86
N THR B 470 20.01 45.06 -11.49
CA THR B 470 21.30 44.45 -11.20
C THR B 470 21.97 45.26 -10.09
N GLY B 471 23.29 45.07 -9.93
CA GLY B 471 24.05 45.54 -8.77
C GLY B 471 25.54 45.17 -8.92
N ASN B 472 26.26 44.97 -7.78
CA ASN B 472 27.72 44.86 -7.77
C ASN B 472 28.20 43.47 -8.22
N TRP B 473 28.06 43.21 -9.53
CA TRP B 473 28.20 41.91 -10.15
C TRP B 473 29.67 41.44 -10.11
N GLY B 474 29.97 40.33 -9.42
CA GLY B 474 31.28 39.69 -9.46
C GLY B 474 32.37 40.40 -8.65
N CYS B 475 31.90 41.23 -7.69
CA CYS B 475 32.71 42.18 -6.94
C CYS B 475 32.87 41.64 -5.50
N GLY B 476 33.27 42.51 -4.57
CA GLY B 476 33.70 42.05 -3.26
C GLY B 476 34.86 41.06 -3.41
N ALA B 477 34.77 39.90 -2.73
CA ALA B 477 35.89 38.97 -2.52
C ALA B 477 36.38 38.32 -3.84
N PHE B 478 35.56 38.40 -4.89
CA PHE B 478 35.86 37.73 -6.15
C PHE B 478 36.72 38.64 -7.04
N GLY B 479 36.96 39.88 -6.60
CA GLY B 479 37.98 40.75 -7.20
C GLY B 479 37.48 41.75 -8.26
N GLY B 480 36.21 41.65 -8.69
CA GLY B 480 35.65 42.61 -9.62
C GLY B 480 35.57 44.02 -9.01
N ASP B 481 35.81 45.02 -9.87
CA ASP B 481 35.69 46.42 -9.52
C ASP B 481 34.25 46.88 -9.81
N SER B 482 33.51 47.25 -8.73
CA SER B 482 32.16 47.83 -8.77
C SER B 482 32.01 48.87 -9.91
N TYR B 483 33.02 49.72 -10.03
CA TYR B 483 33.02 50.92 -10.86
C TYR B 483 33.06 50.53 -12.34
N LEU B 484 33.93 49.56 -12.66
CA LEU B 484 34.04 49.05 -14.02
C LEU B 484 32.78 48.28 -14.43
N LYS B 485 32.30 47.40 -13.51
CA LYS B 485 31.24 46.42 -13.76
C LYS B 485 29.91 47.15 -13.97
N ALA B 486 29.71 48.27 -13.26
CA ALA B 486 28.55 49.14 -13.53
C ALA B 486 28.56 49.72 -14.96
N LEU B 487 29.74 50.02 -15.51
CA LEU B 487 29.82 50.68 -16.81
C LEU B 487 29.58 49.67 -17.91
N LEU B 488 30.21 48.50 -17.73
CA LEU B 488 30.07 47.42 -18.70
C LEU B 488 28.59 47.09 -18.83
N GLN B 489 27.85 47.13 -17.71
CA GLN B 489 26.44 46.76 -17.70
C GLN B 489 25.62 47.86 -18.40
N LEU B 490 25.97 49.13 -18.18
CA LEU B 490 25.42 50.26 -18.93
C LEU B 490 25.66 50.17 -20.45
N MET B 491 26.89 49.84 -20.86
CA MET B 491 27.22 49.68 -22.27
C MET B 491 26.32 48.65 -22.95
N VAL B 492 26.11 47.55 -22.21
CA VAL B 492 25.30 46.45 -22.69
C VAL B 492 23.83 46.89 -22.79
N CYS B 493 23.37 47.61 -21.77
CA CYS B 493 21.97 48.08 -21.76
C CYS B 493 21.71 49.10 -22.87
N ALA B 494 22.74 49.94 -23.11
CA ALA B 494 22.65 50.99 -24.11
C ALA B 494 22.39 50.33 -25.46
N GLN B 495 23.29 49.36 -25.73
CA GLN B 495 23.35 48.65 -26.99
C GLN B 495 22.08 47.84 -27.22
N LEU B 496 21.41 47.36 -26.17
CA LEU B 496 20.24 46.50 -26.33
C LEU B 496 18.94 47.30 -26.15
N GLY B 497 19.05 48.55 -25.68
CA GLY B 497 17.88 49.42 -25.54
C GLY B 497 17.03 49.09 -24.31
N ARG B 498 17.71 48.77 -23.20
CA ARG B 498 17.07 48.37 -21.96
C ARG B 498 17.39 49.43 -20.89
N PRO B 499 16.37 49.86 -20.13
CA PRO B 499 16.59 50.57 -18.87
C PRO B 499 17.47 49.74 -17.91
N LEU B 500 18.12 50.41 -16.96
CA LEU B 500 19.03 49.77 -16.02
C LEU B 500 18.69 50.32 -14.64
N ALA B 501 18.09 49.49 -13.75
CA ALA B 501 17.99 49.77 -12.32
C ALA B 501 19.15 49.11 -11.59
N TYR B 502 20.04 49.89 -10.96
CA TYR B 502 21.25 49.37 -10.34
C TYR B 502 21.12 49.56 -8.83
N TYR B 503 21.36 48.49 -8.04
CA TYR B 503 21.22 48.50 -6.59
C TYR B 503 22.59 48.38 -5.94
N THR B 504 22.92 49.39 -5.12
CA THR B 504 24.24 49.54 -4.54
C THR B 504 24.22 49.02 -3.08
N PHE B 505 23.05 48.59 -2.58
CA PHE B 505 22.92 47.86 -1.31
C PHE B 505 23.68 48.62 -0.21
N GLY B 506 23.19 49.81 0.12
CA GLY B 506 23.69 50.57 1.27
C GLY B 506 24.76 51.62 0.96
N ASN B 507 25.25 51.71 -0.29
CA ASN B 507 26.44 52.48 -0.61
C ASN B 507 26.08 53.72 -1.44
N VAL B 508 25.78 54.79 -0.69
CA VAL B 508 25.48 56.14 -1.16
C VAL B 508 26.61 56.72 -2.01
N GLU B 509 27.86 56.51 -1.56
CA GLU B 509 29.04 57.03 -2.23
C GLU B 509 29.04 56.57 -3.68
N PHE B 510 28.95 55.25 -3.89
CA PHE B 510 29.03 54.64 -5.22
C PHE B 510 27.79 54.97 -6.08
N ARG B 511 26.60 55.04 -5.44
CA ARG B 511 25.40 55.51 -6.09
C ARG B 511 25.69 56.80 -6.86
N ASP B 512 26.34 57.75 -6.16
CA ASP B 512 26.55 59.11 -6.67
C ASP B 512 27.61 59.13 -7.78
N ASP B 513 28.75 58.42 -7.58
CA ASP B 513 29.83 58.45 -8.57
C ASP B 513 29.40 57.88 -9.91
N PHE B 514 28.52 56.84 -9.85
CA PHE B 514 27.93 56.21 -11.01
C PHE B 514 26.87 57.11 -11.68
N HIS B 515 25.94 57.70 -10.88
CA HIS B 515 24.97 58.69 -11.38
C HIS B 515 25.71 59.82 -12.10
N GLU B 516 26.78 60.33 -11.47
CA GLU B 516 27.46 61.52 -11.95
C GLU B 516 28.13 61.22 -13.29
N MET B 517 28.69 60.02 -13.43
CA MET B 517 29.30 59.63 -14.68
C MET B 517 28.25 59.49 -15.81
N TRP B 518 27.02 59.12 -15.46
CA TRP B 518 25.95 59.01 -16.44
C TRP B 518 25.51 60.41 -16.92
N LEU B 519 25.55 61.39 -16.03
CA LEU B 519 25.22 62.79 -16.38
C LEU B 519 26.30 63.37 -17.31
N LEU B 520 27.57 63.11 -16.99
CA LEU B 520 28.70 63.44 -17.84
C LEU B 520 28.55 62.85 -19.25
N PHE B 521 28.06 61.59 -19.37
CA PHE B 521 27.88 60.95 -20.69
C PHE B 521 26.65 61.53 -21.40
N ARG B 522 25.66 61.98 -20.62
CA ARG B 522 24.39 62.43 -21.15
C ARG B 522 24.58 63.78 -21.87
N ASN B 523 25.31 64.73 -21.25
CA ASN B 523 25.44 66.04 -21.87
C ASN B 523 26.71 66.14 -22.73
N ASP B 524 27.67 65.19 -22.63
CA ASP B 524 28.69 65.02 -23.68
C ASP B 524 28.20 64.12 -24.84
N GLY B 525 26.94 63.64 -24.79
CA GLY B 525 26.39 62.65 -25.71
C GLY B 525 27.37 61.51 -26.02
N THR B 526 28.11 61.03 -24.99
CA THR B 526 29.06 59.92 -25.12
C THR B 526 28.36 58.62 -25.51
N THR B 527 29.13 57.82 -26.25
CA THR B 527 28.65 56.69 -27.02
C THR B 527 29.39 55.45 -26.50
N VAL B 528 28.89 54.27 -26.86
CA VAL B 528 29.46 53.02 -26.35
C VAL B 528 30.91 52.88 -26.83
N GLN B 529 31.09 53.01 -28.17
CA GLN B 529 32.37 52.77 -28.85
C GLN B 529 33.45 53.73 -28.35
N GLN B 530 32.97 54.90 -27.84
CA GLN B 530 33.79 56.00 -27.39
C GLN B 530 34.24 55.75 -25.96
N LEU B 531 33.34 55.19 -25.14
CA LEU B 531 33.77 54.76 -23.83
C LEU B 531 34.67 53.52 -23.96
N TRP B 532 34.40 52.67 -24.94
CA TRP B 532 35.22 51.49 -25.17
C TRP B 532 36.67 51.90 -25.49
N SER B 533 36.79 52.92 -26.37
CA SER B 533 38.08 53.51 -26.76
C SER B 533 38.85 53.98 -25.52
N ILE B 534 38.16 54.76 -24.65
CA ILE B 534 38.71 55.28 -23.41
C ILE B 534 39.11 54.13 -22.47
N LEU B 535 38.29 53.06 -22.45
CA LEU B 535 38.49 51.95 -21.55
C LEU B 535 39.71 51.12 -22.01
N ARG B 536 39.84 50.92 -23.33
CA ARG B 536 41.03 50.33 -23.93
C ARG B 536 42.31 51.10 -23.58
N SER B 537 42.23 52.45 -23.46
CA SER B 537 43.36 53.29 -23.07
C SER B 537 43.82 52.91 -21.66
N TYR B 538 42.83 52.75 -20.78
CA TYR B 538 43.05 52.40 -19.38
C TYR B 538 43.70 51.02 -19.26
N SER B 539 43.36 50.10 -20.17
CA SER B 539 44.02 48.81 -20.31
C SER B 539 45.53 48.97 -20.47
N ARG B 540 45.98 49.84 -21.40
CA ARG B 540 47.40 50.05 -21.69
C ARG B 540 48.07 50.86 -20.57
N LEU B 541 47.34 51.77 -19.87
CA LEU B 541 47.89 52.48 -18.71
C LEU B 541 48.19 51.53 -17.53
N ILE B 542 47.28 50.58 -17.25
CA ILE B 542 47.34 49.76 -16.06
C ILE B 542 48.43 48.70 -16.20
N LYS B 543 48.80 48.40 -17.46
CA LYS B 543 49.88 47.47 -17.75
C LYS B 543 51.26 48.07 -17.43
N GLU B 544 51.37 49.38 -17.07
CA GLU B 544 52.60 49.96 -16.51
C GLU B 544 52.62 49.82 -14.98
N LYS B 545 51.57 50.34 -14.32
CA LYS B 545 51.31 50.20 -12.88
C LYS B 545 50.73 48.81 -12.57
N ASN B 553 39.45 51.64 -8.32
CA ASN B 553 37.99 51.91 -8.24
C ASN B 553 37.71 53.38 -8.57
N LYS B 554 38.10 54.19 -7.59
CA LYS B 554 38.01 55.64 -7.62
C LYS B 554 38.80 56.19 -8.81
N ALA B 555 39.91 55.48 -9.19
CA ALA B 555 40.88 55.89 -10.20
C ALA B 555 40.38 55.62 -11.63
N SER B 556 39.57 54.54 -11.90
CA SER B 556 39.01 54.27 -13.25
C SER B 556 38.12 55.43 -13.65
N LYS B 557 37.41 55.99 -12.65
CA LYS B 557 36.38 56.98 -12.87
C LYS B 557 37.04 58.35 -13.03
N LYS B 558 38.20 58.58 -12.37
CA LYS B 558 38.99 59.82 -12.54
C LYS B 558 39.57 59.96 -13.97
N LYS B 559 40.07 58.87 -14.60
CA LYS B 559 40.72 58.91 -15.92
C LYS B 559 39.71 59.12 -17.08
N LEU B 560 38.40 58.71 -16.91
CA LEU B 560 37.39 58.94 -17.96
C LEU B 560 37.05 60.42 -17.95
N TYR B 561 36.76 60.96 -16.71
CA TYR B 561 36.72 62.41 -16.49
C TYR B 561 37.74 63.10 -17.39
N ASP B 562 39.02 62.67 -17.23
CA ASP B 562 40.23 63.25 -17.83
C ASP B 562 40.13 63.08 -19.36
N PHE B 563 40.00 61.77 -19.84
CA PHE B 563 40.03 61.47 -21.28
C PHE B 563 38.71 61.99 -21.92
N ILE B 564 37.69 62.53 -21.09
CA ILE B 564 36.36 63.04 -21.55
C ILE B 564 36.23 64.58 -21.63
N LYS B 565 36.96 65.36 -20.80
CA LYS B 565 37.10 66.82 -20.90
C LYS B 565 38.18 67.20 -21.95
N GLU B 566 39.08 66.24 -22.31
CA GLU B 566 39.98 66.32 -23.47
C GLU B 566 39.16 66.25 -24.77
N GLU B 567 37.93 65.68 -24.72
CA GLU B 567 37.01 65.62 -25.85
C GLU B 567 36.24 66.92 -25.96
N LEU B 568 35.95 67.53 -24.80
CA LEU B 568 35.27 68.82 -24.69
C LEU B 568 36.05 69.90 -25.48
N LYS B 569 37.07 69.55 -26.34
CA LYS B 569 37.34 70.27 -27.60
C LYS B 569 37.36 69.28 -28.80
N ASP C 46 -15.46 -19.02 50.76
CA ASP C 46 -14.71 -19.98 49.89
C ASP C 46 -15.46 -20.28 48.58
N ASP C 47 -16.30 -19.34 48.11
CA ASP C 47 -17.22 -19.51 46.98
C ASP C 47 -16.68 -18.85 45.71
N SER C 48 -17.42 -19.06 44.59
CA SER C 48 -17.14 -18.48 43.27
C SER C 48 -17.40 -16.97 43.21
N TRP C 49 -18.33 -16.47 44.05
CA TRP C 49 -18.80 -15.09 44.01
C TRP C 49 -18.34 -14.22 45.18
N ARG C 50 -18.41 -12.89 44.99
CA ARG C 50 -18.11 -11.86 45.98
C ARG C 50 -19.18 -10.78 45.93
N GLY C 51 -19.28 -10.00 47.00
CA GLY C 51 -20.29 -8.96 47.18
C GLY C 51 -21.55 -9.54 47.82
N VAL C 52 -22.69 -8.88 47.66
CA VAL C 52 -24.01 -9.39 48.03
C VAL C 52 -24.30 -10.74 47.36
N SER C 53 -25.19 -11.56 47.98
CA SER C 53 -25.55 -12.90 47.47
C SER C 53 -26.63 -12.83 46.37
N MET C 54 -26.89 -13.96 45.71
CA MET C 54 -27.93 -14.01 44.68
C MET C 54 -29.32 -13.76 45.30
N GLU C 55 -29.63 -14.38 46.45
CA GLU C 55 -30.91 -14.15 47.11
C GLU C 55 -31.09 -12.65 47.33
N ALA C 56 -29.98 -11.96 47.57
CA ALA C 56 -30.00 -10.55 47.91
C ALA C 56 -30.28 -9.69 46.68
N ILE C 57 -29.67 -10.06 45.52
CA ILE C 57 -29.92 -9.47 44.20
C ILE C 57 -31.42 -9.50 43.91
N HIS C 58 -32.09 -10.53 44.44
CA HIS C 58 -33.51 -10.76 44.28
C HIS C 58 -34.34 -10.22 45.46
N ARG C 59 -33.73 -9.37 46.32
CA ARG C 59 -34.35 -8.81 47.50
C ARG C 59 -35.02 -9.89 48.39
N ASN C 60 -34.36 -11.06 48.51
CA ASN C 60 -34.82 -12.16 49.37
C ASN C 60 -36.23 -12.61 48.96
N ARG C 61 -36.55 -12.46 47.68
CA ARG C 61 -37.81 -12.90 47.10
C ARG C 61 -37.43 -13.89 46.01
N GLN C 62 -38.37 -14.78 45.64
CA GLN C 62 -38.15 -15.72 44.55
C GLN C 62 -37.82 -14.97 43.24
N PRO C 63 -36.91 -15.49 42.36
CA PRO C 63 -36.74 -14.87 41.06
C PRO C 63 -38.13 -14.91 40.40
N PHE C 64 -38.31 -14.04 39.40
CA PHE C 64 -39.53 -13.99 38.60
C PHE C 64 -40.66 -13.24 39.31
N GLU C 65 -40.46 -12.74 40.54
CA GLU C 65 -41.52 -11.93 41.15
C GLU C 65 -41.49 -10.55 40.53
N LEU C 66 -40.28 -10.03 40.32
CA LEU C 66 -40.12 -8.74 39.68
C LEU C 66 -39.95 -8.89 38.16
N GLU C 67 -40.75 -8.09 37.44
CA GLU C 67 -40.90 -8.19 35.99
C GLU C 67 -40.18 -7.03 35.29
N ASN C 68 -39.75 -7.28 34.05
CA ASN C 68 -38.87 -6.40 33.29
C ASN C 68 -39.65 -5.60 32.23
N LEU C 69 -40.91 -6.00 32.01
CA LEU C 69 -41.72 -5.42 30.94
C LEU C 69 -43.18 -5.49 31.40
N PRO C 70 -44.01 -4.49 31.08
CA PRO C 70 -45.44 -4.62 31.41
C PRO C 70 -46.04 -5.75 30.57
N PRO C 71 -47.22 -6.24 30.95
CA PRO C 71 -47.94 -7.21 30.12
C PRO C 71 -48.20 -6.66 28.71
N VAL C 72 -48.38 -7.61 27.80
CA VAL C 72 -48.71 -7.27 26.43
C VAL C 72 -50.08 -6.59 26.36
N THR C 73 -50.17 -5.44 25.70
CA THR C 73 -51.47 -4.88 25.29
C THR C 73 -51.41 -4.39 23.84
N ALA C 74 -52.50 -4.53 23.09
CA ALA C 74 -52.57 -3.96 21.74
C ALA C 74 -52.75 -2.45 21.83
N GLY C 75 -51.97 -1.70 21.06
CA GLY C 75 -52.06 -0.26 21.04
C GLY C 75 -51.40 0.27 19.77
N ASN C 76 -51.60 1.57 19.59
CA ASN C 76 -50.89 2.43 18.69
C ASN C 76 -49.36 2.19 18.78
N LEU C 77 -48.78 1.94 19.97
CA LEU C 77 -47.32 1.74 20.14
C LEU C 77 -46.93 0.28 20.48
N HIS C 78 -47.90 -0.62 20.50
CA HIS C 78 -47.55 -2.01 20.68
C HIS C 78 -48.39 -2.85 19.70
N ARG C 79 -47.76 -3.34 18.63
CA ARG C 79 -48.44 -4.22 17.68
C ARG C 79 -48.32 -5.70 18.13
N VAL C 80 -49.44 -6.44 18.01
CA VAL C 80 -49.56 -7.79 18.50
C VAL C 80 -50.09 -8.68 17.38
N MET C 81 -49.36 -9.76 17.04
CA MET C 81 -49.63 -10.51 15.82
C MET C 81 -50.64 -11.66 16.05
N TYR C 82 -51.10 -11.79 17.29
CA TYR C 82 -52.05 -12.81 17.70
C TYR C 82 -53.17 -12.13 18.51
N GLN C 83 -54.26 -12.89 18.71
CA GLN C 83 -55.48 -12.38 19.33
C GLN C 83 -55.35 -12.38 20.84
N LEU C 84 -55.81 -11.25 21.41
CA LEU C 84 -55.78 -11.03 22.86
C LEU C 84 -57.18 -11.12 23.48
N PRO C 85 -57.31 -11.74 24.67
CA PRO C 85 -56.20 -12.46 25.32
C PRO C 85 -56.10 -13.85 24.68
N ILE C 86 -55.01 -14.55 24.96
CA ILE C 86 -54.76 -15.90 24.47
C ILE C 86 -55.69 -16.85 25.22
N ARG C 87 -56.53 -17.59 24.49
CA ARG C 87 -57.29 -18.73 25.03
C ARG C 87 -56.58 -20.06 24.73
N GLU C 88 -56.92 -20.62 23.56
CA GLU C 88 -56.28 -21.82 23.03
C GLU C 88 -54.83 -21.47 22.64
N THR C 89 -53.95 -22.47 22.75
CA THR C 89 -52.58 -22.38 22.33
C THR C 89 -52.31 -23.43 21.24
N PRO C 90 -51.43 -23.16 20.25
CA PRO C 90 -50.71 -21.87 20.17
C PRO C 90 -51.64 -20.70 19.85
N PRO C 91 -51.22 -19.45 20.15
CA PRO C 91 -52.12 -18.28 19.98
C PRO C 91 -52.71 -18.16 18.59
N ARG C 92 -53.94 -17.66 18.47
CA ARG C 92 -54.54 -17.58 17.15
C ARG C 92 -54.06 -16.26 16.51
N PRO C 93 -53.64 -16.31 15.22
CA PRO C 93 -53.26 -15.11 14.48
C PRO C 93 -54.32 -14.00 14.41
N TYR C 94 -53.88 -12.74 14.51
CA TYR C 94 -54.72 -11.57 14.33
C TYR C 94 -54.79 -11.18 12.85
N LYS C 95 -56.01 -10.83 12.40
CA LYS C 95 -56.33 -10.55 11.01
C LYS C 95 -56.53 -9.03 10.85
N SER C 96 -55.71 -8.42 9.97
CA SER C 96 -55.88 -7.05 9.54
C SER C 96 -55.23 -6.88 8.16
N PRO C 97 -55.62 -5.82 7.42
CA PRO C 97 -55.14 -5.65 6.05
C PRO C 97 -53.62 -5.61 5.94
N GLY C 98 -53.09 -6.42 5.02
CA GLY C 98 -51.68 -6.45 4.72
C GLY C 98 -51.15 -5.13 4.15
N LYS C 99 -49.82 -4.95 4.30
CA LYS C 99 -49.10 -3.75 3.91
C LYS C 99 -47.81 -4.16 3.19
N TRP C 100 -47.63 -3.49 2.04
CA TRP C 100 -46.43 -3.61 1.22
C TRP C 100 -45.89 -2.20 1.00
N ASP C 101 -45.04 -1.79 1.93
CA ASP C 101 -44.67 -0.40 2.08
C ASP C 101 -43.37 -0.36 2.91
N SER C 102 -42.88 0.87 3.08
CA SER C 102 -41.60 1.18 3.66
C SER C 102 -41.67 1.13 5.20
N GLU C 103 -42.88 0.91 5.78
CA GLU C 103 -43.10 0.99 7.24
C GLU C 103 -43.25 -0.42 7.87
N HIS C 104 -43.32 -1.46 7.00
CA HIS C 104 -43.63 -2.83 7.32
C HIS C 104 -42.71 -3.78 6.54
N VAL C 105 -42.54 -4.97 7.13
CA VAL C 105 -41.81 -6.06 6.50
C VAL C 105 -42.49 -6.36 5.16
N ARG C 106 -41.63 -6.57 4.16
CA ARG C 106 -42.00 -7.07 2.86
C ARG C 106 -42.08 -8.59 2.91
N LEU C 107 -43.33 -9.08 3.06
CA LEU C 107 -43.56 -10.50 3.30
C LEU C 107 -43.37 -11.25 1.99
N PRO C 108 -42.75 -12.46 2.01
CA PRO C 108 -42.53 -13.22 0.79
C PRO C 108 -43.83 -13.63 0.07
N CYS C 109 -44.92 -13.71 0.85
CA CYS C 109 -46.22 -14.18 0.41
C CYS C 109 -47.12 -12.99 -0.01
N ALA C 110 -46.58 -11.77 -0.06
CA ALA C 110 -47.35 -10.59 -0.44
C ALA C 110 -47.67 -10.67 -1.94
N PRO C 111 -48.95 -10.46 -2.37
CA PRO C 111 -49.28 -10.44 -3.80
C PRO C 111 -48.47 -9.43 -4.64
N GLU C 112 -47.98 -8.38 -4.00
CA GLU C 112 -47.16 -7.35 -4.64
C GLU C 112 -45.71 -7.83 -4.84
N SER C 113 -45.28 -8.93 -4.20
CA SER C 113 -43.98 -9.53 -4.50
C SER C 113 -44.11 -10.25 -5.86
N LYS C 114 -43.50 -9.67 -6.89
CA LYS C 114 -43.61 -10.13 -8.24
C LYS C 114 -42.21 -10.42 -8.75
N TYR C 115 -42.13 -11.14 -9.88
CA TYR C 115 -40.85 -11.34 -10.52
C TYR C 115 -41.10 -11.37 -12.03
N PRO C 116 -40.23 -10.72 -12.84
CA PRO C 116 -40.30 -10.87 -14.30
C PRO C 116 -39.65 -12.17 -14.78
N ARG C 117 -40.32 -12.89 -15.67
CA ARG C 117 -39.83 -14.12 -16.26
C ARG C 117 -39.86 -13.92 -17.77
N GLU C 118 -38.75 -14.18 -18.49
CA GLU C 118 -38.85 -14.40 -19.93
C GLU C 118 -39.49 -15.77 -20.15
N ASN C 119 -40.28 -15.91 -21.23
CA ASN C 119 -40.93 -17.18 -21.54
C ASN C 119 -40.26 -17.82 -22.74
N PRO C 120 -40.49 -19.14 -22.98
CA PRO C 120 -40.32 -19.73 -24.32
C PRO C 120 -40.26 -18.69 -25.47
N ASP C 121 -41.36 -17.95 -25.68
CA ASP C 121 -41.54 -17.12 -26.88
C ASP C 121 -40.74 -15.80 -26.86
N GLY C 122 -40.00 -15.48 -25.77
CA GLY C 122 -39.21 -14.26 -25.73
C GLY C 122 -39.90 -13.04 -25.08
N SER C 123 -41.20 -13.17 -24.72
CA SER C 123 -41.96 -12.12 -24.05
C SER C 123 -41.83 -12.21 -22.54
N THR C 124 -42.21 -11.15 -21.81
CA THR C 124 -42.17 -11.12 -20.35
C THR C 124 -43.54 -11.41 -19.70
N THR C 125 -43.52 -12.25 -18.63
CA THR C 125 -44.64 -12.37 -17.70
C THR C 125 -44.16 -12.02 -16.29
N ILE C 126 -44.82 -11.00 -15.74
CA ILE C 126 -44.64 -10.61 -14.36
C ILE C 126 -45.57 -11.48 -13.52
N ASP C 127 -44.98 -12.20 -12.57
CA ASP C 127 -45.65 -13.33 -11.93
C ASP C 127 -45.42 -13.24 -10.41
N PHE C 128 -46.24 -13.98 -9.65
CA PHE C 128 -46.20 -14.05 -8.20
C PHE C 128 -44.96 -14.84 -7.71
N ARG C 129 -44.11 -14.13 -6.93
CA ARG C 129 -42.86 -14.71 -6.44
C ARG C 129 -43.22 -15.81 -5.43
N TRP C 130 -44.32 -15.63 -4.68
CA TRP C 130 -44.69 -16.63 -3.67
C TRP C 130 -45.06 -17.95 -4.35
N GLU C 131 -45.70 -17.86 -5.54
CA GLU C 131 -46.06 -19.03 -6.33
C GLU C 131 -44.81 -19.74 -6.84
N MET C 132 -43.76 -18.98 -7.19
CA MET C 132 -42.48 -19.54 -7.64
C MET C 132 -41.81 -20.25 -6.46
N ILE C 133 -41.90 -19.64 -5.27
CA ILE C 133 -41.33 -20.20 -4.06
C ILE C 133 -41.98 -21.56 -3.76
N GLU C 134 -43.34 -21.62 -3.79
CA GLU C 134 -44.07 -22.86 -3.56
C GLU C 134 -43.61 -23.94 -4.55
N ARG C 135 -43.65 -23.63 -5.86
CA ARG C 135 -43.25 -24.55 -6.92
C ARG C 135 -41.86 -25.15 -6.67
N ALA C 136 -40.88 -24.27 -6.34
CA ALA C 136 -39.49 -24.68 -6.13
C ALA C 136 -39.35 -25.63 -4.95
N LEU C 137 -40.04 -25.31 -3.86
CA LEU C 137 -39.81 -25.97 -2.59
C LEU C 137 -40.61 -27.27 -2.46
N LEU C 138 -41.57 -27.47 -3.37
CA LEU C 138 -42.36 -28.69 -3.40
C LEU C 138 -41.87 -29.69 -4.45
N GLN C 139 -40.88 -29.32 -5.30
CA GLN C 139 -40.08 -30.32 -6.01
C GLN C 139 -39.38 -31.18 -4.97
N PRO C 140 -39.13 -32.50 -5.21
CA PRO C 140 -38.36 -33.30 -4.24
C PRO C 140 -36.91 -32.81 -4.16
N ILE C 141 -36.37 -32.81 -2.94
CA ILE C 141 -35.03 -32.32 -2.68
C ILE C 141 -34.30 -33.37 -1.84
N LYS C 142 -33.25 -33.98 -2.40
CA LYS C 142 -32.69 -35.19 -1.83
C LYS C 142 -31.22 -35.00 -1.48
N THR C 143 -30.65 -33.89 -1.94
CA THR C 143 -29.24 -33.56 -1.72
C THR C 143 -29.06 -32.06 -1.50
N CYS C 144 -27.87 -31.72 -1.03
CA CYS C 144 -27.53 -30.34 -0.75
C CYS C 144 -27.46 -29.51 -2.04
N GLU C 145 -26.94 -30.09 -3.14
CA GLU C 145 -26.94 -29.38 -4.42
C GLU C 145 -28.35 -28.91 -4.77
N GLU C 146 -29.36 -29.79 -4.58
CA GLU C 146 -30.70 -29.51 -5.06
C GLU C 146 -31.41 -28.51 -4.14
N LEU C 147 -31.10 -28.56 -2.83
CA LEU C 147 -31.62 -27.54 -1.92
C LEU C 147 -31.13 -26.15 -2.34
N GLN C 148 -29.82 -26.05 -2.57
CA GLN C 148 -29.25 -24.81 -3.04
C GLN C 148 -29.90 -24.35 -4.35
N ALA C 149 -30.05 -25.29 -5.29
CA ALA C 149 -30.59 -24.96 -6.60
C ALA C 149 -32.03 -24.43 -6.46
N ALA C 150 -32.82 -25.06 -5.59
CA ALA C 150 -34.19 -24.64 -5.31
C ALA C 150 -34.25 -23.21 -4.76
N ILE C 151 -33.43 -22.93 -3.74
CA ILE C 151 -33.37 -21.61 -3.13
C ILE C 151 -32.90 -20.56 -4.15
N ILE C 152 -31.87 -20.90 -4.95
CA ILE C 152 -31.34 -19.98 -5.96
C ILE C 152 -32.39 -19.73 -7.05
N SER C 153 -33.29 -20.71 -7.29
CA SER C 153 -34.32 -20.60 -8.31
C SER C 153 -35.22 -19.37 -8.12
N TYR C 154 -35.36 -18.84 -6.88
CA TYR C 154 -36.13 -17.61 -6.63
C TYR C 154 -35.23 -16.49 -6.11
N ASN C 155 -33.93 -16.63 -6.40
CA ASN C 155 -32.89 -15.67 -6.01
C ASN C 155 -31.85 -15.63 -7.13
N THR C 156 -32.29 -15.54 -8.40
CA THR C 156 -31.45 -15.92 -9.54
C THR C 156 -30.33 -14.89 -9.81
N THR C 157 -30.53 -13.64 -9.37
CA THR C 157 -29.51 -12.58 -9.31
C THR C 157 -28.23 -13.06 -8.64
N TYR C 158 -28.37 -14.00 -7.69
CA TYR C 158 -27.29 -14.41 -6.80
C TYR C 158 -26.78 -15.80 -7.21
N ARG C 159 -27.17 -16.29 -8.39
CA ARG C 159 -26.81 -17.60 -8.88
C ARG C 159 -25.31 -17.84 -8.75
N ASP C 160 -24.47 -16.88 -9.15
CA ASP C 160 -23.06 -17.19 -9.19
C ASP C 160 -22.31 -16.53 -8.02
N GLN C 161 -23.04 -15.95 -7.04
CA GLN C 161 -22.43 -15.28 -5.89
C GLN C 161 -22.60 -16.21 -4.66
N TRP C 162 -23.72 -16.89 -4.54
CA TRP C 162 -24.04 -17.72 -3.38
C TRP C 162 -23.51 -19.13 -3.53
N HIS C 163 -22.77 -19.60 -2.54
CA HIS C 163 -22.44 -21.02 -2.50
C HIS C 163 -22.57 -21.46 -1.04
N PHE C 164 -23.38 -22.50 -0.80
CA PHE C 164 -23.85 -22.84 0.53
C PHE C 164 -22.90 -23.85 1.16
N ARG C 165 -21.63 -23.50 1.22
CA ARG C 165 -20.52 -24.37 1.56
C ARG C 165 -20.64 -24.91 2.98
N ALA C 166 -21.19 -24.14 3.93
CA ALA C 166 -21.36 -24.64 5.30
C ALA C 166 -22.45 -25.72 5.34
N LEU C 167 -23.43 -25.58 4.44
CA LEU C 167 -24.51 -26.55 4.35
C LEU C 167 -24.00 -27.84 3.70
N HIS C 168 -23.24 -27.72 2.58
CA HIS C 168 -22.53 -28.84 2.01
C HIS C 168 -21.62 -29.52 3.05
N GLN C 169 -20.92 -28.76 3.90
CA GLN C 169 -19.94 -29.38 4.77
C GLN C 169 -20.69 -30.12 5.88
N LEU C 170 -21.77 -29.55 6.40
CA LEU C 170 -22.48 -30.21 7.47
C LEU C 170 -23.17 -31.47 6.92
N LEU C 171 -23.87 -31.37 5.79
CA LEU C 171 -24.69 -32.47 5.29
C LEU C 171 -23.86 -33.57 4.60
N ASP C 172 -22.73 -33.24 3.95
CA ASP C 172 -21.99 -34.17 3.13
C ASP C 172 -20.76 -34.69 3.93
N GLU C 173 -20.23 -33.95 4.90
CA GLU C 173 -18.98 -34.36 5.56
C GLU C 173 -19.12 -34.54 7.08
N GLU C 174 -19.92 -33.73 7.74
CA GLU C 174 -20.08 -33.80 9.20
C GLU C 174 -21.04 -34.93 9.60
N LEU C 175 -22.20 -35.03 8.92
CA LEU C 175 -23.17 -36.08 9.14
C LEU C 175 -22.77 -37.38 8.40
N ASP C 176 -23.14 -38.50 9.06
CA ASP C 176 -23.04 -39.83 8.47
C ASP C 176 -24.26 -40.00 7.56
N GLU C 177 -24.22 -41.02 6.69
CA GLU C 177 -25.20 -41.19 5.64
C GLU C 177 -26.62 -41.08 6.19
N SER C 178 -26.79 -41.52 7.44
CA SER C 178 -28.12 -41.80 7.98
C SER C 178 -28.71 -40.53 8.59
N GLU C 179 -27.85 -39.64 9.12
CA GLU C 179 -28.31 -38.39 9.68
C GLU C 179 -28.67 -37.40 8.56
N THR C 180 -27.98 -37.54 7.42
CA THR C 180 -28.21 -36.74 6.24
C THR C 180 -29.51 -37.16 5.56
N ARG C 181 -29.78 -38.48 5.55
CA ARG C 181 -31.01 -39.02 5.03
C ARG C 181 -32.15 -38.46 5.91
N VAL C 182 -31.93 -38.38 7.22
CA VAL C 182 -32.97 -37.84 8.12
C VAL C 182 -33.24 -36.36 7.83
N PHE C 183 -32.20 -35.57 7.60
CA PHE C 183 -32.37 -34.18 7.22
C PHE C 183 -33.28 -34.06 5.98
N PHE C 184 -33.02 -34.84 4.91
CA PHE C 184 -33.81 -34.68 3.68
C PHE C 184 -35.18 -35.38 3.74
N GLU C 185 -35.31 -36.43 4.55
CA GLU C 185 -36.57 -37.19 4.63
C GLU C 185 -37.50 -36.59 5.69
N ASP C 186 -36.93 -36.05 6.77
CA ASP C 186 -37.73 -35.57 7.90
C ASP C 186 -37.68 -34.04 8.02
N LEU C 187 -36.50 -33.48 8.35
CA LEU C 187 -36.39 -32.11 8.85
C LEU C 187 -36.69 -31.08 7.75
N LEU C 188 -36.00 -31.20 6.62
CA LEU C 188 -36.19 -30.23 5.56
C LEU C 188 -37.65 -30.15 5.15
N PRO C 189 -38.35 -31.28 4.92
CA PRO C 189 -39.78 -31.21 4.60
C PRO C 189 -40.61 -30.44 5.65
N ARG C 190 -40.22 -30.56 6.91
CA ARG C 190 -40.91 -29.91 8.02
C ARG C 190 -40.70 -28.38 7.96
N ILE C 191 -39.45 -27.98 7.66
CA ILE C 191 -39.09 -26.58 7.54
C ILE C 191 -39.86 -25.99 6.35
N ILE C 192 -40.00 -26.74 5.25
CA ILE C 192 -40.74 -26.25 4.09
C ILE C 192 -42.22 -26.09 4.40
N ARG C 193 -42.80 -27.09 5.08
CA ARG C 193 -44.23 -27.05 5.37
C ARG C 193 -44.53 -25.82 6.21
N LEU C 194 -43.65 -25.60 7.19
CA LEU C 194 -43.80 -24.50 8.13
C LEU C 194 -43.63 -23.14 7.43
N ALA C 195 -42.59 -23.03 6.59
CA ALA C 195 -42.38 -21.79 5.84
C ALA C 195 -43.61 -21.48 5.01
N LEU C 196 -44.16 -22.49 4.34
CA LEU C 196 -45.26 -22.25 3.39
C LEU C 196 -46.59 -21.95 4.10
N ARG C 197 -46.63 -22.06 5.45
CA ARG C 197 -47.82 -21.67 6.18
C ARG C 197 -47.83 -20.19 6.58
N LEU C 198 -46.90 -19.38 6.01
CA LEU C 198 -46.77 -17.98 6.40
C LEU C 198 -48.09 -17.20 6.26
N PRO C 199 -48.83 -17.34 5.13
CA PRO C 199 -50.10 -16.61 5.00
C PRO C 199 -51.20 -17.10 5.95
N ASP C 200 -51.09 -18.31 6.52
CA ASP C 200 -51.97 -18.79 7.60
C ASP C 200 -51.59 -18.24 8.98
N LEU C 201 -50.26 -18.09 9.23
CA LEU C 201 -49.77 -17.75 10.57
C LEU C 201 -49.55 -16.25 10.79
N ILE C 202 -49.28 -15.54 9.68
CA ILE C 202 -49.14 -14.09 9.69
C ILE C 202 -50.24 -13.50 8.83
N GLN C 203 -51.24 -12.90 9.48
CA GLN C 203 -52.46 -12.44 8.84
C GLN C 203 -52.74 -10.96 9.14
N SER C 204 -51.68 -10.31 9.59
CA SER C 204 -51.62 -8.90 9.97
C SER C 204 -50.23 -8.44 9.50
N PRO C 205 -50.05 -7.16 9.11
CA PRO C 205 -48.75 -6.67 8.69
C PRO C 205 -47.77 -6.77 9.85
N VAL C 206 -46.49 -6.98 9.52
CA VAL C 206 -45.41 -6.95 10.48
C VAL C 206 -44.72 -5.59 10.39
N PRO C 207 -44.87 -4.72 11.43
CA PRO C 207 -44.25 -3.40 11.41
C PRO C 207 -42.75 -3.44 11.60
N LEU C 208 -42.07 -2.49 11.01
CA LEU C 208 -40.67 -2.27 11.32
C LEU C 208 -40.56 -1.46 12.61
N LEU C 209 -39.55 -1.76 13.41
CA LEU C 209 -39.23 -0.94 14.56
C LEU C 209 -38.09 0.00 14.15
N LYS C 210 -38.46 1.17 13.68
CA LYS C 210 -37.45 2.10 13.17
C LYS C 210 -36.89 2.99 14.28
N HIS C 211 -35.74 3.60 13.92
CA HIS C 211 -35.05 4.73 14.53
C HIS C 211 -36.04 5.68 15.19
N HIS C 212 -35.80 5.89 16.49
CA HIS C 212 -36.26 7.06 17.22
C HIS C 212 -37.72 6.90 17.59
N LYS C 213 -38.25 5.67 17.53
CA LYS C 213 -39.66 5.42 17.83
C LYS C 213 -39.72 4.30 18.85
N ASN C 214 -40.19 4.69 20.06
CA ASN C 214 -40.46 3.77 21.14
C ASN C 214 -41.66 2.91 20.80
N ALA C 215 -41.43 1.62 20.54
CA ALA C 215 -42.51 0.77 20.06
C ALA C 215 -42.24 -0.68 20.48
N SER C 216 -43.30 -1.49 20.50
CA SER C 216 -43.21 -2.90 20.86
C SER C 216 -43.85 -3.73 19.77
N LEU C 217 -43.29 -4.92 19.54
CA LEU C 217 -43.97 -5.89 18.69
C LEU C 217 -43.99 -7.23 19.44
N SER C 218 -45.18 -7.85 19.50
CA SER C 218 -45.34 -9.17 20.10
C SER C 218 -45.85 -10.20 19.07
N LEU C 219 -45.13 -11.33 18.97
CA LEU C 219 -45.48 -12.43 18.07
C LEU C 219 -45.52 -13.72 18.90
N SER C 220 -46.31 -14.70 18.45
CA SER C 220 -46.23 -16.02 19.05
C SER C 220 -44.89 -16.68 18.66
N GLN C 221 -44.38 -17.54 19.51
CA GLN C 221 -43.27 -18.40 19.18
C GLN C 221 -43.52 -19.21 17.89
N GLN C 222 -44.79 -19.60 17.70
CA GLN C 222 -45.15 -20.33 16.50
C GLN C 222 -44.98 -19.43 15.25
N GLN C 223 -45.53 -18.22 15.30
CA GLN C 223 -45.35 -17.25 14.23
C GLN C 223 -43.85 -17.03 13.94
N ILE C 224 -43.02 -16.98 14.97
CA ILE C 224 -41.59 -16.79 14.78
C ILE C 224 -40.96 -17.97 14.04
N SER C 225 -41.34 -19.21 14.40
CA SER C 225 -40.83 -20.40 13.76
C SER C 225 -41.04 -20.33 12.24
N CYS C 226 -42.21 -19.83 11.87
CA CYS C 226 -42.60 -19.70 10.48
C CYS C 226 -41.73 -18.67 9.74
N LEU C 227 -41.61 -17.47 10.32
CA LEU C 227 -40.76 -16.43 9.79
C LEU C 227 -39.33 -16.94 9.61
N LEU C 228 -38.86 -17.72 10.57
CA LEU C 228 -37.48 -18.14 10.57
C LEU C 228 -37.31 -19.29 9.60
N ALA C 229 -38.34 -20.13 9.40
CA ALA C 229 -38.29 -21.17 8.38
C ALA C 229 -38.18 -20.51 7.00
N ASN C 230 -38.90 -19.42 6.80
CA ASN C 230 -38.76 -18.60 5.59
C ASN C 230 -37.35 -18.06 5.42
N ALA C 231 -36.76 -17.56 6.52
CA ALA C 231 -35.40 -17.05 6.43
C ALA C 231 -34.39 -18.16 6.10
N PHE C 232 -34.58 -19.34 6.73
CA PHE C 232 -33.74 -20.51 6.48
C PHE C 232 -33.70 -20.78 4.97
N LEU C 233 -34.86 -20.59 4.32
CA LEU C 233 -35.05 -20.85 2.90
C LEU C 233 -34.87 -19.57 2.08
N CYS C 234 -34.30 -18.54 2.70
CA CYS C 234 -33.93 -17.29 2.05
C CYS C 234 -35.06 -16.71 1.19
N THR C 235 -36.29 -16.62 1.73
CA THR C 235 -37.45 -16.17 0.95
C THR C 235 -37.74 -14.67 1.09
N PHE C 236 -37.07 -13.98 2.03
CA PHE C 236 -37.45 -12.60 2.30
C PHE C 236 -36.98 -11.70 1.15
N PRO C 237 -37.96 -11.04 0.47
CA PRO C 237 -37.66 -10.18 -0.67
C PRO C 237 -37.01 -8.86 -0.26
N ARG C 238 -36.06 -8.40 -1.08
CA ARG C 238 -35.41 -7.10 -1.00
C ARG C 238 -34.37 -7.00 0.12
N ARG C 239 -34.01 -8.16 0.66
CA ARG C 239 -33.20 -8.21 1.89
C ARG C 239 -31.86 -8.86 1.59
N ASN C 240 -31.51 -9.03 0.31
CA ASN C 240 -30.33 -9.75 -0.13
C ASN C 240 -29.25 -8.84 -0.72
N THR C 241 -29.62 -7.68 -1.28
CA THR C 241 -28.66 -6.88 -2.04
C THR C 241 -27.53 -6.42 -1.11
N LEU C 242 -26.28 -6.63 -1.57
CA LEU C 242 -25.07 -6.19 -0.90
C LEU C 242 -24.63 -4.77 -1.34
N LYS C 243 -25.37 -4.07 -2.25
CA LYS C 243 -25.01 -2.72 -2.71
C LYS C 243 -25.07 -1.76 -1.51
N ARG C 244 -24.14 -0.78 -1.46
CA ARG C 244 -23.82 -0.09 -0.20
C ARG C 244 -25.00 0.72 0.33
N LYS C 245 -25.71 1.46 -0.54
CA LYS C 245 -26.87 2.19 -0.01
C LYS C 245 -28.14 1.73 -0.72
N SER C 246 -28.64 0.60 -0.20
CA SER C 246 -29.91 -0.01 -0.53
C SER C 246 -30.99 0.41 0.47
N GLU C 247 -32.27 0.15 0.13
CA GLU C 247 -33.46 0.34 0.94
C GLU C 247 -33.27 -0.09 2.41
N TYR C 248 -32.69 -1.30 2.61
CA TYR C 248 -32.71 -1.96 3.91
C TYR C 248 -31.29 -1.96 4.45
N SER C 249 -30.42 -1.03 4.03
CA SER C 249 -29.01 -1.15 4.42
C SER C 249 -28.81 -0.72 5.88
N THR C 250 -29.82 -0.10 6.52
CA THR C 250 -29.81 0.13 7.97
C THR C 250 -30.46 -1.00 8.79
N PHE C 251 -30.82 -2.12 8.14
CA PHE C 251 -31.45 -3.26 8.80
C PHE C 251 -30.52 -4.46 8.69
N PRO C 252 -30.58 -5.39 9.65
CA PRO C 252 -29.69 -6.56 9.57
C PRO C 252 -30.13 -7.45 8.41
N ASP C 253 -29.23 -8.36 8.00
CA ASP C 253 -29.64 -9.48 7.17
C ASP C 253 -30.51 -10.44 8.00
N ILE C 254 -31.35 -11.18 7.25
CA ILE C 254 -32.41 -12.03 7.80
C ILE C 254 -32.41 -13.35 7.04
N ASN C 255 -32.30 -13.31 5.68
CA ASN C 255 -32.09 -14.56 4.96
C ASN C 255 -30.81 -15.23 5.46
N PHE C 256 -30.79 -16.56 5.51
CA PHE C 256 -29.70 -17.28 6.17
C PHE C 256 -28.50 -17.51 5.27
N ASN C 257 -28.55 -17.05 4.04
CA ASN C 257 -27.54 -17.38 3.04
C ASN C 257 -26.12 -17.07 3.56
N ARG C 258 -25.94 -15.93 4.26
CA ARG C 258 -24.62 -15.49 4.65
C ARG C 258 -23.99 -16.46 5.65
N LEU C 259 -24.85 -17.15 6.43
CA LEU C 259 -24.41 -18.22 7.31
C LEU C 259 -23.91 -19.41 6.48
N TYR C 260 -24.69 -19.79 5.46
CA TYR C 260 -24.37 -20.93 4.61
C TYR C 260 -23.05 -20.66 3.85
N GLN C 261 -22.73 -19.38 3.57
CA GLN C 261 -21.55 -18.97 2.82
C GLN C 261 -20.30 -19.04 3.72
N SER C 262 -20.46 -19.07 5.04
CA SER C 262 -19.31 -19.01 5.94
C SER C 262 -18.62 -20.38 6.07
N THR C 263 -17.43 -20.41 6.75
CA THR C 263 -16.63 -21.61 6.96
C THR C 263 -16.20 -21.76 8.42
N GLY C 264 -15.74 -23.00 8.74
CA GLY C 264 -15.04 -23.26 9.99
C GLY C 264 -15.98 -23.87 11.04
N PRO C 265 -15.47 -24.49 12.12
CA PRO C 265 -16.31 -25.33 12.98
C PRO C 265 -17.37 -24.59 13.80
N ALA C 266 -17.08 -23.36 14.25
CA ALA C 266 -18.09 -22.58 14.97
C ALA C 266 -19.35 -22.36 14.11
N VAL C 267 -19.16 -22.10 12.80
CA VAL C 267 -20.25 -21.97 11.86
C VAL C 267 -21.06 -23.28 11.76
N LEU C 268 -20.42 -24.46 11.59
CA LEU C 268 -21.18 -25.72 11.52
C LEU C 268 -21.97 -25.92 12.81
N GLU C 269 -21.39 -25.50 13.97
CA GLU C 269 -22.05 -25.66 15.26
C GLU C 269 -23.27 -24.74 15.36
N LYS C 270 -23.25 -23.56 14.75
CA LYS C 270 -24.44 -22.71 14.78
C LYS C 270 -25.51 -23.33 13.90
N LEU C 271 -25.10 -23.87 12.75
CA LEU C 271 -26.03 -24.64 11.92
C LEU C 271 -26.67 -25.78 12.68
N LYS C 272 -25.89 -26.51 13.46
CA LYS C 272 -26.48 -27.59 14.24
C LYS C 272 -27.51 -27.06 15.26
N CYS C 273 -27.23 -25.91 15.91
CA CYS C 273 -28.18 -25.28 16.83
C CYS C 273 -29.51 -24.92 16.15
N ILE C 274 -29.37 -24.48 14.90
CA ILE C 274 -30.52 -24.06 14.08
C ILE C 274 -31.35 -25.25 13.61
N MET C 275 -30.67 -26.29 13.12
CA MET C 275 -31.31 -27.55 12.77
C MET C 275 -32.15 -28.05 13.98
N HIS C 276 -31.51 -28.00 15.16
CA HIS C 276 -32.07 -28.54 16.38
C HIS C 276 -33.32 -27.75 16.78
N TYR C 277 -33.24 -26.41 16.64
CA TYR C 277 -34.38 -25.52 16.88
C TYR C 277 -35.55 -25.99 16.03
N PHE C 278 -35.33 -26.28 14.75
CA PHE C 278 -36.43 -26.67 13.90
C PHE C 278 -36.98 -28.04 14.29
N ARG C 279 -36.10 -28.95 14.71
CA ARG C 279 -36.51 -30.27 15.17
C ARG C 279 -37.45 -30.08 16.36
N ARG C 280 -37.13 -29.13 17.25
CA ARG C 280 -37.93 -28.91 18.44
C ARG C 280 -39.29 -28.25 18.13
N VAL C 281 -39.33 -27.27 17.22
CA VAL C 281 -40.50 -26.40 17.11
C VAL C 281 -41.35 -26.72 15.87
N CYS C 282 -40.82 -27.45 14.89
CA CYS C 282 -41.66 -27.83 13.74
C CYS C 282 -42.60 -28.98 14.12
N PRO C 283 -43.87 -28.95 13.66
CA PRO C 283 -44.75 -30.11 13.85
C PRO C 283 -44.11 -31.31 13.15
N THR C 284 -44.31 -32.52 13.70
CA THR C 284 -44.01 -33.78 13.01
C THR C 284 -45.19 -34.15 12.09
N GLU C 285 -44.98 -35.12 11.19
CA GLU C 285 -46.05 -35.70 10.39
C GLU C 285 -47.22 -36.05 11.31
N ARG C 286 -46.91 -36.63 12.49
CA ARG C 286 -47.88 -37.14 13.46
C ARG C 286 -48.71 -35.98 14.03
N ASP C 287 -48.06 -35.05 14.75
CA ASP C 287 -48.83 -34.11 15.52
C ASP C 287 -48.02 -32.85 15.77
N ALA C 288 -48.74 -31.85 16.26
CA ALA C 288 -48.20 -30.51 16.46
C ALA C 288 -48.14 -30.20 17.95
N SER C 289 -47.95 -31.24 18.79
CA SER C 289 -48.03 -31.03 20.22
C SER C 289 -46.71 -30.43 20.73
N ASN C 290 -45.61 -30.57 19.92
CA ASN C 290 -44.29 -30.07 20.30
C ASN C 290 -44.13 -28.56 19.99
N VAL C 291 -45.06 -28.01 19.21
CA VAL C 291 -45.05 -26.62 18.78
C VAL C 291 -45.14 -25.73 20.03
N PRO C 292 -44.20 -24.78 20.20
CA PRO C 292 -44.23 -23.87 21.36
C PRO C 292 -45.46 -22.94 21.40
N THR C 293 -45.86 -22.66 22.65
CA THR C 293 -47.21 -22.28 23.00
C THR C 293 -47.27 -20.77 23.27
N GLY C 294 -46.13 -20.11 23.47
CA GLY C 294 -46.18 -18.76 24.00
C GLY C 294 -45.79 -17.67 22.98
N VAL C 295 -45.13 -16.64 23.51
CA VAL C 295 -45.02 -15.31 22.92
C VAL C 295 -43.60 -14.78 23.18
N VAL C 296 -43.10 -13.98 22.22
CA VAL C 296 -41.94 -13.09 22.39
C VAL C 296 -42.31 -11.65 22.06
N THR C 297 -41.78 -10.75 22.86
CA THR C 297 -42.00 -9.31 22.70
C THR C 297 -40.66 -8.62 22.44
N PHE C 298 -40.68 -7.72 21.46
CA PHE C 298 -39.51 -6.94 21.06
C PHE C 298 -39.86 -5.48 21.31
N VAL C 299 -39.02 -4.78 22.07
CA VAL C 299 -39.29 -3.42 22.49
C VAL C 299 -38.10 -2.54 22.14
N ARG C 300 -38.34 -1.61 21.23
CA ARG C 300 -37.34 -0.62 20.92
C ARG C 300 -37.46 0.51 21.95
N ARG C 301 -36.37 0.67 22.73
CA ARG C 301 -36.21 1.77 23.67
CA ARG C 301 -36.29 1.79 23.67
C ARG C 301 -35.47 2.87 22.91
N SER C 302 -36.05 4.05 22.81
CA SER C 302 -35.39 5.17 22.17
C SER C 302 -35.45 6.37 23.12
N GLY C 303 -34.30 6.73 23.71
CA GLY C 303 -34.22 7.84 24.65
C GLY C 303 -34.35 9.21 23.98
N LEU C 304 -35.15 10.12 24.58
CA LEU C 304 -35.27 11.50 24.12
C LEU C 304 -34.18 12.35 24.81
N PRO C 305 -33.86 13.57 24.34
CA PRO C 305 -32.82 14.38 25.01
C PRO C 305 -33.10 14.66 26.49
N GLU C 306 -34.38 14.89 26.81
CA GLU C 306 -34.94 14.85 28.16
C GLU C 306 -34.41 13.73 29.05
N HIS C 307 -34.17 12.53 28.50
CA HIS C 307 -33.98 11.35 29.34
C HIS C 307 -32.52 11.21 29.76
N LEU C 308 -31.65 12.02 29.13
CA LEU C 308 -30.21 11.98 29.34
C LEU C 308 -29.93 12.40 30.76
N ILE C 309 -29.19 11.57 31.47
CA ILE C 309 -28.64 11.95 32.77
C ILE C 309 -27.41 12.84 32.54
N ASP C 310 -27.33 13.95 33.29
CA ASP C 310 -26.08 14.68 33.51
C ASP C 310 -25.40 14.03 34.70
N TRP C 311 -24.28 13.37 34.39
CA TRP C 311 -23.63 12.40 35.28
C TRP C 311 -22.96 13.10 36.48
N SER C 312 -22.58 14.39 36.32
CA SER C 312 -21.98 15.22 37.37
C SER C 312 -23.01 15.72 38.39
N GLN C 313 -24.30 15.37 38.26
CA GLN C 313 -25.36 15.70 39.22
C GLN C 313 -25.91 14.46 39.92
N SER C 314 -25.45 13.23 39.61
CA SER C 314 -26.00 12.06 40.26
C SER C 314 -25.41 11.92 41.65
N ALA C 315 -26.32 12.06 42.62
CA ALA C 315 -26.00 11.91 44.03
C ALA C 315 -26.20 10.45 44.46
N ALA C 316 -26.19 9.49 43.55
CA ALA C 316 -26.49 8.12 43.94
C ALA C 316 -25.25 7.47 44.55
N PRO C 317 -25.34 6.92 45.79
CA PRO C 317 -24.23 6.17 46.38
C PRO C 317 -23.99 4.88 45.59
N LEU C 318 -22.75 4.74 45.10
CA LEU C 318 -22.29 3.56 44.38
C LEU C 318 -22.32 2.28 45.23
N GLY C 319 -22.18 2.40 46.54
CA GLY C 319 -22.06 1.22 47.39
C GLY C 319 -23.41 0.66 47.78
N ASP C 320 -24.45 1.46 47.56
CA ASP C 320 -25.82 1.09 47.90
C ASP C 320 -26.39 0.18 46.81
N VAL C 321 -25.62 -0.02 45.71
CA VAL C 321 -25.95 -0.98 44.67
C VAL C 321 -25.66 -2.38 45.24
N PRO C 322 -26.68 -3.25 45.38
CA PRO C 322 -26.43 -4.66 45.68
C PRO C 322 -25.62 -5.28 44.53
N LEU C 323 -24.32 -5.49 44.75
CA LEU C 323 -23.42 -5.98 43.72
C LEU C 323 -23.03 -7.41 44.03
N HIS C 324 -23.17 -8.27 43.01
CA HIS C 324 -22.85 -9.69 43.06
C HIS C 324 -21.91 -10.02 41.90
N VAL C 325 -20.62 -10.22 42.17
CA VAL C 325 -19.62 -10.41 41.13
C VAL C 325 -19.16 -11.86 41.19
N ASP C 326 -19.36 -12.61 40.10
CA ASP C 326 -19.19 -14.06 40.08
C ASP C 326 -18.18 -14.43 38.99
N ALA C 327 -17.22 -15.31 39.37
CA ALA C 327 -16.14 -15.71 38.47
C ALA C 327 -16.50 -17.04 37.81
N GLU C 328 -17.54 -17.69 38.34
CA GLU C 328 -18.12 -18.82 37.66
C GLU C 328 -19.51 -18.41 37.16
N GLY C 329 -20.13 -19.34 36.43
CA GLY C 329 -21.44 -19.10 35.85
C GLY C 329 -21.46 -18.11 34.67
N THR C 330 -22.70 -18.01 34.15
CA THR C 330 -23.06 -17.25 32.96
C THR C 330 -24.30 -16.39 33.23
N ILE C 331 -24.44 -15.33 32.42
CA ILE C 331 -25.64 -14.51 32.35
C ILE C 331 -26.90 -15.36 32.12
N GLU C 332 -26.84 -16.29 31.14
CA GLU C 332 -28.02 -17.02 30.66
C GLU C 332 -28.51 -18.08 31.67
N ASP C 333 -27.59 -18.61 32.49
CA ASP C 333 -27.84 -19.69 33.42
C ASP C 333 -28.17 -19.09 34.81
N GLU C 334 -27.24 -18.31 35.36
CA GLU C 334 -27.34 -17.82 36.74
C GLU C 334 -28.15 -16.53 36.82
N GLY C 335 -28.31 -15.83 35.66
CA GLY C 335 -29.01 -14.54 35.64
C GLY C 335 -30.53 -14.64 35.49
N ILE C 336 -31.15 -15.78 35.82
CA ILE C 336 -32.59 -15.97 35.65
C ILE C 336 -33.37 -14.97 36.53
N GLY C 337 -34.45 -14.43 35.95
CA GLY C 337 -35.29 -13.39 36.55
C GLY C 337 -34.77 -11.96 36.34
N LEU C 338 -33.50 -11.84 35.91
CA LEU C 338 -32.87 -10.55 35.77
C LEU C 338 -32.91 -10.09 34.30
N LEU C 339 -32.64 -8.79 34.12
CA LEU C 339 -32.41 -8.21 32.81
C LEU C 339 -31.01 -8.61 32.37
N GLN C 340 -30.94 -9.60 31.48
CA GLN C 340 -29.69 -10.11 30.93
C GLN C 340 -29.27 -9.27 29.72
N VAL C 341 -27.98 -8.91 29.67
CA VAL C 341 -27.38 -8.11 28.62
C VAL C 341 -26.83 -9.01 27.51
N ASP C 342 -27.15 -8.54 26.29
CA ASP C 342 -26.58 -8.98 25.04
C ASP C 342 -25.58 -7.91 24.61
N PHE C 343 -24.33 -8.33 24.48
CA PHE C 343 -23.21 -7.48 24.06
C PHE C 343 -23.33 -7.35 22.57
N ALA C 344 -24.22 -6.43 22.18
CA ALA C 344 -24.81 -6.44 20.85
C ALA C 344 -23.93 -5.68 19.87
N ASN C 345 -24.20 -5.95 18.61
CA ASN C 345 -23.85 -5.14 17.47
C ASN C 345 -25.02 -4.17 17.22
N LYS C 346 -24.70 -3.00 16.64
CA LYS C 346 -25.72 -2.00 16.37
C LYS C 346 -26.73 -2.62 15.42
N TYR C 347 -26.25 -3.49 14.51
CA TYR C 347 -27.12 -4.41 13.76
C TYR C 347 -27.44 -5.66 14.59
N LEU C 348 -28.71 -5.83 14.96
CA LEU C 348 -29.12 -6.83 15.92
C LEU C 348 -28.60 -8.21 15.45
N GLY C 349 -27.96 -8.91 16.37
CA GLY C 349 -27.56 -10.29 16.10
C GLY C 349 -26.13 -10.40 15.62
N GLY C 350 -25.54 -9.27 15.21
CA GLY C 350 -24.13 -9.22 14.83
C GLY C 350 -23.84 -10.10 13.62
N GLY C 351 -22.81 -10.97 13.73
CA GLY C 351 -22.46 -11.85 12.62
C GLY C 351 -23.02 -13.27 12.79
N VAL C 352 -24.10 -13.44 13.56
CA VAL C 352 -24.70 -14.75 13.71
C VAL C 352 -24.99 -15.38 12.35
N LEU C 353 -25.44 -14.60 11.36
CA LEU C 353 -25.53 -15.10 9.99
C LEU C 353 -24.26 -14.65 9.26
N GLY C 354 -23.21 -15.43 9.46
CA GLY C 354 -21.86 -15.12 9.03
C GLY C 354 -20.93 -15.86 9.98
N HIS C 355 -19.72 -15.31 10.19
CA HIS C 355 -18.69 -16.01 10.96
C HIS C 355 -18.77 -15.72 12.47
N GLY C 356 -19.61 -14.78 12.90
CA GLY C 356 -19.56 -14.36 14.29
C GLY C 356 -19.97 -15.49 15.26
N CYS C 357 -19.22 -15.60 16.37
CA CYS C 357 -19.50 -16.63 17.35
C CYS C 357 -19.09 -16.28 18.78
N VAL C 358 -19.42 -15.04 19.21
CA VAL C 358 -19.17 -14.64 20.59
C VAL C 358 -20.53 -14.47 21.28
N GLN C 359 -20.60 -13.59 22.30
CA GLN C 359 -21.68 -13.71 23.28
C GLN C 359 -23.05 -13.55 22.62
N GLU C 360 -23.18 -12.55 21.74
CA GLU C 360 -24.42 -12.26 21.05
C GLU C 360 -24.80 -13.43 20.13
N GLU C 361 -23.90 -13.81 19.22
CA GLU C 361 -24.24 -14.86 18.25
C GLU C 361 -24.65 -16.16 18.95
N ILE C 362 -23.94 -16.49 20.04
CA ILE C 362 -24.18 -17.72 20.74
C ILE C 362 -25.59 -17.68 21.29
N ARG C 363 -25.95 -16.55 21.90
CA ARG C 363 -27.26 -16.45 22.53
C ARG C 363 -28.38 -16.50 21.50
N PHE C 364 -28.12 -15.97 20.28
CA PHE C 364 -29.10 -15.98 19.20
C PHE C 364 -29.22 -17.37 18.57
N VAL C 365 -28.33 -18.34 18.87
CA VAL C 365 -28.49 -19.68 18.26
C VAL C 365 -28.97 -20.70 19.30
N ILE C 366 -28.69 -20.47 20.60
CA ILE C 366 -29.31 -21.30 21.64
C ILE C 366 -30.74 -20.84 21.94
N CYS C 367 -31.07 -19.55 21.68
CA CYS C 367 -32.41 -18.98 21.74
C CYS C 367 -32.78 -18.36 20.39
N PRO C 368 -33.03 -19.19 19.35
CA PRO C 368 -33.10 -18.69 17.98
C PRO C 368 -34.26 -17.75 17.63
N GLU C 369 -35.29 -17.69 18.44
CA GLU C 369 -36.39 -16.78 18.30
C GLU C 369 -35.86 -15.35 18.29
N LEU C 370 -34.69 -15.10 18.94
CA LEU C 370 -34.14 -13.75 18.91
C LEU C 370 -33.86 -13.31 17.47
N LEU C 371 -33.53 -14.29 16.61
CA LEU C 371 -33.14 -14.02 15.24
C LEU C 371 -34.22 -13.20 14.56
N VAL C 372 -35.49 -13.37 14.93
CA VAL C 372 -36.53 -12.73 14.15
C VAL C 372 -36.45 -11.22 14.31
N GLY C 373 -35.85 -10.75 15.38
CA GLY C 373 -35.66 -9.32 15.56
C GLY C 373 -34.90 -8.71 14.37
N LYS C 374 -34.06 -9.53 13.72
CA LYS C 374 -33.30 -9.10 12.57
C LYS C 374 -34.22 -8.71 11.42
N LEU C 375 -35.40 -9.34 11.38
CA LEU C 375 -36.32 -9.10 10.29
C LEU C 375 -36.79 -7.65 10.26
N PHE C 376 -37.01 -7.04 11.42
CA PHE C 376 -37.83 -5.85 11.54
C PHE C 376 -37.18 -4.76 12.44
N THR C 377 -35.98 -4.98 12.97
CA THR C 377 -35.38 -4.02 13.88
C THR C 377 -34.25 -3.26 13.17
N GLU C 378 -34.49 -1.96 12.91
CA GLU C 378 -33.49 -1.05 12.38
C GLU C 378 -32.29 -0.99 13.32
N CYS C 379 -31.08 -0.73 12.79
CA CYS C 379 -29.90 -0.70 13.63
C CYS C 379 -30.07 0.41 14.67
N LEU C 380 -29.38 0.19 15.80
CA LEU C 380 -29.51 1.04 16.97
C LEU C 380 -28.67 2.30 16.83
N ARG C 381 -29.31 3.44 17.14
CA ARG C 381 -28.63 4.70 17.27
C ARG C 381 -28.05 4.75 18.69
N PRO C 382 -27.20 5.76 19.02
CA PRO C 382 -26.44 5.77 20.28
C PRO C 382 -27.28 5.79 21.56
N PHE C 383 -28.51 6.30 21.47
CA PHE C 383 -29.33 6.38 22.69
C PHE C 383 -30.53 5.46 22.55
N GLU C 384 -30.31 4.30 21.93
CA GLU C 384 -31.35 3.30 21.78
C GLU C 384 -30.91 1.92 22.24
N ALA C 385 -31.90 1.06 22.57
CA ALA C 385 -31.67 -0.33 22.96
C ALA C 385 -32.87 -1.17 22.51
N LEU C 386 -32.70 -2.50 22.50
CA LEU C 386 -33.82 -3.37 22.17
C LEU C 386 -33.92 -4.43 23.24
N VAL C 387 -35.09 -4.54 23.85
CA VAL C 387 -35.39 -5.54 24.86
C VAL C 387 -36.21 -6.64 24.23
N MET C 388 -35.78 -7.89 24.49
CA MET C 388 -36.38 -9.07 23.91
C MET C 388 -36.76 -9.99 25.06
N LEU C 389 -38.07 -10.17 25.24
CA LEU C 389 -38.58 -10.97 26.33
C LEU C 389 -39.39 -12.12 25.78
N GLY C 390 -39.01 -13.35 26.19
CA GLY C 390 -39.81 -14.52 25.84
C GLY C 390 -39.05 -15.61 25.08
N ALA C 391 -37.80 -15.33 24.63
CA ALA C 391 -37.08 -16.31 23.81
C ALA C 391 -36.69 -17.55 24.63
N GLU C 392 -37.23 -18.68 24.17
CA GLU C 392 -36.96 -20.03 24.68
C GLU C 392 -35.58 -20.46 24.25
N ARG C 393 -34.94 -21.12 25.20
CA ARG C 393 -33.67 -21.80 24.99
C ARG C 393 -33.93 -23.26 24.61
N TYR C 394 -33.28 -23.69 23.54
CA TYR C 394 -33.48 -24.99 22.93
C TYR C 394 -32.18 -25.80 22.93
N SER C 395 -31.02 -25.15 23.14
CA SER C 395 -29.71 -25.77 23.01
C SER C 395 -28.79 -25.41 24.18
N ASN C 396 -27.92 -26.39 24.48
CA ASN C 396 -26.76 -26.24 25.34
C ASN C 396 -25.53 -26.06 24.48
N TYR C 397 -24.47 -25.52 25.09
CA TYR C 397 -23.25 -25.29 24.33
C TYR C 397 -22.02 -25.35 25.25
N THR C 398 -20.86 -25.63 24.67
CA THR C 398 -19.56 -25.50 25.30
C THR C 398 -18.79 -24.52 24.44
N GLY C 399 -17.81 -23.87 25.09
CA GLY C 399 -16.83 -23.11 24.37
C GLY C 399 -17.32 -21.70 24.08
N TYR C 400 -16.59 -21.05 23.16
CA TYR C 400 -16.71 -19.65 22.81
C TYR C 400 -15.87 -19.46 21.56
N ALA C 401 -16.24 -18.51 20.67
CA ALA C 401 -15.50 -18.22 19.45
C ALA C 401 -15.26 -19.52 18.70
N GLY C 402 -13.99 -19.86 18.34
CA GLY C 402 -13.68 -21.06 17.53
C GLY C 402 -14.01 -22.43 18.16
N SER C 403 -14.09 -22.47 19.51
CA SER C 403 -14.30 -23.70 20.28
C SER C 403 -15.78 -23.94 20.55
N PHE C 404 -16.65 -22.97 20.15
CA PHE C 404 -18.09 -23.04 20.33
C PHE C 404 -18.60 -24.35 19.70
N GLU C 405 -19.43 -25.05 20.51
CA GLU C 405 -20.08 -26.29 20.12
C GLU C 405 -21.47 -26.42 20.72
N TRP C 406 -22.41 -26.91 19.89
CA TRP C 406 -23.66 -27.45 20.38
C TRP C 406 -23.31 -28.66 21.24
N SER C 407 -23.80 -28.69 22.47
CA SER C 407 -23.55 -29.84 23.34
C SER C 407 -24.85 -30.40 23.90
N GLY C 408 -25.99 -30.28 23.17
CA GLY C 408 -27.18 -31.02 23.53
C GLY C 408 -28.44 -30.20 23.63
N ASN C 409 -29.57 -30.92 23.77
CA ASN C 409 -30.90 -30.37 23.93
C ASN C 409 -30.94 -29.59 25.24
N PHE C 410 -31.73 -28.50 25.24
CA PHE C 410 -32.06 -27.81 26.48
C PHE C 410 -33.58 -27.72 26.58
N GLU C 411 -34.12 -28.25 27.69
CA GLU C 411 -35.54 -28.11 28.02
C GLU C 411 -35.68 -26.95 28.98
N ASP C 412 -36.23 -25.83 28.49
CA ASP C 412 -36.27 -24.56 29.20
C ASP C 412 -37.42 -24.65 30.21
N SER C 413 -37.09 -24.44 31.49
CA SER C 413 -38.07 -24.56 32.56
C SER C 413 -38.50 -23.19 33.07
N THR C 414 -38.00 -22.12 32.41
CA THR C 414 -38.37 -20.77 32.79
C THR C 414 -39.88 -20.63 32.75
N PRO C 415 -40.54 -20.18 33.82
CA PRO C 415 -42.00 -19.98 33.74
C PRO C 415 -42.35 -18.80 32.81
N ARG C 416 -43.57 -18.89 32.27
CA ARG C 416 -44.19 -17.85 31.44
C ARG C 416 -44.92 -16.82 32.30
N ASP C 417 -44.86 -15.54 31.88
CA ASP C 417 -45.59 -14.46 32.51
C ASP C 417 -47.09 -14.53 32.15
N SER C 418 -47.86 -13.53 32.61
CA SER C 418 -49.29 -13.43 32.30
C SER C 418 -49.54 -13.35 30.79
N SER C 419 -48.54 -12.93 30.01
CA SER C 419 -48.71 -12.68 28.58
C SER C 419 -48.29 -13.89 27.75
N GLY C 420 -47.80 -14.94 28.43
CA GLY C 420 -47.39 -16.15 27.75
C GLY C 420 -45.92 -16.13 27.32
N ARG C 421 -45.17 -15.14 27.84
CA ARG C 421 -43.76 -15.02 27.54
C ARG C 421 -42.95 -15.74 28.62
N ARG C 422 -42.07 -16.63 28.23
CA ARG C 422 -40.97 -16.97 29.11
C ARG C 422 -40.35 -15.75 29.78
N GLN C 423 -40.11 -15.80 31.10
CA GLN C 423 -39.53 -14.69 31.85
C GLN C 423 -38.01 -14.62 31.68
N THR C 424 -37.63 -14.50 30.40
CA THR C 424 -36.25 -14.33 29.98
C THR C 424 -36.18 -13.03 29.16
N ALA C 425 -35.63 -12.02 29.86
CA ALA C 425 -35.50 -10.67 29.36
C ALA C 425 -34.04 -10.44 29.03
N ILE C 426 -33.81 -10.10 27.75
CA ILE C 426 -32.50 -9.77 27.23
C ILE C 426 -32.54 -8.37 26.63
N VAL C 427 -31.58 -7.52 26.99
CA VAL C 427 -31.44 -6.26 26.34
C VAL C 427 -30.21 -6.24 25.43
N ALA C 428 -30.42 -5.85 24.17
CA ALA C 428 -29.31 -5.59 23.27
C ALA C 428 -28.83 -4.13 23.37
N ILE C 429 -27.61 -3.97 23.89
CA ILE C 429 -26.87 -2.72 23.91
C ILE C 429 -25.51 -2.92 23.25
N ASP C 430 -25.22 -2.07 22.25
CA ASP C 430 -23.99 -2.17 21.48
C ASP C 430 -22.91 -1.25 22.02
N ALA C 431 -21.85 -1.87 22.59
CA ALA C 431 -20.61 -1.16 22.91
C ALA C 431 -19.92 -0.63 21.67
N LEU C 432 -19.05 0.35 21.91
CA LEU C 432 -18.09 0.78 20.90
C LEU C 432 -16.96 -0.25 20.83
N HIS C 433 -16.46 -0.39 19.58
CA HIS C 433 -15.23 -1.11 19.33
C HIS C 433 -14.10 -0.08 19.23
N PHE C 434 -12.94 -0.40 19.82
CA PHE C 434 -11.74 0.42 19.76
C PHE C 434 -10.58 -0.34 19.13
N ALA C 435 -10.10 0.12 17.95
CA ALA C 435 -8.81 -0.33 17.42
C ALA C 435 -7.69 0.18 18.32
N GLN C 436 -7.91 1.31 18.99
CA GLN C 436 -6.98 1.89 19.96
C GLN C 436 -7.58 1.95 21.39
N SER C 437 -7.15 1.08 22.31
CA SER C 437 -7.69 1.00 23.67
C SER C 437 -7.82 2.35 24.38
N HIS C 438 -6.85 3.24 24.16
CA HIS C 438 -6.71 4.48 24.91
C HIS C 438 -7.88 5.44 24.61
N HIS C 439 -8.49 5.30 23.42
CA HIS C 439 -9.53 6.21 22.96
C HIS C 439 -10.78 6.18 23.85
N GLN C 440 -10.94 5.10 24.63
CA GLN C 440 -12.20 4.81 25.30
C GLN C 440 -12.37 5.62 26.58
N TYR C 441 -11.27 6.31 26.89
CA TYR C 441 -11.10 7.13 28.09
C TYR C 441 -11.45 8.59 27.81
N ARG C 442 -11.60 8.94 26.51
CA ARG C 442 -12.20 10.20 26.14
C ARG C 442 -13.50 10.37 26.95
N GLU C 443 -13.77 11.61 27.38
CA GLU C 443 -14.94 11.93 28.18
C GLU C 443 -16.23 11.61 27.38
N ASP C 444 -16.20 11.92 26.08
CA ASP C 444 -17.38 11.87 25.22
C ASP C 444 -17.77 10.40 25.02
N LEU C 445 -16.79 9.48 25.04
CA LEU C 445 -16.95 8.05 24.75
C LEU C 445 -17.13 7.22 26.02
N MET C 446 -16.98 7.86 27.17
CA MET C 446 -17.34 7.21 28.42
C MET C 446 -18.81 7.53 28.67
N GLU C 447 -19.19 8.75 28.26
CA GLU C 447 -20.56 9.22 28.39
C GLU C 447 -21.46 8.49 27.37
N ARG C 448 -20.95 8.31 26.14
CA ARG C 448 -21.61 7.49 25.11
C ARG C 448 -21.99 6.10 25.69
N GLU C 449 -21.06 5.46 26.38
CA GLU C 449 -21.31 4.14 26.95
C GLU C 449 -22.22 4.18 28.18
N LEU C 450 -22.11 5.23 28.98
CA LEU C 450 -22.97 5.36 30.16
C LEU C 450 -24.39 5.48 29.65
N ASN C 451 -24.55 6.24 28.55
CA ASN C 451 -25.88 6.54 28.06
C ASN C 451 -26.45 5.37 27.28
N LYS C 452 -25.61 4.60 26.58
CA LYS C 452 -26.05 3.37 25.93
C LYS C 452 -26.56 2.39 27.00
N ALA C 453 -25.77 2.14 28.06
CA ALA C 453 -26.20 1.22 29.10
C ALA C 453 -27.42 1.76 29.83
N TYR C 454 -27.51 3.09 29.94
CA TYR C 454 -28.60 3.71 30.67
C TYR C 454 -29.91 3.36 29.96
N ILE C 455 -29.99 3.63 28.63
CA ILE C 455 -31.20 3.35 27.87
C ILE C 455 -31.51 1.83 27.83
N GLY C 456 -30.47 0.98 27.92
CA GLY C 456 -30.68 -0.45 28.03
C GLY C 456 -31.30 -0.86 29.36
N PHE C 457 -30.81 -0.21 30.43
CA PHE C 457 -31.14 -0.59 31.79
C PHE C 457 -32.34 0.18 32.38
N VAL C 458 -32.93 1.18 31.70
CA VAL C 458 -34.13 1.84 32.23
C VAL C 458 -35.22 0.79 32.45
N HIS C 459 -36.12 1.14 33.37
CA HIS C 459 -37.20 0.27 33.78
C HIS C 459 -38.53 0.81 33.25
N TRP C 460 -38.80 2.09 33.65
CA TRP C 460 -39.99 2.80 33.24
C TRP C 460 -41.25 2.02 33.55
N MET C 461 -41.32 1.45 34.76
CA MET C 461 -42.52 0.79 35.24
C MET C 461 -42.73 1.18 36.71
N VAL C 462 -43.97 0.98 37.14
CA VAL C 462 -44.39 1.31 38.49
C VAL C 462 -43.88 0.29 39.51
N THR C 463 -43.79 -0.99 39.11
CA THR C 463 -43.27 -2.05 39.97
C THR C 463 -41.76 -1.88 40.06
N PRO C 464 -41.10 -2.41 41.10
CA PRO C 464 -39.65 -2.24 41.23
C PRO C 464 -38.89 -3.13 40.25
N PRO C 465 -37.72 -2.62 39.81
CA PRO C 465 -36.86 -3.32 38.85
C PRO C 465 -36.03 -4.47 39.41
N PRO C 466 -35.96 -5.59 38.67
CA PRO C 466 -35.03 -6.66 38.93
C PRO C 466 -33.63 -6.14 38.68
N GLY C 467 -32.66 -6.94 39.13
CA GLY C 467 -31.28 -6.67 38.83
C GLY C 467 -30.99 -6.88 37.35
N VAL C 468 -29.86 -6.34 36.91
CA VAL C 468 -29.23 -6.61 35.64
C VAL C 468 -28.21 -7.75 35.79
N ALA C 469 -28.15 -8.69 34.84
CA ALA C 469 -27.04 -9.64 34.74
C ALA C 469 -26.19 -9.23 33.53
N THR C 470 -24.91 -8.92 33.77
CA THR C 470 -24.02 -8.47 32.72
C THR C 470 -22.62 -9.05 32.96
N GLY C 471 -21.64 -8.46 32.26
CA GLY C 471 -20.26 -8.94 32.24
C GLY C 471 -19.37 -7.96 31.48
N ASN C 472 -18.32 -8.50 30.84
CA ASN C 472 -17.23 -7.68 30.26
C ASN C 472 -17.67 -7.09 28.92
N TRP C 473 -18.58 -6.12 28.96
CA TRP C 473 -19.32 -5.61 27.81
C TRP C 473 -18.40 -4.88 26.83
N GLY C 474 -18.27 -5.40 25.60
CA GLY C 474 -17.48 -4.80 24.55
C GLY C 474 -15.97 -4.87 24.78
N CYS C 475 -15.53 -5.86 25.57
CA CYS C 475 -14.16 -6.01 26.05
C CYS C 475 -13.49 -7.17 25.29
N GLY C 476 -12.37 -7.70 25.81
CA GLY C 476 -11.57 -8.66 25.06
C GLY C 476 -11.15 -8.09 23.71
N ALA C 477 -11.39 -8.84 22.61
CA ALA C 477 -10.96 -8.51 21.26
C ALA C 477 -11.62 -7.23 20.69
N PHE C 478 -12.68 -6.68 21.32
CA PHE C 478 -13.33 -5.48 20.78
C PHE C 478 -12.70 -4.23 21.39
N GLY C 479 -11.76 -4.41 22.34
CA GLY C 479 -10.87 -3.33 22.78
C GLY C 479 -11.29 -2.61 24.07
N GLY C 480 -12.48 -2.93 24.59
CA GLY C 480 -12.95 -2.37 25.84
C GLY C 480 -12.10 -2.80 27.03
N ASP C 481 -11.93 -1.90 27.98
CA ASP C 481 -11.30 -2.17 29.26
C ASP C 481 -12.36 -2.66 30.26
N SER C 482 -12.25 -3.95 30.65
CA SER C 482 -13.12 -4.60 31.64
C SER C 482 -13.33 -3.75 32.89
N TYR C 483 -12.24 -3.07 33.32
CA TYR C 483 -12.16 -2.31 34.57
C TYR C 483 -13.05 -1.06 34.49
N LEU C 484 -12.97 -0.36 33.35
CA LEU C 484 -13.80 0.80 33.09
C LEU C 484 -15.27 0.43 32.94
N LYS C 485 -15.53 -0.63 32.13
CA LYS C 485 -16.87 -1.00 31.68
C LYS C 485 -17.68 -1.53 32.88
N ALA C 486 -17.01 -2.17 33.84
CA ALA C 486 -17.64 -2.53 35.11
C ALA C 486 -18.14 -1.32 35.89
N LEU C 487 -17.40 -0.21 35.83
CA LEU C 487 -17.73 0.94 36.68
C LEU C 487 -18.88 1.72 36.05
N LEU C 488 -18.80 1.86 34.72
CA LEU C 488 -19.83 2.54 33.98
C LEU C 488 -21.17 1.84 34.25
N GLN C 489 -21.13 0.50 34.33
CA GLN C 489 -22.33 -0.29 34.48
C GLN C 489 -22.88 -0.12 35.90
N LEU C 490 -21.96 -0.08 36.89
CA LEU C 490 -22.29 0.24 38.28
C LEU C 490 -22.92 1.65 38.44
N MET C 491 -22.31 2.65 37.80
CA MET C 491 -22.83 4.02 37.87
C MET C 491 -24.27 4.08 37.38
N VAL C 492 -24.52 3.36 36.27
CA VAL C 492 -25.84 3.35 35.65
C VAL C 492 -26.84 2.65 36.57
N CYS C 493 -26.42 1.53 37.16
CA CYS C 493 -27.31 0.76 38.02
C CYS C 493 -27.59 1.50 39.32
N ALA C 494 -26.58 2.25 39.79
CA ALA C 494 -26.70 3.03 41.02
C ALA C 494 -27.84 4.02 40.84
N GLN C 495 -27.70 4.76 39.72
CA GLN C 495 -28.57 5.85 39.31
C GLN C 495 -30.00 5.33 39.10
N LEU C 496 -30.18 4.09 38.63
CA LEU C 496 -31.49 3.57 38.31
C LEU C 496 -32.04 2.73 39.46
N GLY C 497 -31.21 2.39 40.46
CA GLY C 497 -31.64 1.65 41.63
C GLY C 497 -31.85 0.16 41.34
N ARG C 498 -30.89 -0.38 40.56
CA ARG C 498 -30.96 -1.75 40.05
C ARG C 498 -29.78 -2.48 40.65
N PRO C 499 -30.04 -3.65 41.27
CA PRO C 499 -28.96 -4.59 41.58
C PRO C 499 -28.18 -4.95 40.30
N LEU C 500 -26.96 -5.43 40.48
CA LEU C 500 -26.05 -5.71 39.39
C LEU C 500 -25.38 -7.05 39.71
N ALA C 501 -25.68 -8.10 38.95
CA ALA C 501 -24.94 -9.35 38.94
C ALA C 501 -23.94 -9.30 37.79
N TYR C 502 -22.64 -9.35 38.09
CA TYR C 502 -21.61 -9.18 37.08
C TYR C 502 -20.85 -10.50 36.96
N TYR C 503 -20.69 -11.03 35.73
CA TYR C 503 -20.03 -12.30 35.46
C TYR C 503 -18.70 -12.05 34.75
N THR C 504 -17.62 -12.54 35.39
CA THR C 504 -16.26 -12.31 34.94
C THR C 504 -15.75 -13.50 34.12
N PHE C 505 -16.57 -14.58 34.03
CA PHE C 505 -16.32 -15.73 33.14
C PHE C 505 -14.89 -16.22 33.35
N GLY C 506 -14.60 -16.71 34.57
CA GLY C 506 -13.36 -17.40 34.86
C GLY C 506 -12.23 -16.52 35.39
N ASN C 507 -12.48 -15.21 35.61
CA ASN C 507 -11.43 -14.28 35.99
C ASN C 507 -11.61 -13.84 37.46
N VAL C 508 -11.03 -14.66 38.37
CA VAL C 508 -10.98 -14.45 39.81
C VAL C 508 -10.28 -13.13 40.18
N GLU C 509 -9.18 -12.82 39.48
CA GLU C 509 -8.39 -11.62 39.73
C GLU C 509 -9.28 -10.38 39.61
N PHE C 510 -10.00 -10.27 38.47
CA PHE C 510 -10.84 -9.12 38.19
C PHE C 510 -12.09 -9.10 39.08
N ARG C 511 -12.66 -10.29 39.39
CA ARG C 511 -13.74 -10.39 40.35
C ARG C 511 -13.37 -9.60 41.61
N ASP C 512 -12.13 -9.82 42.12
CA ASP C 512 -11.69 -9.25 43.38
C ASP C 512 -11.43 -7.74 43.27
N ASP C 513 -10.73 -7.28 42.20
CA ASP C 513 -10.44 -5.85 42.04
C ASP C 513 -11.71 -5.00 41.97
N PHE C 514 -12.76 -5.55 41.32
CA PHE C 514 -14.06 -4.91 41.20
C PHE C 514 -14.82 -4.95 42.54
N HIS C 515 -14.87 -6.11 43.22
CA HIS C 515 -15.48 -6.23 44.55
C HIS C 515 -14.81 -5.24 45.51
N GLU C 516 -13.47 -5.18 45.45
CA GLU C 516 -12.70 -4.40 46.40
C GLU C 516 -13.02 -2.92 46.23
N MET C 517 -13.17 -2.50 44.97
CA MET C 517 -13.51 -1.13 44.66
C MET C 517 -14.92 -0.79 45.15
N TRP C 518 -15.83 -1.77 45.17
CA TRP C 518 -17.19 -1.54 45.64
C TRP C 518 -17.21 -1.34 47.17
N LEU C 519 -16.32 -2.07 47.88
CA LEU C 519 -16.18 -1.93 49.33
C LEU C 519 -15.61 -0.55 49.70
N LEU C 520 -14.59 -0.13 48.94
CA LEU C 520 -14.00 1.19 49.05
C LEU C 520 -15.03 2.31 48.85
N PHE C 521 -15.96 2.15 47.89
CA PHE C 521 -17.00 3.14 47.64
C PHE C 521 -18.09 3.09 48.72
N ARG C 522 -18.28 1.90 49.30
CA ARG C 522 -19.38 1.65 50.22
C ARG C 522 -19.12 2.39 51.54
N ASN C 523 -17.90 2.28 52.09
CA ASN C 523 -17.65 2.87 53.39
C ASN C 523 -16.98 4.25 53.24
N ASP C 524 -16.54 4.67 52.03
CA ASP C 524 -16.30 6.10 51.76
C ASP C 524 -17.58 6.80 51.29
N GLY C 525 -18.75 6.11 51.28
CA GLY C 525 -20.00 6.63 50.73
C GLY C 525 -19.82 7.42 49.42
N THR C 526 -18.94 6.93 48.52
CA THR C 526 -18.72 7.53 47.21
C THR C 526 -19.99 7.53 46.36
N THR C 527 -20.05 8.57 45.50
CA THR C 527 -21.25 8.92 44.76
C THR C 527 -20.95 8.81 43.25
N VAL C 528 -22.00 8.83 42.42
CA VAL C 528 -21.84 8.68 40.97
C VAL C 528 -21.03 9.87 40.41
N GLN C 529 -21.49 11.09 40.76
CA GLN C 529 -20.94 12.34 40.22
C GLN C 529 -19.47 12.51 40.61
N GLN C 530 -19.09 11.84 41.73
CA GLN C 530 -17.77 11.90 42.34
C GLN C 530 -16.85 10.92 41.63
N LEU C 531 -17.38 9.75 41.26
CA LEU C 531 -16.60 8.83 40.44
C LEU C 531 -16.49 9.38 39.01
N TRP C 532 -17.53 10.09 38.55
CA TRP C 532 -17.49 10.71 37.25
C TRP C 532 -16.35 11.73 37.17
N SER C 533 -16.26 12.56 38.23
CA SER C 533 -15.23 13.59 38.38
C SER C 533 -13.83 12.96 38.28
N ILE C 534 -13.61 11.88 39.05
CA ILE C 534 -12.34 11.15 39.07
C ILE C 534 -12.03 10.55 37.70
N LEU C 535 -13.10 10.08 37.01
CA LEU C 535 -12.98 9.44 35.72
C LEU C 535 -12.61 10.46 34.64
N ARG C 536 -13.24 11.64 34.69
CA ARG C 536 -12.87 12.77 33.85
C ARG C 536 -11.40 13.19 34.02
N SER C 537 -10.86 13.07 35.25
CA SER C 537 -9.45 13.36 35.53
C SER C 537 -8.55 12.42 34.75
N TYR C 538 -8.93 11.13 34.76
CA TYR C 538 -8.21 10.07 34.07
C TYR C 538 -8.24 10.28 32.55
N SER C 539 -9.34 10.87 32.02
CA SER C 539 -9.41 11.30 30.63
C SER C 539 -8.24 12.24 30.31
N ARG C 540 -8.01 13.27 31.15
CA ARG C 540 -6.93 14.24 30.95
C ARG C 540 -5.54 13.65 31.24
N LEU C 541 -5.39 12.69 32.16
CA LEU C 541 -4.11 11.99 32.37
C LEU C 541 -3.68 11.14 31.18
N ILE C 542 -4.62 10.44 30.52
CA ILE C 542 -4.30 9.51 29.44
C ILE C 542 -3.94 10.29 28.16
N LYS C 543 -4.52 11.48 28.06
CA LYS C 543 -4.31 12.41 26.96
C LYS C 543 -2.99 13.16 27.14
N GLU C 544 -2.29 13.05 28.30
CA GLU C 544 -0.89 13.47 28.49
C GLU C 544 0.08 12.38 28.05
N LYS C 545 -0.07 11.21 28.70
CA LYS C 545 0.62 9.97 28.39
C LYS C 545 -0.02 9.33 27.14
N ASN C 553 -5.58 -0.47 32.39
CA ASN C 553 -6.49 -1.52 32.95
C ASN C 553 -6.36 -1.60 34.48
N LYS C 554 -5.25 -2.21 34.94
CA LYS C 554 -4.85 -2.25 36.35
C LYS C 554 -4.65 -0.82 36.89
N ALA C 555 -4.22 0.10 35.99
CA ALA C 555 -3.92 1.50 36.26
C ALA C 555 -5.17 2.39 36.44
N SER C 556 -6.35 2.13 35.81
CA SER C 556 -7.59 2.91 36.01
C SER C 556 -8.00 2.79 37.47
N LYS C 557 -7.78 1.58 38.03
CA LYS C 557 -8.26 1.25 39.37
C LYS C 557 -7.25 1.76 40.41
N LYS C 558 -5.96 1.88 40.04
CA LYS C 558 -4.92 2.47 40.91
C LYS C 558 -5.15 3.99 41.14
N LYS C 559 -5.58 4.75 40.10
CA LYS C 559 -5.77 6.21 40.20
C LYS C 559 -7.02 6.60 41.01
N LEU C 560 -8.08 5.70 41.11
CA LEU C 560 -9.27 6.01 41.89
C LEU C 560 -8.91 5.87 43.36
N TYR C 561 -8.23 4.72 43.70
CA TYR C 561 -7.53 4.58 44.97
C TYR C 561 -6.97 5.95 45.41
N ASP C 562 -6.13 6.52 44.50
CA ASP C 562 -5.35 7.73 44.68
C ASP C 562 -6.27 8.93 44.88
N PHE C 563 -7.17 9.19 43.85
CA PHE C 563 -8.03 10.39 43.87
C PHE C 563 -9.12 10.23 44.97
N ILE C 564 -9.20 8.99 45.65
CA ILE C 564 -10.21 8.64 46.70
C ILE C 564 -9.70 8.74 48.16
N LYS C 565 -8.39 8.47 48.43
CA LYS C 565 -7.75 8.69 49.73
C LYS C 565 -7.27 10.15 49.88
N GLU C 566 -7.18 10.90 48.74
CA GLU C 566 -7.01 12.36 48.74
C GLU C 566 -8.28 13.02 49.26
N GLU C 567 -9.44 12.33 49.18
CA GLU C 567 -10.69 12.83 49.74
C GLU C 567 -10.75 12.51 51.23
N LEU C 568 -10.22 11.33 51.59
CA LEU C 568 -10.16 10.85 52.98
C LEU C 568 -9.42 11.87 53.87
N LYS C 569 -8.90 12.97 53.28
CA LYS C 569 -8.55 14.21 53.97
C LYS C 569 -9.10 15.40 53.15
C1 GOL D . -3.06 -14.90 16.36
O1 GOL D . -3.72 -14.07 15.40
C2 GOL D . -1.58 -15.21 16.07
O2 GOL D . -0.79 -14.10 15.61
C3 GOL D . -1.33 -16.30 15.05
O3 GOL D . -0.17 -17.06 15.42
C1 GOL E . 19.32 -40.32 2.21
O1 GOL E . 20.71 -40.08 2.22
C2 GOL E . 18.60 -39.29 1.36
O2 GOL E . 18.89 -39.52 -0.01
C3 GOL E . 17.10 -39.26 1.54
O3 GOL E . 16.61 -37.96 1.21
C1 GOL F . 11.34 -9.21 -0.23
O1 GOL F . 10.45 -9.92 0.68
C2 GOL F . 11.63 -9.88 -1.60
O2 GOL F . 12.85 -9.40 -2.18
C3 GOL F . 10.61 -9.74 -2.72
O3 GOL F . 10.15 -11.01 -3.22
S SO4 G . -0.06 -6.29 6.37
O1 SO4 G . 1.14 -6.94 5.80
O2 SO4 G . -0.27 -6.81 7.72
O3 SO4 G . 0.31 -4.88 6.40
O4 SO4 G . -1.36 -6.50 5.62
S SO4 H . 6.84 -9.61 2.61
O1 SO4 H . 8.34 -9.82 2.38
O2 SO4 H . 6.11 -10.96 2.29
O3 SO4 H . 6.50 -8.38 1.72
O4 SO4 H . 6.46 -9.20 4.05
CL CL I . -17.41 -3.28 4.99
CL CL J . -3.84 -7.78 6.96
C1 GOL K . 24.04 3.66 -20.05
O1 GOL K . 23.14 4.29 -20.97
C2 GOL K . 25.46 3.99 -20.46
O2 GOL K . 25.46 5.36 -20.86
C3 GOL K . 26.54 3.75 -19.41
O3 GOL K . 26.14 2.80 -18.43
C1 GOL L . 18.35 37.82 -32.90
O1 GOL L . 19.51 38.44 -33.48
C2 GOL L . 17.91 36.51 -33.58
O2 GOL L . 19.06 35.87 -34.14
C3 GOL L . 17.16 35.55 -32.68
O3 GOL L . 17.92 34.38 -32.34
S SO4 M . 27.02 7.27 -8.05
O1 SO4 M . 27.84 6.35 -7.33
O2 SO4 M . 25.62 6.88 -7.84
O3 SO4 M . 27.35 7.18 -9.47
O4 SO4 M . 27.43 8.61 -7.59
CL CL N . 17.10 -3.06 0.51
C1 GOL O . -42.89 0.90 -2.01
O1 GOL O . -44.21 0.68 -1.50
C2 GOL O . -42.78 0.51 -3.47
O2 GOL O . -41.40 0.27 -3.81
C3 GOL O . -43.63 -0.70 -3.83
O3 GOL O . -43.21 -1.34 -5.03
C1 GOL P . -25.60 -6.82 7.28
O1 GOL P . -26.33 -5.63 6.90
C2 GOL P . -25.29 -6.88 8.79
O2 GOL P . -26.02 -7.85 9.58
C3 GOL P . -23.80 -6.99 9.10
O3 GOL P . -23.40 -5.75 9.67
S SO4 Q . -33.09 -8.70 -3.59
O1 SO4 Q . -32.02 -8.60 -4.55
O2 SO4 Q . -33.28 -10.14 -3.43
O3 SO4 Q . -34.43 -8.19 -3.99
O4 SO4 Q . -32.56 -7.90 -2.44
S SO4 R . -29.79 -5.78 4.07
O1 SO4 R . -28.52 -6.54 4.21
O2 SO4 R . -30.92 -6.40 4.88
O3 SO4 R . -29.48 -4.50 4.66
O4 SO4 R . -30.14 -5.55 2.60
#